data_1Q4G
#
_entry.id   1Q4G
#
_cell.length_a   98.147
_cell.length_b   203.859
_cell.length_c   223.599
_cell.angle_alpha   90.00
_cell.angle_beta   90.00
_cell.angle_gamma   90.00
#
_symmetry.space_group_name_H-M   'I 2 2 2'
#
loop_
_entity.id
_entity.type
_entity.pdbx_description
1 polymer 'Prostaglandin G/H synthase 1'
2 branched 2-acetamido-2-deoxy-alpha-D-glucopyranose-(1-4)-2-acetamido-2-deoxy-beta-D-glucopyranose
3 branched beta-D-mannopyranose-(1-6)-beta-D-mannopyranose-(1-4)-2-acetamido-2-deoxy-beta-D-glucopyranose-(1-4)-2-acetamido-2-deoxy-beta-D-glucopyranose
4 branched alpha-D-mannopyranose-(1-6)-alpha-D-mannopyranose-(1-6)-beta-D-mannopyranose-(1-4)-2-acetamido-2-deoxy-alpha-D-glucopyranose-(1-4)-2-acetamido-2-deoxy-beta-D-glucopyranose
5 branched beta-D-mannopyranose-(1-6)-beta-D-mannopyranose-(1-6)-beta-D-mannopyranose-(1-4)-2-acetamido-2-deoxy-alpha-D-glucopyranose-(1-4)-2-acetamido-2-deoxy-beta-D-glucopyranose
6 non-polymer 'octyl beta-D-glucopyranoside'
7 non-polymer "2-(1,1'-BIPHENYL-4-YL)PROPANOIC ACID"
8 non-polymer 'PROTOPORPHYRIN IX CONTAINING FE'
9 non-polymer GLYCEROL
10 water water
#
_entity_poly.entity_id   1
_entity_poly.type   'polypeptide(L)'
_entity_poly.pdbx_seq_one_letter_code
;PVNPCCYYPCQHQGICVRFGLDRYQCDCTRTGYSGPNCTIPEIWTWLRTTLRPSPSFIHFLLTHGRWLWDFVNATFIRDT
LMRLVLTVRSNLIPSPPTYNIAHDYISWESFSNVSYYTRILPSVPRDCPTPMGTKGKKQLPDAEFLSRRFLLRRKFIPDP
QGTNLMFAFFAQHFTHQFFKTSGKMGPGFTKALGHGVDLGHIYGDNLERQYQLRLFKDGKLKYQMLNGEVYPPSVEEAPV
LMHYPRGIPPQSQMAVGQEVFGLLPGLMLYATIWLREHNRVCDLLKAEHPTWGDEQLFQTARLILIGETIKIVIEEYVQQ
LSGYFLQLKFDPELLFGAQFQYRNRIAMEFNQLYHWHPLMPDSFRVGPQDYSYEQFLFNTSMLVDYGVEALVDAFSRQPA
GRIGGGRNIDHHILHVAVDVIKESRVLRLQPFNEYRKRFGMKPYTSFQELTGEKEMAAELEELYGDIDALEFYPGLLLEK
CHPNSIFGESMIEMGAPFSLKGLLGNPICSPEYWKASTFGGEVGFNLVKTATLKKLVCLNTKTCPYVSFHVPD
;
_entity_poly.pdbx_strand_id   A,B
#
loop_
_chem_comp.id
_chem_comp.type
_chem_comp.name
_chem_comp.formula
BFL non-polymer '2-(1,1'-BIPHENYL-4-YL)PROPANOIC ACID' 'C15 H14 O2'
BMA D-saccharide, beta linking beta-D-mannopyranose 'C6 H12 O6'
BOG D-saccharide 'octyl beta-D-glucopyranoside' 'C14 H28 O6'
GOL non-polymer GLYCEROL 'C3 H8 O3'
HEM non-polymer 'PROTOPORPHYRIN IX CONTAINING FE' 'C34 H32 Fe N4 O4'
MAN D-saccharide, alpha linking alpha-D-mannopyranose 'C6 H12 O6'
NAG D-saccharide, beta linking 2-acetamido-2-deoxy-beta-D-glucopyranose 'C8 H15 N O6'
NDG D-saccharide, alpha linking 2-acetamido-2-deoxy-alpha-D-glucopyranose 'C8 H15 N O6'
#
# COMPACT_ATOMS: atom_id res chain seq x y z
N PRO A 1 3.87 -36.14 18.37
CA PRO A 1 4.39 -36.05 16.97
C PRO A 1 5.14 -34.74 16.79
N VAL A 2 6.40 -34.81 16.38
CA VAL A 2 7.19 -33.61 16.18
C VAL A 2 6.66 -32.82 14.98
N ASN A 3 6.63 -31.51 15.11
CA ASN A 3 6.16 -30.64 14.03
C ASN A 3 7.12 -30.77 12.85
N PRO A 4 6.66 -31.36 11.74
CA PRO A 4 7.49 -31.55 10.56
C PRO A 4 8.14 -30.29 9.98
N CYS A 5 7.51 -29.13 10.16
CA CYS A 5 8.12 -27.91 9.64
C CYS A 5 9.24 -27.40 10.54
N CYS A 6 9.49 -28.09 11.65
CA CYS A 6 10.58 -27.72 12.57
C CYS A 6 11.92 -28.07 11.91
N TYR A 7 11.86 -28.95 10.90
CA TYR A 7 13.05 -29.37 10.16
C TYR A 7 13.32 -28.48 8.96
N TYR A 8 12.50 -27.43 8.78
CA TYR A 8 12.65 -26.52 7.65
C TYR A 8 12.87 -27.34 6.38
N PRO A 9 11.95 -28.26 6.07
CA PRO A 9 12.10 -29.10 4.88
C PRO A 9 12.03 -28.43 3.51
N CYS A 10 11.17 -27.42 3.37
CA CYS A 10 11.03 -26.78 2.07
C CYS A 10 12.15 -25.81 1.72
N GLN A 11 12.72 -26.01 0.53
CA GLN A 11 13.82 -25.19 0.04
C GLN A 11 13.35 -24.21 -1.00
N HIS A 12 14.27 -23.34 -1.39
CA HIS A 12 14.08 -22.33 -2.42
C HIS A 12 12.76 -21.57 -2.38
N GLN A 13 12.38 -21.13 -1.19
CA GLN A 13 11.16 -20.36 -0.97
C GLN A 13 9.87 -21.15 -1.06
N GLY A 14 9.97 -22.48 -1.07
CA GLY A 14 8.77 -23.30 -1.09
C GLY A 14 8.09 -23.05 0.25
N ILE A 15 6.77 -23.19 0.31
CA ILE A 15 6.03 -22.93 1.55
C ILE A 15 5.55 -24.21 2.25
N CYS A 16 6.04 -24.42 3.47
CA CYS A 16 5.70 -25.60 4.31
C CYS A 16 4.32 -25.45 4.92
N VAL A 17 3.43 -26.38 4.61
CA VAL A 17 2.09 -26.37 5.17
C VAL A 17 1.79 -27.71 5.84
N ARG A 18 1.27 -27.64 7.06
CA ARG A 18 0.94 -28.82 7.84
C ARG A 18 -0.39 -29.42 7.38
N PHE A 19 -0.40 -30.72 7.08
CA PHE A 19 -1.61 -31.43 6.66
C PHE A 19 -1.82 -32.64 7.56
N GLY A 20 -3.06 -32.89 7.95
CA GLY A 20 -3.33 -34.02 8.82
C GLY A 20 -2.65 -33.82 10.16
N LEU A 21 -2.53 -34.88 10.94
CA LEU A 21 -1.91 -34.80 12.26
C LEU A 21 -0.38 -34.75 12.24
N ASP A 22 0.25 -35.31 11.22
CA ASP A 22 1.71 -35.32 11.20
C ASP A 22 2.40 -35.16 9.86
N ARG A 23 1.63 -34.91 8.80
CA ARG A 23 2.20 -34.76 7.47
C ARG A 23 2.42 -33.28 7.11
N TYR A 24 3.13 -33.05 6.01
CA TYR A 24 3.39 -31.70 5.52
C TYR A 24 3.49 -31.73 4.00
N GLN A 25 3.31 -30.56 3.38
CA GLN A 25 3.41 -30.44 1.94
C GLN A 25 4.05 -29.10 1.60
N CYS A 26 4.90 -29.08 0.58
CA CYS A 26 5.55 -27.85 0.20
C CYS A 26 4.91 -27.30 -1.08
N ASP A 27 4.52 -26.03 -1.02
CA ASP A 27 3.92 -25.37 -2.18
C ASP A 27 5.11 -24.78 -2.94
N CYS A 28 5.43 -25.36 -4.09
CA CYS A 28 6.55 -24.92 -4.91
C CYS A 28 6.19 -23.92 -5.99
N THR A 29 4.96 -23.42 -5.96
CA THR A 29 4.51 -22.48 -6.98
C THR A 29 5.52 -21.39 -7.30
N ARG A 30 5.85 -21.26 -8.59
CA ARG A 30 6.78 -20.26 -9.09
C ARG A 30 8.14 -20.16 -8.40
N THR A 31 8.60 -21.23 -7.78
CA THR A 31 9.92 -21.19 -7.14
C THR A 31 10.99 -21.54 -8.16
N GLY A 32 10.57 -22.24 -9.22
CA GLY A 32 11.50 -22.67 -10.25
C GLY A 32 11.96 -24.09 -9.97
N TYR A 33 11.38 -24.70 -8.94
CA TYR A 33 11.71 -26.06 -8.53
C TYR A 33 10.45 -26.89 -8.26
N SER A 34 10.60 -28.20 -8.20
CA SER A 34 9.47 -29.07 -7.91
C SER A 34 9.95 -30.16 -6.96
N GLY A 35 9.06 -31.09 -6.62
CA GLY A 35 9.42 -32.16 -5.71
C GLY A 35 8.92 -31.94 -4.30
N PRO A 36 8.93 -33.00 -3.45
CA PRO A 36 8.48 -32.97 -2.05
C PRO A 36 9.04 -31.79 -1.26
N ASN A 37 10.31 -31.47 -1.48
CA ASN A 37 10.94 -30.36 -0.75
C ASN A 37 11.35 -29.17 -1.63
N CYS A 38 10.82 -29.10 -2.85
N CYS A 38 10.77 -29.13 -2.86
CA CYS A 38 11.14 -28.00 -3.76
CA CYS A 38 11.07 -28.10 -3.86
C CYS A 38 12.61 -27.95 -4.09
C CYS A 38 12.57 -27.99 -4.12
N THR A 39 13.18 -29.08 -4.48
CA THR A 39 14.60 -29.15 -4.79
C THR A 39 14.95 -29.59 -6.22
N ILE A 40 13.96 -30.01 -6.99
CA ILE A 40 14.21 -30.44 -8.38
C ILE A 40 14.07 -29.22 -9.28
N PRO A 41 15.18 -28.76 -9.87
CA PRO A 41 15.14 -27.58 -10.73
C PRO A 41 14.56 -27.79 -12.12
N GLU A 42 14.01 -26.72 -12.68
CA GLU A 42 13.49 -26.74 -14.04
C GLU A 42 14.75 -26.45 -14.84
N ILE A 43 14.74 -26.77 -16.13
CA ILE A 43 15.93 -26.55 -16.97
C ILE A 43 16.53 -25.16 -16.89
N TRP A 44 15.69 -24.12 -17.00
CA TRP A 44 16.20 -22.75 -16.95
C TRP A 44 16.72 -22.40 -15.56
N THR A 45 16.07 -22.94 -14.53
CA THR A 45 16.50 -22.69 -13.16
C THR A 45 17.91 -23.24 -12.98
N TRP A 46 18.12 -24.45 -13.47
CA TRP A 46 19.42 -25.11 -13.39
C TRP A 46 20.45 -24.32 -14.17
N LEU A 47 20.09 -23.93 -15.39
CA LEU A 47 20.98 -23.16 -16.24
C LEU A 47 21.47 -21.92 -15.50
N ARG A 48 20.53 -21.17 -14.95
CA ARG A 48 20.82 -19.94 -14.22
C ARG A 48 21.72 -20.16 -13.01
N THR A 49 21.39 -21.15 -12.18
CA THR A 49 22.20 -21.40 -11.00
C THR A 49 23.61 -21.89 -11.32
N THR A 50 23.77 -22.61 -12.42
CA THR A 50 25.09 -23.12 -12.79
C THR A 50 25.99 -22.02 -13.36
N LEU A 51 25.40 -21.11 -14.13
CA LEU A 51 26.15 -20.01 -14.72
C LEU A 51 26.34 -18.83 -13.78
N ARG A 52 25.60 -18.83 -12.67
CA ARG A 52 25.70 -17.74 -11.70
C ARG A 52 27.02 -17.71 -10.96
N PRO A 53 27.77 -16.61 -11.08
CA PRO A 53 29.05 -16.51 -10.37
C PRO A 53 28.74 -16.27 -8.89
N SER A 54 29.65 -16.64 -8.00
CA SER A 54 29.43 -16.47 -6.57
C SER A 54 29.47 -15.01 -6.12
N PRO A 55 28.84 -14.71 -4.97
CA PRO A 55 28.81 -13.34 -4.43
C PRO A 55 30.23 -12.81 -4.25
N SER A 56 31.15 -13.71 -3.92
CA SER A 56 32.54 -13.36 -3.69
C SER A 56 33.21 -12.89 -4.99
N PHE A 57 32.95 -13.61 -6.06
CA PHE A 57 33.52 -13.28 -7.35
C PHE A 57 32.93 -11.98 -7.90
N ILE A 58 31.64 -11.80 -7.73
CA ILE A 58 30.98 -10.59 -8.20
C ILE A 58 31.51 -9.40 -7.41
N HIS A 59 31.74 -9.62 -6.11
CA HIS A 59 32.27 -8.58 -5.25
C HIS A 59 33.67 -8.21 -5.75
N PHE A 60 34.40 -9.21 -6.20
CA PHE A 60 35.75 -9.01 -6.71
C PHE A 60 35.71 -8.14 -7.98
N LEU A 61 34.81 -8.46 -8.90
CA LEU A 61 34.67 -7.70 -10.14
C LEU A 61 34.29 -6.24 -9.89
N LEU A 62 33.48 -6.01 -8.87
CA LEU A 62 33.02 -4.67 -8.54
C LEU A 62 34.05 -3.84 -7.81
N THR A 63 35.09 -4.48 -7.30
CA THR A 63 36.12 -3.76 -6.56
C THR A 63 37.51 -3.81 -7.17
N HIS A 64 37.57 -4.07 -8.48
CA HIS A 64 38.84 -4.14 -9.19
C HIS A 64 38.68 -3.68 -10.64
N GLY A 65 39.79 -3.36 -11.28
CA GLY A 65 39.77 -2.92 -12.66
C GLY A 65 39.22 -1.51 -12.85
N ARG A 66 39.77 -0.56 -12.11
CA ARG A 66 39.33 0.84 -12.19
C ARG A 66 39.25 1.35 -13.62
N TRP A 67 40.30 1.10 -14.40
CA TRP A 67 40.34 1.56 -15.78
C TRP A 67 39.10 1.13 -16.57
N LEU A 68 38.63 -0.08 -16.31
CA LEU A 68 37.45 -0.58 -17.01
C LEU A 68 36.17 0.09 -16.50
N TRP A 69 36.04 0.21 -15.18
CA TRP A 69 34.86 0.84 -14.60
C TRP A 69 34.76 2.31 -14.98
N ASP A 70 35.91 2.96 -15.17
CA ASP A 70 35.89 4.36 -15.55
C ASP A 70 35.24 4.52 -16.92
N PHE A 71 35.43 3.51 -17.77
CA PHE A 71 34.83 3.52 -19.10
C PHE A 71 33.33 3.24 -18.94
N VAL A 72 33.03 2.19 -18.19
CA VAL A 72 31.65 1.79 -17.95
C VAL A 72 30.79 2.89 -17.34
N ASN A 73 31.32 3.58 -16.34
CA ASN A 73 30.59 4.64 -15.66
C ASN A 73 30.23 5.86 -16.50
N ALA A 74 30.92 6.05 -17.62
CA ALA A 74 30.66 7.19 -18.49
C ALA A 74 29.75 6.81 -19.66
N THR A 75 29.24 5.58 -19.62
CA THR A 75 28.37 5.09 -20.69
C THR A 75 27.04 4.56 -20.17
N PHE A 76 26.20 4.10 -21.10
CA PHE A 76 24.89 3.56 -20.75
C PHE A 76 25.02 2.22 -20.02
N ILE A 77 26.21 1.64 -20.06
CA ILE A 77 26.44 0.36 -19.39
C ILE A 77 26.24 0.53 -17.88
N ARG A 78 26.51 1.74 -17.38
CA ARG A 78 26.35 2.06 -15.97
C ARG A 78 24.87 1.87 -15.60
N ASP A 79 24.00 2.38 -16.45
CA ASP A 79 22.56 2.30 -16.26
C ASP A 79 22.04 0.87 -16.38
N THR A 80 22.61 0.11 -17.32
CA THR A 80 22.20 -1.28 -17.53
C THR A 80 22.51 -2.11 -16.28
N LEU A 81 23.68 -1.88 -15.71
CA LEU A 81 24.12 -2.60 -14.52
C LEU A 81 23.34 -2.20 -13.28
N MET A 82 23.03 -0.91 -13.16
CA MET A 82 22.29 -0.43 -12.00
C MET A 82 20.90 -1.07 -12.01
N ARG A 83 20.29 -1.13 -13.19
CA ARG A 83 18.96 -1.71 -13.31
C ARG A 83 18.99 -3.18 -12.90
N LEU A 84 20.06 -3.87 -13.31
CA LEU A 84 20.23 -5.27 -12.98
C LEU A 84 20.34 -5.43 -11.47
N VAL A 85 21.17 -4.60 -10.84
CA VAL A 85 21.34 -4.63 -9.39
C VAL A 85 19.98 -4.46 -8.72
N LEU A 86 19.28 -3.39 -9.12
CA LEU A 86 17.98 -3.06 -8.58
C LEU A 86 16.97 -4.20 -8.64
N THR A 87 16.71 -4.70 -9.84
CA THR A 87 15.74 -5.77 -10.02
C THR A 87 16.12 -7.09 -9.34
N VAL A 88 17.36 -7.52 -9.50
CA VAL A 88 17.81 -8.77 -8.91
C VAL A 88 17.81 -8.75 -7.38
N ARG A 89 18.22 -7.63 -6.79
CA ARG A 89 18.23 -7.52 -5.34
C ARG A 89 16.81 -7.45 -4.77
N SER A 90 16.01 -6.52 -5.27
CA SER A 90 14.64 -6.35 -4.78
C SER A 90 13.74 -7.57 -4.97
N ASN A 91 14.04 -8.40 -5.95
CA ASN A 91 13.23 -9.60 -6.20
C ASN A 91 13.28 -10.61 -5.05
N LEU A 92 14.22 -10.45 -4.13
CA LEU A 92 14.33 -11.38 -3.00
C LEU A 92 13.37 -11.02 -1.87
N ILE A 93 12.78 -9.83 -1.95
CA ILE A 93 11.87 -9.35 -0.93
C ILE A 93 10.41 -9.49 -1.35
N PRO A 94 9.61 -10.23 -0.56
CA PRO A 94 8.20 -10.41 -0.90
C PRO A 94 7.42 -9.10 -0.88
N SER A 95 6.56 -8.92 -1.88
CA SER A 95 5.75 -7.72 -2.00
C SER A 95 4.53 -8.06 -2.84
N PRO A 96 3.32 -7.94 -2.27
CA PRO A 96 3.00 -7.52 -0.90
C PRO A 96 3.66 -8.38 0.18
N PRO A 97 3.81 -7.83 1.40
CA PRO A 97 4.42 -8.52 2.54
C PRO A 97 3.70 -9.78 2.97
N THR A 98 4.44 -10.69 3.59
CA THR A 98 3.87 -11.96 3.99
C THR A 98 3.52 -12.14 5.46
N TYR A 99 4.52 -12.51 6.27
CA TYR A 99 4.28 -12.79 7.67
C TYR A 99 4.58 -11.69 8.66
N ASN A 100 4.14 -11.90 9.90
CA ASN A 100 4.42 -10.97 10.99
C ASN A 100 4.50 -11.81 12.26
N ILE A 101 4.78 -11.17 13.39
CA ILE A 101 4.94 -11.91 14.64
C ILE A 101 3.73 -12.74 15.07
N ALA A 102 2.53 -12.37 14.60
CA ALA A 102 1.34 -13.11 14.99
C ALA A 102 0.97 -14.22 14.01
N HIS A 103 1.25 -14.01 12.71
CA HIS A 103 0.90 -15.00 11.70
C HIS A 103 2.06 -15.51 10.85
N ASP A 104 2.29 -16.81 10.91
CA ASP A 104 3.34 -17.42 10.10
C ASP A 104 2.71 -17.95 8.82
N TYR A 105 1.78 -17.17 8.28
CA TYR A 105 1.09 -17.50 7.06
C TYR A 105 0.48 -16.22 6.55
N ILE A 106 0.18 -16.20 5.25
CA ILE A 106 -0.40 -15.01 4.66
C ILE A 106 -1.79 -14.85 5.24
N SER A 107 -2.14 -13.62 5.60
CA SER A 107 -3.45 -13.32 6.16
C SER A 107 -3.79 -11.89 5.85
N TRP A 108 -5.08 -11.60 5.84
CA TRP A 108 -5.52 -10.24 5.59
C TRP A 108 -5.05 -9.31 6.69
N GLU A 109 -4.99 -9.81 7.92
CA GLU A 109 -4.54 -8.99 9.06
C GLU A 109 -3.06 -8.62 8.88
N SER A 110 -2.26 -9.56 8.41
CA SER A 110 -0.84 -9.28 8.21
C SER A 110 -0.69 -8.24 7.10
N PHE A 111 -1.49 -8.36 6.06
CA PHE A 111 -1.39 -7.40 4.98
C PHE A 111 -1.83 -6.00 5.40
N SER A 112 -2.94 -5.89 6.12
CA SER A 112 -3.48 -4.57 6.48
C SER A 112 -3.01 -3.87 7.75
N ASN A 113 -2.61 -4.61 8.77
CA ASN A 113 -2.20 -3.97 10.02
C ASN A 113 -0.73 -3.54 9.97
N VAL A 114 -0.48 -2.27 9.66
CA VAL A 114 0.89 -1.78 9.54
C VAL A 114 1.61 -1.54 10.86
N SER A 115 0.97 -1.85 11.99
CA SER A 115 1.62 -1.68 13.28
C SER A 115 2.62 -2.81 13.48
N TYR A 116 2.51 -3.83 12.62
CA TYR A 116 3.39 -4.99 12.67
C TYR A 116 4.57 -4.81 11.74
N TYR A 117 5.73 -5.31 12.16
CA TYR A 117 6.91 -5.32 11.30
C TYR A 117 6.59 -6.61 10.55
N THR A 118 7.03 -6.74 9.31
CA THR A 118 6.76 -7.97 8.60
C THR A 118 7.99 -8.86 8.85
N ARG A 119 8.01 -10.06 8.29
CA ARG A 119 9.17 -10.93 8.43
C ARG A 119 9.28 -11.77 7.16
N ILE A 120 10.52 -12.10 6.77
CA ILE A 120 10.76 -12.87 5.56
C ILE A 120 10.62 -14.38 5.76
N LEU A 121 11.09 -14.88 6.90
CA LEU A 121 10.95 -16.30 7.19
C LEU A 121 10.03 -16.47 8.39
N PRO A 122 9.17 -17.49 8.38
CA PRO A 122 8.26 -17.69 9.51
C PRO A 122 9.08 -17.96 10.77
N SER A 123 8.44 -17.81 11.93
CA SER A 123 9.14 -18.02 13.18
C SER A 123 9.43 -19.49 13.42
N VAL A 124 10.29 -19.77 14.39
CA VAL A 124 10.58 -21.16 14.75
C VAL A 124 9.28 -21.59 15.44
N PRO A 125 8.65 -22.67 14.97
CA PRO A 125 7.41 -23.11 15.62
C PRO A 125 7.58 -23.24 17.14
N ARG A 126 6.58 -22.85 17.90
CA ARG A 126 6.64 -22.90 19.35
C ARG A 126 6.70 -24.30 19.94
N ASP A 127 6.42 -25.32 19.13
CA ASP A 127 6.44 -26.69 19.62
C ASP A 127 7.60 -27.53 19.08
N CYS A 128 8.72 -26.88 18.78
CA CYS A 128 9.88 -27.62 18.27
C CYS A 128 10.71 -28.20 19.39
N PRO A 129 11.49 -29.26 19.09
CA PRO A 129 12.35 -29.93 20.07
C PRO A 129 13.34 -28.96 20.71
N THR A 130 13.91 -28.07 19.90
CA THR A 130 14.87 -27.09 20.42
C THR A 130 14.45 -25.67 20.05
N PRO A 131 15.05 -24.67 20.71
CA PRO A 131 14.75 -23.26 20.45
C PRO A 131 14.95 -22.83 19.00
N MET A 132 15.89 -23.46 18.29
CA MET A 132 16.15 -23.07 16.91
C MET A 132 15.54 -24.02 15.87
N GLY A 133 14.74 -24.97 16.35
CA GLY A 133 14.12 -25.93 15.46
C GLY A 133 14.35 -27.34 15.97
N THR A 134 15.38 -28.00 15.43
CA THR A 134 15.71 -29.36 15.86
C THR A 134 17.20 -29.49 16.15
N LYS A 135 17.97 -28.45 15.81
CA LYS A 135 19.41 -28.47 16.03
C LYS A 135 19.81 -27.67 17.27
N GLY A 136 21.02 -27.93 17.76
CA GLY A 136 21.51 -27.21 18.92
C GLY A 136 21.03 -27.78 20.24
N LYS A 137 21.21 -27.00 21.31
CA LYS A 137 20.82 -27.43 22.64
C LYS A 137 19.42 -26.97 23.02
N LYS A 138 18.91 -27.52 24.11
CA LYS A 138 17.59 -27.18 24.61
C LYS A 138 17.55 -25.77 25.16
N GLN A 139 18.73 -25.19 25.40
CA GLN A 139 18.83 -23.84 25.92
C GLN A 139 19.90 -23.07 25.16
N LEU A 140 19.55 -21.89 24.65
CA LEU A 140 20.48 -21.04 23.92
C LEU A 140 21.47 -20.38 24.88
N PRO A 141 22.63 -19.95 24.37
CA PRO A 141 23.62 -19.30 25.22
C PRO A 141 23.09 -17.99 25.81
N ASP A 142 23.54 -17.65 27.01
CA ASP A 142 23.12 -16.43 27.67
C ASP A 142 23.49 -15.22 26.80
N ALA A 143 22.51 -14.36 26.52
CA ALA A 143 22.74 -13.19 25.67
C ALA A 143 23.87 -12.28 26.15
N GLU A 144 23.90 -12.01 27.44
CA GLU A 144 24.93 -11.16 28.04
C GLU A 144 26.31 -11.78 27.83
N PHE A 145 26.43 -13.07 28.12
CA PHE A 145 27.70 -13.79 27.96
C PHE A 145 28.16 -13.73 26.52
N LEU A 146 27.24 -13.98 25.61
CA LEU A 146 27.53 -13.96 24.19
C LEU A 146 28.09 -12.60 23.77
N SER A 147 27.45 -11.53 24.22
CA SER A 147 27.89 -10.18 23.87
C SER A 147 29.27 -9.83 24.42
N ARG A 148 29.49 -10.14 25.70
CA ARG A 148 30.77 -9.86 26.33
C ARG A 148 31.87 -10.66 25.65
N ARG A 149 31.59 -11.94 25.40
CA ARG A 149 32.56 -12.82 24.76
C ARG A 149 32.90 -12.47 23.31
N PHE A 150 31.90 -12.20 22.48
CA PHE A 150 32.19 -11.95 21.07
C PHE A 150 31.91 -10.58 20.46
N LEU A 151 31.12 -9.76 21.13
CA LEU A 151 30.79 -8.45 20.57
C LEU A 151 31.44 -7.26 21.24
N LEU A 152 31.85 -7.42 22.50
CA LEU A 152 32.46 -6.33 23.27
C LEU A 152 33.80 -5.90 22.68
N ARG A 153 33.97 -4.60 22.48
CA ARG A 153 35.20 -4.06 21.95
C ARG A 153 36.28 -4.07 23.03
N ARG A 154 37.50 -4.42 22.63
CA ARG A 154 38.63 -4.44 23.55
C ARG A 154 39.55 -3.34 23.04
N LYS A 155 39.84 -3.39 21.76
CA LYS A 155 40.69 -2.39 21.13
C LYS A 155 39.93 -1.88 19.91
N PHE A 156 39.71 -0.57 19.83
CA PHE A 156 38.97 0.02 18.72
C PHE A 156 39.51 -0.39 17.35
N ILE A 157 38.63 -0.93 16.51
CA ILE A 157 38.98 -1.35 15.17
C ILE A 157 38.33 -0.39 14.17
N PRO A 158 39.12 0.47 13.52
CA PRO A 158 38.57 1.42 12.56
C PRO A 158 38.14 0.74 11.27
N ASP A 159 37.15 1.32 10.59
CA ASP A 159 36.70 0.75 9.33
C ASP A 159 37.78 0.98 8.27
N PRO A 160 38.22 -0.10 7.62
CA PRO A 160 39.25 -0.01 6.57
C PRO A 160 38.83 0.75 5.32
N GLN A 161 37.53 1.00 5.15
CA GLN A 161 37.07 1.71 3.97
C GLN A 161 37.09 3.22 4.18
N GLY A 162 37.53 3.64 5.36
CA GLY A 162 37.60 5.07 5.64
C GLY A 162 36.31 5.72 6.11
N THR A 163 35.31 4.91 6.45
CA THR A 163 34.03 5.43 6.91
C THR A 163 34.21 6.25 8.19
N ASN A 164 33.57 7.42 8.25
CA ASN A 164 33.65 8.32 9.40
C ASN A 164 32.37 8.41 10.25
N LEU A 165 32.36 9.31 11.22
CA LEU A 165 31.20 9.49 12.09
C LEU A 165 30.10 10.28 11.40
N MET A 166 30.47 11.04 10.38
CA MET A 166 29.47 11.80 9.65
C MET A 166 28.56 10.74 9.02
N PHE A 167 29.16 9.64 8.57
CA PHE A 167 28.41 8.54 7.98
C PHE A 167 27.58 7.84 9.06
N ALA A 168 28.24 7.49 10.16
CA ALA A 168 27.59 6.80 11.27
C ALA A 168 26.33 7.53 11.76
N PHE A 169 26.45 8.84 12.00
CA PHE A 169 25.31 9.61 12.47
C PHE A 169 24.25 9.77 11.40
N PHE A 170 24.66 9.78 10.14
CA PHE A 170 23.68 9.89 9.06
C PHE A 170 22.86 8.61 9.10
N ALA A 171 23.54 7.48 9.19
CA ALA A 171 22.88 6.18 9.23
C ALA A 171 21.93 6.09 10.42
N GLN A 172 22.41 6.47 11.60
CA GLN A 172 21.57 6.40 12.77
C GLN A 172 20.33 7.29 12.59
N HIS A 173 20.56 8.50 12.10
CA HIS A 173 19.48 9.44 11.86
C HIS A 173 18.46 8.92 10.83
N PHE A 174 18.97 8.52 9.69
CA PHE A 174 18.18 7.98 8.57
C PHE A 174 17.34 6.76 8.93
N THR A 175 17.96 5.76 9.52
CA THR A 175 17.24 4.53 9.86
C THR A 175 16.18 4.71 10.94
N HIS A 176 16.32 5.72 11.79
CA HIS A 176 15.34 5.90 12.85
C HIS A 176 14.01 6.45 12.38
N GLN A 177 13.88 6.69 11.08
CA GLN A 177 12.61 7.15 10.56
C GLN A 177 11.76 5.92 10.29
N PHE A 178 12.39 4.76 10.08
CA PHE A 178 11.61 3.55 9.83
C PHE A 178 11.78 2.43 10.85
N PHE A 179 12.64 2.64 11.85
CA PHE A 179 12.79 1.65 12.92
C PHE A 179 12.37 2.35 14.22
N LYS A 180 11.14 2.12 14.65
CA LYS A 180 10.62 2.72 15.87
C LYS A 180 9.78 1.67 16.60
N THR A 181 10.46 0.70 17.20
CA THR A 181 9.78 -0.37 17.90
C THR A 181 8.94 0.14 19.06
N SER A 182 7.68 -0.29 19.10
CA SER A 182 6.75 0.12 20.12
C SER A 182 6.98 -0.52 21.49
N GLY A 183 7.36 0.30 22.47
CA GLY A 183 7.57 -0.24 23.80
C GLY A 183 6.29 -0.80 24.38
N LYS A 184 5.20 -0.05 24.23
CA LYS A 184 3.90 -0.47 24.77
C LYS A 184 3.41 -1.79 24.16
N MET A 185 3.37 -1.87 22.83
CA MET A 185 2.90 -3.08 22.16
C MET A 185 3.93 -4.22 22.22
N GLY A 186 5.21 -3.88 22.30
CA GLY A 186 6.24 -4.90 22.38
C GLY A 186 6.95 -5.24 21.08
N PRO A 187 7.80 -6.28 21.11
CA PRO A 187 8.55 -6.71 19.94
C PRO A 187 7.62 -7.06 18.78
N GLY A 188 8.04 -6.75 17.57
CA GLY A 188 7.21 -7.05 16.41
C GLY A 188 6.32 -5.91 15.98
N PHE A 189 6.22 -4.87 16.81
CA PHE A 189 5.37 -3.73 16.48
C PHE A 189 6.16 -2.45 16.32
N THR A 190 5.73 -1.60 15.40
CA THR A 190 6.40 -0.35 15.10
C THR A 190 5.45 0.83 15.15
N LYS A 191 6.00 2.01 15.36
CA LYS A 191 5.24 3.25 15.40
C LYS A 191 5.47 3.99 14.08
N ALA A 192 6.50 3.57 13.33
CA ALA A 192 6.82 4.21 12.05
C ALA A 192 5.96 3.57 10.96
N LEU A 193 4.68 3.93 10.98
CA LEU A 193 3.71 3.38 10.05
C LEU A 193 3.99 3.69 8.58
N GLY A 194 4.94 4.57 8.32
CA GLY A 194 5.28 4.89 6.93
C GLY A 194 6.10 3.77 6.30
N HIS A 195 6.71 2.93 7.12
CA HIS A 195 7.51 1.80 6.66
C HIS A 195 8.52 2.11 5.55
N GLY A 196 9.18 3.26 5.65
CA GLY A 196 10.16 3.62 4.63
C GLY A 196 10.68 5.03 4.74
N VAL A 197 11.12 5.58 3.61
CA VAL A 197 11.65 6.94 3.60
C VAL A 197 10.54 7.96 3.45
N ASP A 198 9.93 8.33 4.57
CA ASP A 198 8.85 9.30 4.58
C ASP A 198 9.28 10.56 5.31
N LEU A 199 10.50 10.51 5.84
CA LEU A 199 11.09 11.61 6.59
C LEU A 199 10.26 11.94 7.84
N GLY A 200 9.67 10.90 8.44
CA GLY A 200 8.89 11.08 9.65
C GLY A 200 9.77 11.51 10.83
N HIS A 201 11.09 11.32 10.70
CA HIS A 201 12.01 11.71 11.75
C HIS A 201 12.23 13.23 11.73
N ILE A 202 11.73 13.86 10.68
CA ILE A 202 11.83 15.31 10.54
C ILE A 202 10.45 15.93 10.75
N TYR A 203 9.43 15.30 10.17
CA TYR A 203 8.07 15.82 10.23
C TYR A 203 7.16 15.17 11.27
N GLY A 204 7.62 14.09 11.90
CA GLY A 204 6.81 13.42 12.90
C GLY A 204 6.09 12.21 12.33
N ASP A 205 5.90 11.17 13.14
CA ASP A 205 5.21 9.96 12.67
C ASP A 205 3.69 10.05 12.73
N ASN A 206 3.16 11.16 13.24
CA ASN A 206 1.71 11.35 13.28
C ASN A 206 1.38 12.81 12.96
N LEU A 207 0.17 13.03 12.47
CA LEU A 207 -0.30 14.36 12.06
C LEU A 207 -0.27 15.41 13.16
N GLU A 208 -0.78 15.04 14.33
CA GLU A 208 -0.84 15.95 15.45
C GLU A 208 0.55 16.51 15.75
N ARG A 209 1.54 15.62 15.79
CA ARG A 209 2.91 16.03 16.04
C ARG A 209 3.41 16.94 14.92
N GLN A 210 3.11 16.59 13.67
CA GLN A 210 3.54 17.41 12.54
C GLN A 210 3.01 18.83 12.66
N TYR A 211 1.74 18.95 13.06
CA TYR A 211 1.12 20.26 13.20
C TYR A 211 1.76 21.12 14.27
N GLN A 212 2.28 20.47 15.31
CA GLN A 212 2.93 21.19 16.40
C GLN A 212 4.32 21.67 15.96
N LEU A 213 4.92 20.96 15.02
CA LEU A 213 6.24 21.29 14.50
C LEU A 213 6.23 22.34 13.38
N ARG A 214 5.09 22.47 12.69
CA ARG A 214 4.98 23.43 11.58
C ARG A 214 4.68 24.86 11.99
N LEU A 215 5.17 25.80 11.18
CA LEU A 215 4.97 27.22 11.41
C LEU A 215 3.64 27.63 10.81
N PHE A 216 3.18 26.88 9.81
CA PHE A 216 1.94 27.20 9.10
C PHE A 216 2.05 28.56 8.43
N LYS A 217 3.28 28.93 8.12
CA LYS A 217 3.56 30.18 7.43
C LYS A 217 4.64 29.84 6.41
N ASP A 218 4.36 30.11 5.14
CA ASP A 218 5.32 29.84 4.06
C ASP A 218 5.74 28.38 3.94
N GLY A 219 4.89 27.48 4.44
CA GLY A 219 5.17 26.06 4.39
C GLY A 219 6.33 25.62 5.25
N LYS A 220 6.83 26.52 6.08
CA LYS A 220 7.98 26.22 6.90
C LYS A 220 7.74 25.51 8.23
N LEU A 221 8.85 25.03 8.78
CA LEU A 221 8.90 24.34 10.08
C LEU A 221 9.33 25.40 11.10
N LYS A 222 8.76 25.34 12.30
CA LYS A 222 9.13 26.28 13.36
C LYS A 222 10.64 26.15 13.61
N TYR A 223 11.24 27.22 14.12
CA TYR A 223 12.67 27.21 14.41
C TYR A 223 12.99 28.32 15.38
N GLN A 224 14.23 28.37 15.83
CA GLN A 224 14.66 29.43 16.73
C GLN A 224 16.05 29.90 16.30
N MET A 225 16.35 31.15 16.62
CA MET A 225 17.64 31.72 16.28
C MET A 225 18.51 31.69 17.51
N LEU A 226 19.74 31.22 17.34
CA LEU A 226 20.69 31.17 18.44
C LEU A 226 22.05 31.52 17.86
N ASN A 227 22.66 32.57 18.39
CA ASN A 227 23.96 33.02 17.91
C ASN A 227 23.91 33.29 16.41
N GLY A 228 22.78 33.84 15.96
CA GLY A 228 22.60 34.15 14.56
C GLY A 228 22.38 32.94 13.66
N GLU A 229 22.26 31.77 14.26
CA GLU A 229 22.06 30.54 13.47
C GLU A 229 20.68 29.90 13.70
N VAL A 230 20.21 29.19 12.69
CA VAL A 230 18.91 28.52 12.74
C VAL A 230 18.96 27.11 13.35
N TYR A 231 18.11 26.86 14.34
CA TYR A 231 18.03 25.56 14.99
C TYR A 231 16.59 25.14 15.21
N PRO A 232 16.36 23.86 15.52
CA PRO A 232 14.98 23.41 15.76
C PRO A 232 14.42 24.22 16.93
N PRO A 233 13.09 24.34 17.02
CA PRO A 233 12.47 25.10 18.11
C PRO A 233 12.49 24.34 19.42
N SER A 234 12.19 25.03 20.52
CA SER A 234 12.16 24.39 21.83
C SER A 234 10.79 23.76 22.00
N VAL A 235 10.70 22.78 22.91
CA VAL A 235 9.44 22.11 23.19
C VAL A 235 8.42 23.10 23.72
N GLU A 236 8.89 24.19 24.31
CA GLU A 236 7.97 25.19 24.82
C GLU A 236 7.23 25.87 23.67
N GLU A 237 7.90 26.03 22.53
CA GLU A 237 7.29 26.66 21.35
C GLU A 237 6.57 25.64 20.46
N ALA A 238 7.07 24.41 20.46
CA ALA A 238 6.48 23.32 19.67
C ALA A 238 6.30 22.18 20.66
N PRO A 239 5.18 22.20 21.41
CA PRO A 239 4.84 21.20 22.43
C PRO A 239 4.64 19.76 21.98
N VAL A 240 5.73 19.07 21.67
CA VAL A 240 5.65 17.68 21.28
C VAL A 240 6.42 16.87 22.31
N LEU A 241 6.07 15.61 22.47
CA LEU A 241 6.76 14.77 23.42
C LEU A 241 8.16 14.41 22.91
N MET A 242 9.17 14.75 23.69
CA MET A 242 10.56 14.43 23.36
C MET A 242 11.08 13.61 24.55
N HIS A 243 11.90 12.61 24.28
CA HIS A 243 12.45 11.78 25.35
C HIS A 243 13.74 12.38 25.90
N TYR A 244 13.62 13.13 26.98
CA TYR A 244 14.77 13.75 27.62
C TYR A 244 14.75 13.26 29.06
N PRO A 245 15.92 13.23 29.72
CA PRO A 245 15.94 12.78 31.11
C PRO A 245 15.01 13.67 31.93
N ARG A 246 14.39 13.10 32.97
CA ARG A 246 13.50 13.89 33.80
C ARG A 246 14.26 15.06 34.44
N GLY A 247 13.63 16.21 34.46
CA GLY A 247 14.28 17.37 35.04
C GLY A 247 14.66 18.41 34.01
N ILE A 248 14.84 18.00 32.76
CA ILE A 248 15.18 18.96 31.71
C ILE A 248 13.87 19.61 31.25
N PRO A 249 13.72 20.91 31.52
CA PRO A 249 12.52 21.66 31.15
C PRO A 249 12.30 21.85 29.64
N PRO A 250 11.04 22.03 29.22
CA PRO A 250 10.64 22.22 27.82
C PRO A 250 11.44 23.30 27.08
N GLN A 251 11.67 24.44 27.74
CA GLN A 251 12.40 25.53 27.11
C GLN A 251 13.85 25.17 26.77
N SER A 252 14.34 24.06 27.33
CA SER A 252 15.71 23.64 27.08
C SER A 252 15.79 22.39 26.19
N GLN A 253 14.64 21.92 25.76
CA GLN A 253 14.56 20.75 24.89
C GLN A 253 14.35 21.25 23.46
N MET A 254 14.82 20.49 22.48
CA MET A 254 14.59 20.86 21.08
C MET A 254 13.55 19.88 20.53
N ALA A 255 12.54 20.42 19.86
CA ALA A 255 11.49 19.59 19.31
C ALA A 255 11.74 19.24 17.83
N VAL A 256 11.81 17.95 17.53
CA VAL A 256 11.99 17.51 16.16
C VAL A 256 11.05 16.33 15.90
N GLY A 257 11.03 15.85 14.66
CA GLY A 257 10.14 14.75 14.31
C GLY A 257 10.30 13.48 15.13
N GLN A 258 11.54 13.08 15.38
CA GLN A 258 11.82 11.86 16.13
C GLN A 258 12.04 12.16 17.61
N GLU A 259 11.21 11.58 18.47
CA GLU A 259 11.28 11.79 19.91
C GLU A 259 12.59 11.45 20.61
N VAL A 260 13.42 10.61 20.02
CA VAL A 260 14.66 10.22 20.69
C VAL A 260 15.91 10.98 20.26
N PHE A 261 15.75 11.97 19.37
CA PHE A 261 16.91 12.70 18.87
C PHE A 261 17.66 13.63 19.81
N GLY A 262 17.07 13.91 20.98
CA GLY A 262 17.74 14.76 21.94
C GLY A 262 18.85 13.98 22.60
N LEU A 263 18.88 12.68 22.36
CA LEU A 263 19.89 11.79 22.93
C LEU A 263 21.32 12.11 22.52
N LEU A 264 21.53 12.47 21.25
CA LEU A 264 22.86 12.73 20.74
C LEU A 264 23.00 13.97 19.87
N PRO A 265 24.07 14.74 20.07
CA PRO A 265 24.33 15.94 19.28
C PRO A 265 24.44 15.56 17.80
N GLY A 266 24.90 14.35 17.53
CA GLY A 266 25.04 13.91 16.16
C GLY A 266 23.68 13.81 15.47
N LEU A 267 22.66 13.41 16.22
CA LEU A 267 21.30 13.28 15.70
C LEU A 267 20.66 14.65 15.49
N MET A 268 20.81 15.52 16.48
CA MET A 268 20.24 16.86 16.38
C MET A 268 20.97 17.67 15.31
N LEU A 269 22.21 17.29 15.04
CA LEU A 269 23.00 17.96 14.00
C LEU A 269 22.27 17.76 12.68
N TYR A 270 21.95 16.50 12.38
CA TYR A 270 21.23 16.21 11.13
C TYR A 270 19.82 16.74 11.17
N ALA A 271 19.19 16.74 12.34
CA ALA A 271 17.84 17.28 12.48
C ALA A 271 17.88 18.75 12.08
N THR A 272 18.97 19.42 12.45
CA THR A 272 19.17 20.83 12.16
C THR A 272 19.44 21.10 10.68
N ILE A 273 20.30 20.29 10.08
CA ILE A 273 20.61 20.43 8.66
C ILE A 273 19.37 20.23 7.80
N TRP A 274 18.61 19.17 8.07
CA TRP A 274 17.41 18.91 7.30
C TRP A 274 16.33 19.97 7.50
N LEU A 275 16.23 20.52 8.71
CA LEU A 275 15.24 21.56 8.98
C LEU A 275 15.59 22.80 8.17
N ARG A 276 16.88 23.14 8.12
CA ARG A 276 17.31 24.30 7.35
C ARG A 276 17.04 24.06 5.87
N GLU A 277 17.30 22.83 5.41
CA GLU A 277 17.07 22.49 4.01
C GLU A 277 15.57 22.64 3.70
N HIS A 278 14.72 22.14 4.59
CA HIS A 278 13.29 22.27 4.36
C HIS A 278 12.90 23.73 4.14
N ASN A 279 13.23 24.60 5.09
CA ASN A 279 12.89 26.01 4.97
C ASN A 279 13.57 26.70 3.77
N ARG A 280 14.77 26.24 3.43
CA ARG A 280 15.48 26.80 2.29
C ARG A 280 14.69 26.45 1.03
N VAL A 281 14.27 25.19 0.92
CA VAL A 281 13.50 24.76 -0.24
C VAL A 281 12.17 25.52 -0.33
N CYS A 282 11.54 25.79 0.82
CA CYS A 282 10.29 26.53 0.82
C CYS A 282 10.49 27.89 0.16
N ASP A 283 11.64 28.51 0.42
CA ASP A 283 11.97 29.81 -0.15
C ASP A 283 12.05 29.73 -1.67
N LEU A 284 12.76 28.72 -2.16
CA LEU A 284 12.90 28.54 -3.60
C LEU A 284 11.55 28.28 -4.27
N LEU A 285 10.70 27.54 -3.58
CA LEU A 285 9.36 27.23 -4.10
C LEU A 285 8.48 28.47 -4.16
N LYS A 286 8.52 29.27 -3.10
CA LYS A 286 7.70 30.48 -3.06
C LYS A 286 8.09 31.48 -4.14
N ALA A 287 9.38 31.56 -4.45
CA ALA A 287 9.86 32.47 -5.47
C ALA A 287 9.26 32.07 -6.81
N GLU A 288 9.15 30.77 -7.02
CA GLU A 288 8.61 30.23 -8.26
C GLU A 288 7.08 30.26 -8.25
N HIS A 289 6.48 30.00 -7.08
CA HIS A 289 5.03 29.95 -6.95
C HIS A 289 4.45 30.89 -5.90
N PRO A 290 4.32 32.17 -6.23
CA PRO A 290 3.77 33.15 -5.27
C PRO A 290 2.30 32.92 -4.89
N THR A 291 1.56 32.17 -5.70
CA THR A 291 0.16 31.93 -5.39
C THR A 291 -0.08 30.73 -4.45
N TRP A 292 0.94 29.88 -4.28
CA TRP A 292 0.81 28.70 -3.41
C TRP A 292 0.60 29.06 -1.95
N GLY A 293 -0.23 28.27 -1.26
CA GLY A 293 -0.48 28.50 0.15
C GLY A 293 0.56 27.75 0.98
N ASP A 294 0.48 27.91 2.30
CA ASP A 294 1.40 27.25 3.23
C ASP A 294 1.38 25.73 3.10
N GLU A 295 0.19 25.15 3.01
CA GLU A 295 0.09 23.70 2.92
C GLU A 295 0.80 23.11 1.69
N GLN A 296 0.58 23.68 0.50
CA GLN A 296 1.22 23.12 -0.68
C GLN A 296 2.74 23.33 -0.68
N LEU A 297 3.19 24.43 -0.08
CA LEU A 297 4.62 24.69 0.00
C LEU A 297 5.23 23.65 0.90
N PHE A 298 4.57 23.39 2.03
CA PHE A 298 5.05 22.41 2.99
C PHE A 298 5.14 21.02 2.37
N GLN A 299 4.04 20.56 1.80
CA GLN A 299 3.97 19.24 1.19
C GLN A 299 4.95 19.02 0.03
N THR A 300 5.12 20.04 -0.81
CA THR A 300 6.04 19.93 -1.95
C THR A 300 7.49 19.88 -1.47
N ALA A 301 7.82 20.69 -0.47
CA ALA A 301 9.17 20.71 0.08
C ALA A 301 9.47 19.34 0.70
N ARG A 302 8.48 18.74 1.37
CA ARG A 302 8.66 17.41 1.96
C ARG A 302 9.02 16.40 0.86
N LEU A 303 8.29 16.46 -0.26
CA LEU A 303 8.55 15.55 -1.37
C LEU A 303 9.96 15.75 -1.92
N ILE A 304 10.39 17.00 -2.01
CA ILE A 304 11.72 17.30 -2.51
C ILE A 304 12.77 16.73 -1.54
N LEU A 305 12.59 16.95 -0.24
CA LEU A 305 13.54 16.42 0.74
C LEU A 305 13.60 14.89 0.71
N ILE A 306 12.47 14.25 0.45
CA ILE A 306 12.46 12.79 0.37
C ILE A 306 13.32 12.39 -0.81
N GLY A 307 13.16 13.12 -1.92
CA GLY A 307 13.94 12.85 -3.11
C GLY A 307 15.42 13.08 -2.89
N GLU A 308 15.76 14.18 -2.25
CA GLU A 308 17.17 14.48 -1.97
C GLU A 308 17.77 13.38 -1.10
N THR A 309 16.99 12.91 -0.14
CA THR A 309 17.43 11.86 0.76
C THR A 309 17.76 10.58 0.01
N ILE A 310 16.82 10.09 -0.80
CA ILE A 310 17.06 8.86 -1.53
C ILE A 310 18.26 9.01 -2.48
N LYS A 311 18.40 10.18 -3.09
CA LYS A 311 19.51 10.45 -4.00
C LYS A 311 20.85 10.33 -3.28
N ILE A 312 20.96 11.01 -2.14
CA ILE A 312 22.19 10.98 -1.36
C ILE A 312 22.46 9.59 -0.81
N VAL A 313 21.42 8.89 -0.36
CA VAL A 313 21.60 7.56 0.19
C VAL A 313 22.14 6.56 -0.85
N ILE A 314 21.57 6.59 -2.04
CA ILE A 314 22.02 5.68 -3.08
C ILE A 314 23.37 6.03 -3.66
N GLU A 315 23.55 7.28 -4.05
CA GLU A 315 24.80 7.70 -4.69
C GLU A 315 26.00 8.08 -3.82
N GLU A 316 25.81 8.20 -2.52
CA GLU A 316 26.93 8.52 -1.64
C GLU A 316 26.99 7.58 -0.44
N TYR A 317 25.87 7.39 0.25
CA TYR A 317 25.78 6.52 1.41
C TYR A 317 26.10 5.06 1.06
N VAL A 318 25.26 4.46 0.21
CA VAL A 318 25.45 3.08 -0.20
C VAL A 318 26.77 2.94 -0.98
N GLN A 319 27.12 3.96 -1.74
CA GLN A 319 28.35 3.96 -2.51
C GLN A 319 29.55 3.78 -1.56
N GLN A 320 29.56 4.57 -0.49
CA GLN A 320 30.63 4.50 0.50
C GLN A 320 30.64 3.11 1.16
N LEU A 321 29.45 2.64 1.49
CA LEU A 321 29.26 1.35 2.14
C LEU A 321 29.72 0.15 1.31
N SER A 322 29.42 0.18 0.02
CA SER A 322 29.78 -0.91 -0.88
C SER A 322 31.23 -0.91 -1.33
N GLY A 323 31.79 0.26 -1.56
CA GLY A 323 33.16 0.33 -2.03
C GLY A 323 33.27 -0.08 -3.49
N TYR A 324 32.13 -0.13 -4.19
CA TYR A 324 32.12 -0.52 -5.60
C TYR A 324 32.76 0.53 -6.51
N PHE A 325 33.43 0.07 -7.58
CA PHE A 325 34.04 0.98 -8.54
C PHE A 325 32.93 1.39 -9.50
N LEU A 326 31.84 0.64 -9.46
CA LEU A 326 30.68 0.95 -10.27
C LEU A 326 30.04 2.16 -9.59
N GLN A 327 29.76 3.20 -10.37
CA GLN A 327 29.15 4.41 -9.83
C GLN A 327 27.64 4.17 -9.73
N LEU A 328 27.15 3.97 -8.51
CA LEU A 328 25.71 3.73 -8.29
C LEU A 328 24.92 4.93 -8.78
N LYS A 329 23.68 4.68 -9.20
CA LYS A 329 22.87 5.75 -9.73
C LYS A 329 21.43 5.72 -9.26
N PHE A 330 20.92 6.86 -8.82
CA PHE A 330 19.53 6.95 -8.41
C PHE A 330 18.76 7.50 -9.61
N ASP A 331 18.06 6.60 -10.29
CA ASP A 331 17.25 6.96 -11.45
C ASP A 331 16.02 6.07 -11.51
N PRO A 332 14.89 6.54 -10.98
CA PRO A 332 13.67 5.75 -10.99
C PRO A 332 13.32 5.22 -12.39
N GLU A 333 13.63 6.01 -13.42
CA GLU A 333 13.30 5.61 -14.78
C GLU A 333 13.89 4.26 -15.19
N LEU A 334 14.94 3.83 -14.49
CA LEU A 334 15.56 2.54 -14.78
C LEU A 334 14.61 1.36 -14.59
N LEU A 335 13.61 1.52 -13.74
CA LEU A 335 12.67 0.43 -13.48
C LEU A 335 11.32 0.56 -14.17
N PHE A 336 11.13 1.62 -14.94
CA PHE A 336 9.86 1.83 -15.60
C PHE A 336 9.48 0.73 -16.59
N GLY A 337 10.48 0.04 -17.13
CA GLY A 337 10.18 -1.02 -18.07
C GLY A 337 10.14 -2.39 -17.41
N ALA A 338 10.26 -2.42 -16.09
CA ALA A 338 10.25 -3.68 -15.34
C ALA A 338 9.02 -3.84 -14.46
N GLN A 339 8.87 -5.03 -13.91
CA GLN A 339 7.76 -5.34 -13.00
C GLN A 339 8.29 -5.07 -11.61
N PHE A 340 7.66 -4.12 -10.92
CA PHE A 340 8.13 -3.74 -9.59
C PHE A 340 6.99 -3.08 -8.80
N GLN A 341 6.82 -3.48 -7.54
CA GLN A 341 5.78 -2.92 -6.69
C GLN A 341 6.32 -1.72 -5.91
N TYR A 342 5.65 -0.58 -6.01
CA TYR A 342 6.12 0.61 -5.28
C TYR A 342 5.56 0.71 -3.87
N ARG A 343 5.87 -0.29 -3.04
CA ARG A 343 5.43 -0.29 -1.65
C ARG A 343 6.50 -1.00 -0.84
N ASN A 344 6.54 -0.71 0.44
CA ASN A 344 7.53 -1.33 1.30
C ASN A 344 6.92 -1.59 2.67
N ARG A 345 7.39 -2.65 3.32
CA ARG A 345 6.94 -2.99 4.67
C ARG A 345 8.24 -3.37 5.37
N ILE A 346 8.55 -2.68 6.45
CA ILE A 346 9.79 -2.94 7.18
C ILE A 346 9.81 -4.29 7.87
N ALA A 347 10.86 -5.06 7.62
CA ALA A 347 10.99 -6.39 8.20
C ALA A 347 11.75 -6.37 9.52
N MET A 348 11.37 -7.25 10.42
CA MET A 348 12.03 -7.34 11.71
C MET A 348 13.50 -7.76 11.51
N GLU A 349 13.75 -8.54 10.46
CA GLU A 349 15.13 -8.97 10.20
C GLU A 349 15.99 -7.80 9.75
N PHE A 350 15.39 -6.85 9.03
CA PHE A 350 16.11 -5.67 8.56
C PHE A 350 16.46 -4.80 9.76
N ASN A 351 15.54 -4.70 10.71
CA ASN A 351 15.75 -3.92 11.94
C ASN A 351 16.96 -4.49 12.69
N GLN A 352 16.98 -5.81 12.85
CA GLN A 352 18.09 -6.48 13.53
C GLN A 352 19.41 -6.24 12.82
N LEU A 353 19.39 -6.41 11.51
CA LEU A 353 20.57 -6.25 10.66
C LEU A 353 21.18 -4.86 10.74
N TYR A 354 20.35 -3.84 10.95
CA TYR A 354 20.83 -2.47 10.99
C TYR A 354 21.35 -1.96 12.32
N HIS A 355 21.52 -2.84 13.30
CA HIS A 355 22.07 -2.41 14.59
C HIS A 355 23.57 -2.32 14.39
N TRP A 356 24.02 -1.18 13.89
CA TRP A 356 25.44 -0.96 13.60
C TRP A 356 26.20 -0.23 14.68
N HIS A 357 25.95 -0.60 15.94
CA HIS A 357 26.62 0.03 17.05
C HIS A 357 28.15 0.00 16.99
N PRO A 358 28.74 -0.99 16.30
CA PRO A 358 30.21 -1.02 16.24
C PRO A 358 30.79 0.26 15.61
N LEU A 359 29.97 1.00 14.88
CA LEU A 359 30.43 2.23 14.25
C LEU A 359 30.88 3.28 15.27
N MET A 360 30.21 3.31 16.41
CA MET A 360 30.51 4.29 17.44
C MET A 360 31.92 4.16 18.01
N PRO A 361 32.64 5.29 18.14
CA PRO A 361 34.01 5.34 18.66
C PRO A 361 34.12 5.18 20.18
N ASP A 362 35.35 5.32 20.68
CA ASP A 362 35.66 5.22 22.10
C ASP A 362 35.31 6.55 22.76
N SER A 363 35.52 7.63 22.00
CA SER A 363 35.24 8.98 22.45
C SER A 363 35.00 9.84 21.22
N PHE A 364 34.45 11.03 21.42
CA PHE A 364 34.14 11.93 20.31
C PHE A 364 35.05 13.14 20.26
N ARG A 365 35.82 13.23 19.19
CA ARG A 365 36.76 14.31 19.03
C ARG A 365 36.25 15.50 18.24
N VAL A 366 36.27 16.68 18.85
CA VAL A 366 35.86 17.90 18.18
C VAL A 366 37.04 18.87 18.29
N GLY A 367 37.83 18.96 17.24
CA GLY A 367 38.99 19.83 17.28
C GLY A 367 39.96 19.35 18.35
N PRO A 368 40.42 20.26 19.23
CA PRO A 368 41.36 19.87 20.29
C PRO A 368 40.71 19.10 21.44
N GLN A 369 39.39 19.24 21.58
CA GLN A 369 38.66 18.55 22.64
C GLN A 369 38.25 17.11 22.32
N ASP A 370 38.24 16.28 23.35
CA ASP A 370 37.85 14.88 23.21
C ASP A 370 36.76 14.63 24.24
N TYR A 371 35.55 14.37 23.78
CA TYR A 371 34.42 14.13 24.67
C TYR A 371 34.06 12.67 24.90
N SER A 372 33.79 12.33 26.15
CA SER A 372 33.43 10.96 26.50
C SER A 372 31.94 10.77 26.28
N TYR A 373 31.50 9.52 26.40
CA TYR A 373 30.08 9.21 26.25
C TYR A 373 29.27 9.95 27.30
N GLU A 374 29.84 10.08 28.49
CA GLU A 374 29.18 10.77 29.60
C GLU A 374 28.96 12.25 29.27
N GLN A 375 29.92 12.84 28.56
CA GLN A 375 29.84 14.24 28.18
C GLN A 375 29.05 14.45 26.88
N PHE A 376 29.04 13.43 26.02
CA PHE A 376 28.38 13.49 24.72
C PHE A 376 26.88 13.18 24.76
N LEU A 377 26.51 12.06 25.36
CA LEU A 377 25.11 11.68 25.45
C LEU A 377 24.29 12.68 26.25
N PHE A 378 23.12 13.03 25.72
CA PHE A 378 22.21 13.96 26.36
C PHE A 378 22.76 15.36 26.58
N ASN A 379 23.85 15.68 25.89
CA ASN A 379 24.42 17.01 26.02
C ASN A 379 23.46 17.98 25.32
N THR A 380 22.95 18.94 26.08
CA THR A 380 21.99 19.90 25.56
C THR A 380 22.55 21.21 25.01
N SER A 381 23.86 21.35 24.93
CA SER A 381 24.40 22.61 24.43
C SER A 381 25.51 22.48 23.40
N MET A 382 26.11 21.30 23.30
CA MET A 382 27.20 21.10 22.36
C MET A 382 26.90 21.54 20.93
N LEU A 383 25.74 21.19 20.41
CA LEU A 383 25.36 21.58 19.05
C LEU A 383 25.39 23.09 18.85
N VAL A 384 24.78 23.82 19.77
CA VAL A 384 24.74 25.28 19.67
C VAL A 384 26.12 25.88 19.99
N ASP A 385 26.83 25.30 20.95
CA ASP A 385 28.16 25.78 21.32
C ASP A 385 29.11 25.78 20.12
N TYR A 386 29.17 24.66 19.40
CA TYR A 386 30.07 24.56 18.26
C TYR A 386 29.48 25.01 16.94
N GLY A 387 28.17 24.82 16.76
CA GLY A 387 27.55 25.20 15.51
C GLY A 387 27.63 24.02 14.54
N VAL A 388 26.84 24.08 13.48
CA VAL A 388 26.80 22.99 12.48
C VAL A 388 28.11 22.72 11.74
N GLU A 389 28.70 23.75 11.12
CA GLU A 389 29.93 23.56 10.37
C GLU A 389 31.01 22.86 11.18
N ALA A 390 31.23 23.33 12.41
CA ALA A 390 32.25 22.76 13.27
C ALA A 390 32.04 21.27 13.54
N LEU A 391 30.82 20.88 13.89
CA LEU A 391 30.54 19.49 14.17
C LEU A 391 30.63 18.61 12.92
N VAL A 392 30.17 19.13 11.78
CA VAL A 392 30.25 18.37 10.55
C VAL A 392 31.72 18.11 10.22
N ASP A 393 32.54 19.15 10.32
CA ASP A 393 33.96 19.03 10.04
C ASP A 393 34.57 17.97 10.95
N ALA A 394 34.24 18.04 12.24
CA ALA A 394 34.75 17.09 13.22
C ALA A 394 34.32 15.65 12.96
N PHE A 395 33.03 15.44 12.70
CA PHE A 395 32.55 14.08 12.45
C PHE A 395 33.07 13.52 11.13
N SER A 396 33.23 14.39 10.14
CA SER A 396 33.72 13.97 8.83
C SER A 396 35.18 13.55 8.90
N ARG A 397 35.89 14.00 9.93
CA ARG A 397 37.30 13.66 10.06
C ARG A 397 37.58 12.48 10.98
N GLN A 398 36.62 12.12 11.84
CA GLN A 398 36.85 11.00 12.76
C GLN A 398 36.38 9.65 12.21
N PRO A 399 37.31 8.68 12.17
CA PRO A 399 36.96 7.35 11.67
C PRO A 399 35.92 6.62 12.52
N ALA A 400 35.06 5.88 11.83
CA ALA A 400 34.02 5.09 12.48
C ALA A 400 34.60 3.69 12.64
N GLY A 401 34.00 2.88 13.51
CA GLY A 401 34.50 1.54 13.71
C GLY A 401 34.00 0.53 12.69
N ARG A 402 34.75 -0.55 12.49
CA ARG A 402 34.38 -1.60 11.56
C ARG A 402 33.15 -2.35 12.11
N ILE A 403 32.18 -2.65 11.24
CA ILE A 403 30.96 -3.32 11.65
C ILE A 403 31.08 -4.83 11.82
N GLY A 404 31.58 -5.51 10.80
CA GLY A 404 31.71 -6.95 10.90
C GLY A 404 33.03 -7.36 11.52
N GLY A 405 33.21 -8.65 11.78
CA GLY A 405 34.45 -9.10 12.36
C GLY A 405 34.39 -9.45 13.83
N GLY A 406 33.45 -8.83 14.56
CA GLY A 406 33.31 -9.12 15.97
C GLY A 406 34.12 -8.26 16.92
N ARG A 407 33.82 -8.38 18.21
CA ARG A 407 34.50 -7.64 19.27
C ARG A 407 34.79 -6.18 18.95
N ASN A 408 33.78 -5.43 18.52
CA ASN A 408 34.03 -4.03 18.23
C ASN A 408 32.91 -3.08 18.64
N ILE A 409 32.18 -3.44 19.69
CA ILE A 409 31.12 -2.59 20.20
C ILE A 409 31.55 -1.99 21.55
N ASP A 410 31.59 -0.67 21.62
CA ASP A 410 31.97 0.03 22.85
C ASP A 410 31.11 -0.47 24.02
N HIS A 411 31.74 -0.69 25.17
CA HIS A 411 31.04 -1.18 26.35
C HIS A 411 29.88 -0.31 26.79
N HIS A 412 29.92 0.97 26.45
CA HIS A 412 28.85 1.89 26.83
C HIS A 412 27.50 1.54 26.20
N ILE A 413 27.53 0.90 25.05
CA ILE A 413 26.28 0.57 24.38
C ILE A 413 26.09 -0.91 24.09
N LEU A 414 26.96 -1.73 24.68
CA LEU A 414 26.88 -3.17 24.49
C LEU A 414 25.50 -3.71 24.91
N HIS A 415 24.88 -3.05 25.87
CA HIS A 415 23.57 -3.47 26.37
C HIS A 415 22.52 -3.50 25.26
N VAL A 416 22.73 -2.71 24.21
CA VAL A 416 21.79 -2.72 23.08
C VAL A 416 21.86 -4.08 22.40
N ALA A 417 23.08 -4.54 22.13
CA ALA A 417 23.28 -5.83 21.46
C ALA A 417 22.69 -6.97 22.26
N VAL A 418 22.79 -6.90 23.58
CA VAL A 418 22.24 -7.94 24.43
C VAL A 418 20.72 -7.99 24.23
N ASP A 419 20.10 -6.82 24.18
CA ASP A 419 18.66 -6.75 23.99
C ASP A 419 18.24 -7.18 22.58
N VAL A 420 19.10 -6.98 21.60
CA VAL A 420 18.80 -7.39 20.23
C VAL A 420 18.76 -8.91 20.17
N ILE A 421 19.70 -9.55 20.85
CA ILE A 421 19.74 -11.01 20.88
C ILE A 421 18.52 -11.55 21.63
N LYS A 422 18.19 -10.93 22.77
CA LYS A 422 17.02 -11.35 23.54
C LYS A 422 15.75 -11.15 22.70
N GLU A 423 15.65 -10.01 22.04
CA GLU A 423 14.51 -9.70 21.19
C GLU A 423 14.37 -10.78 20.12
N SER A 424 15.51 -11.17 19.54
CA SER A 424 15.53 -12.17 18.49
C SER A 424 14.87 -13.48 18.91
N ARG A 425 15.08 -13.87 20.17
CA ARG A 425 14.52 -15.09 20.70
C ARG A 425 13.03 -14.95 20.99
N VAL A 426 12.60 -13.74 21.34
CA VAL A 426 11.17 -13.55 21.58
C VAL A 426 10.44 -13.61 20.23
N LEU A 427 11.11 -13.12 19.19
CA LEU A 427 10.56 -13.12 17.83
C LEU A 427 10.69 -14.49 17.20
N ARG A 428 11.48 -15.36 17.84
CA ARG A 428 11.72 -16.70 17.35
C ARG A 428 12.22 -16.71 15.90
N LEU A 429 13.24 -15.89 15.64
CA LEU A 429 13.85 -15.80 14.32
C LEU A 429 14.54 -17.12 14.03
N GLN A 430 14.45 -17.57 12.79
CA GLN A 430 15.09 -18.81 12.40
C GLN A 430 16.59 -18.63 12.43
N PRO A 431 17.35 -19.73 12.41
CA PRO A 431 18.81 -19.65 12.43
C PRO A 431 19.44 -18.94 11.23
N PHE A 432 20.63 -18.42 11.46
CA PHE A 432 21.43 -17.71 10.46
C PHE A 432 21.50 -18.48 9.14
N ASN A 433 21.74 -19.79 9.20
CA ASN A 433 21.85 -20.57 7.97
C ASN A 433 20.56 -20.66 7.14
N GLU A 434 19.42 -20.54 7.81
CA GLU A 434 18.16 -20.58 7.07
C GLU A 434 18.06 -19.28 6.30
N TYR A 435 18.52 -18.20 6.91
CA TYR A 435 18.50 -16.91 6.24
C TYR A 435 19.53 -16.85 5.12
N ARG A 436 20.66 -17.53 5.29
CA ARG A 436 21.68 -17.55 4.23
C ARG A 436 21.03 -18.12 2.99
N LYS A 437 20.34 -19.25 3.16
CA LYS A 437 19.67 -19.89 2.05
C LYS A 437 18.56 -19.04 1.44
N ARG A 438 17.78 -18.37 2.29
CA ARG A 438 16.69 -17.53 1.81
C ARG A 438 17.23 -16.40 0.94
N PHE A 439 18.47 -16.01 1.16
CA PHE A 439 19.07 -14.92 0.40
C PHE A 439 20.08 -15.34 -0.67
N GLY A 440 19.96 -16.59 -1.12
CA GLY A 440 20.80 -17.09 -2.20
C GLY A 440 22.20 -17.58 -1.91
N MET A 441 22.54 -17.81 -0.64
CA MET A 441 23.87 -18.28 -0.31
C MET A 441 23.84 -19.70 0.26
N LYS A 442 25.00 -20.36 0.21
CA LYS A 442 25.13 -21.70 0.76
C LYS A 442 25.24 -21.55 2.27
N PRO A 443 24.62 -22.46 3.03
CA PRO A 443 24.72 -22.35 4.49
C PRO A 443 26.15 -22.70 4.88
N TYR A 444 26.59 -22.19 6.03
CA TYR A 444 27.94 -22.50 6.49
C TYR A 444 27.92 -23.91 7.06
N THR A 445 28.99 -24.67 6.81
CA THR A 445 29.08 -26.05 7.27
C THR A 445 29.75 -26.17 8.63
N SER A 446 30.37 -25.08 9.09
CA SER A 446 31.05 -25.08 10.39
C SER A 446 31.31 -23.66 10.82
N PHE A 447 31.58 -23.46 12.11
CA PHE A 447 31.87 -22.13 12.62
C PHE A 447 33.19 -21.63 12.07
N GLN A 448 34.10 -22.55 11.78
CA GLN A 448 35.40 -22.22 11.23
C GLN A 448 35.20 -21.52 9.88
N GLU A 449 34.34 -22.11 9.06
CA GLU A 449 34.07 -21.53 7.74
C GLU A 449 33.41 -20.17 7.91
N LEU A 450 32.57 -20.05 8.94
CA LEU A 450 31.88 -18.80 9.23
C LEU A 450 32.81 -17.65 9.60
N THR A 451 33.64 -17.87 10.62
CA THR A 451 34.55 -16.84 11.12
C THR A 451 35.86 -16.69 10.34
N GLY A 452 36.31 -17.77 9.72
CA GLY A 452 37.55 -17.70 8.97
C GLY A 452 38.74 -17.89 9.88
N GLU A 453 38.49 -18.12 11.16
CA GLU A 453 39.56 -18.33 12.12
C GLU A 453 39.26 -19.57 12.97
N LYS A 454 40.01 -19.76 14.07
CA LYS A 454 39.80 -20.96 14.88
C LYS A 454 39.45 -20.76 16.35
N GLU A 455 39.95 -19.70 16.97
CA GLU A 455 39.69 -19.48 18.39
C GLU A 455 38.21 -19.22 18.70
N MET A 456 37.61 -18.20 18.08
CA MET A 456 36.20 -17.91 18.33
C MET A 456 35.32 -19.06 17.84
N ALA A 457 35.67 -19.61 16.68
CA ALA A 457 34.92 -20.71 16.11
C ALA A 457 34.76 -21.86 17.11
N ALA A 458 35.87 -22.25 17.73
CA ALA A 458 35.83 -23.34 18.72
C ALA A 458 34.91 -23.02 19.89
N GLU A 459 34.97 -21.80 20.41
CA GLU A 459 34.12 -21.43 21.53
C GLU A 459 32.66 -21.40 21.11
N LEU A 460 32.37 -20.78 19.96
CA LEU A 460 31.00 -20.70 19.47
C LEU A 460 30.45 -22.11 19.29
N GLU A 461 31.29 -22.98 18.74
CA GLU A 461 30.93 -24.37 18.49
C GLU A 461 30.49 -25.05 19.80
N GLU A 462 31.20 -24.77 20.88
CA GLU A 462 30.86 -25.39 22.16
C GLU A 462 29.59 -24.80 22.78
N LEU A 463 29.39 -23.50 22.60
CA LEU A 463 28.22 -22.83 23.15
C LEU A 463 26.93 -23.20 22.42
N TYR A 464 26.98 -23.20 21.09
CA TYR A 464 25.83 -23.53 20.28
C TYR A 464 25.68 -25.02 19.97
N GLY A 465 26.81 -25.72 19.88
CA GLY A 465 26.77 -27.14 19.59
C GLY A 465 26.63 -27.46 18.13
N ASP A 466 25.99 -26.57 17.36
CA ASP A 466 25.80 -26.80 15.93
C ASP A 466 25.67 -25.51 15.14
N ILE A 467 26.35 -25.46 14.00
CA ILE A 467 26.34 -24.29 13.13
C ILE A 467 24.90 -23.95 12.72
N ASP A 468 24.05 -24.96 12.63
CA ASP A 468 22.66 -24.74 12.25
C ASP A 468 21.82 -24.16 13.40
N ALA A 469 22.46 -23.90 14.53
CA ALA A 469 21.74 -23.34 15.68
C ALA A 469 22.14 -21.87 15.87
N LEU A 470 23.17 -21.45 15.14
CA LEU A 470 23.64 -20.08 15.24
C LEU A 470 22.51 -19.09 14.92
N GLU A 471 22.37 -18.06 15.75
CA GLU A 471 21.32 -17.07 15.55
C GLU A 471 21.68 -15.99 14.52
N PHE A 472 20.64 -15.32 14.04
CA PHE A 472 20.75 -14.29 13.02
C PHE A 472 21.75 -13.16 13.26
N TYR A 473 21.49 -12.32 14.26
CA TYR A 473 22.37 -11.18 14.55
C TYR A 473 23.82 -11.58 14.88
N PRO A 474 24.03 -12.56 15.77
CA PRO A 474 25.41 -12.96 16.08
C PRO A 474 26.11 -13.41 14.79
N GLY A 475 25.37 -14.14 13.96
CA GLY A 475 25.94 -14.62 12.71
C GLY A 475 26.41 -13.49 11.82
N LEU A 476 25.58 -12.46 11.65
CA LEU A 476 25.93 -11.33 10.80
C LEU A 476 27.18 -10.62 11.27
N LEU A 477 27.28 -10.41 12.58
CA LEU A 477 28.42 -9.70 13.14
C LEU A 477 29.72 -10.51 13.28
N LEU A 478 29.61 -11.84 13.34
CA LEU A 478 30.81 -12.67 13.50
C LEU A 478 31.35 -13.26 12.21
N GLU A 479 30.61 -13.11 11.11
CA GLU A 479 31.04 -13.63 9.83
C GLU A 479 32.34 -12.94 9.41
N LYS A 480 33.22 -13.68 8.73
CA LYS A 480 34.49 -13.10 8.28
C LYS A 480 34.18 -11.97 7.28
N CYS A 481 34.95 -10.90 7.34
CA CYS A 481 34.75 -9.76 6.45
C CYS A 481 35.47 -9.89 5.11
N HIS A 482 34.89 -9.28 4.08
CA HIS A 482 35.50 -9.28 2.76
C HIS A 482 36.86 -8.62 2.92
N PRO A 483 37.74 -8.74 1.91
CA PRO A 483 39.07 -8.12 2.00
C PRO A 483 38.98 -6.59 2.13
N ASN A 484 39.50 -6.06 3.24
CA ASN A 484 39.49 -4.61 3.47
C ASN A 484 38.08 -4.03 3.49
N SER A 485 37.09 -4.82 3.86
CA SER A 485 35.71 -4.32 3.87
C SER A 485 35.17 -4.03 5.27
N ILE A 486 34.09 -3.26 5.32
CA ILE A 486 33.46 -2.89 6.58
C ILE A 486 32.71 -4.06 7.23
N PHE A 487 32.21 -5.00 6.42
CA PHE A 487 31.54 -6.19 6.95
C PHE A 487 31.54 -7.37 5.99
N GLY A 488 30.94 -8.48 6.42
CA GLY A 488 30.89 -9.70 5.62
C GLY A 488 29.91 -9.74 4.47
N GLU A 489 29.94 -10.83 3.71
CA GLU A 489 29.06 -10.96 2.55
C GLU A 489 27.58 -11.07 2.92
N SER A 490 27.28 -11.71 4.04
CA SER A 490 25.88 -11.87 4.45
C SER A 490 25.21 -10.52 4.69
N MET A 491 25.95 -9.58 5.27
CA MET A 491 25.40 -8.25 5.53
C MET A 491 24.99 -7.61 4.20
N ILE A 492 25.83 -7.80 3.19
CA ILE A 492 25.55 -7.25 1.85
C ILE A 492 24.41 -7.99 1.17
N GLU A 493 24.53 -9.32 1.10
CA GLU A 493 23.52 -10.14 0.44
C GLU A 493 22.14 -10.09 1.09
N MET A 494 22.08 -9.82 2.39
CA MET A 494 20.78 -9.75 3.06
C MET A 494 20.34 -8.30 3.18
N GLY A 495 21.30 -7.42 3.44
CA GLY A 495 20.99 -6.01 3.59
C GLY A 495 20.60 -5.27 2.33
N ALA A 496 21.31 -5.54 1.23
CA ALA A 496 21.02 -4.87 -0.04
C ALA A 496 19.57 -5.02 -0.49
N PRO A 497 19.03 -6.25 -0.51
CA PRO A 497 17.64 -6.42 -0.94
C PRO A 497 16.69 -5.51 -0.16
N PHE A 498 16.78 -5.55 1.17
CA PHE A 498 15.92 -4.72 2.01
C PHE A 498 16.10 -3.24 1.75
N SER A 499 17.35 -2.82 1.65
N SER A 499 17.35 -2.81 1.66
CA SER A 499 17.69 -1.42 1.41
CA SER A 499 17.66 -1.40 1.42
C SER A 499 17.16 -0.89 0.10
C SER A 499 17.15 -0.87 0.08
N LEU A 500 17.53 -1.54 -1.01
CA LEU A 500 17.11 -1.10 -2.33
C LEU A 500 15.60 -1.15 -2.49
N LYS A 501 14.96 -2.18 -1.95
CA LYS A 501 13.50 -2.29 -2.02
C LYS A 501 12.88 -1.11 -1.30
N GLY A 502 13.45 -0.76 -0.14
CA GLY A 502 12.94 0.35 0.63
C GLY A 502 13.13 1.71 -0.03
N LEU A 503 14.22 1.89 -0.77
CA LEU A 503 14.48 3.16 -1.44
C LEU A 503 13.66 3.34 -2.71
N LEU A 504 13.70 2.36 -3.59
CA LEU A 504 12.96 2.44 -4.84
C LEU A 504 11.47 2.11 -4.69
N GLY A 505 11.13 1.42 -3.60
CA GLY A 505 9.74 1.07 -3.37
C GLY A 505 8.93 2.28 -2.96
N ASN A 506 9.59 3.41 -2.73
CA ASN A 506 8.91 4.63 -2.34
C ASN A 506 8.01 5.09 -3.50
N PRO A 507 6.79 5.55 -3.22
CA PRO A 507 5.92 6.00 -4.32
C PRO A 507 6.48 7.16 -5.15
N ILE A 508 7.40 7.95 -4.62
CA ILE A 508 7.91 9.06 -5.42
C ILE A 508 8.74 8.55 -6.59
N CYS A 509 9.09 7.26 -6.56
CA CYS A 509 9.87 6.65 -7.63
C CYS A 509 8.98 6.00 -8.68
N SER A 510 7.67 6.01 -8.43
CA SER A 510 6.75 5.40 -9.36
C SER A 510 6.58 6.29 -10.59
N PRO A 511 6.14 5.71 -11.71
CA PRO A 511 5.95 6.52 -12.93
C PRO A 511 4.91 7.63 -12.69
N GLU A 512 3.97 7.35 -11.79
CA GLU A 512 2.91 8.31 -11.48
C GLU A 512 3.42 9.56 -10.78
N TYR A 513 4.36 9.39 -9.86
CA TYR A 513 4.93 10.51 -9.10
C TYR A 513 6.21 11.13 -9.65
N TRP A 514 7.07 10.33 -10.27
CA TRP A 514 8.36 10.84 -10.77
C TRP A 514 8.21 11.75 -11.98
N LYS A 515 7.70 12.95 -11.74
CA LYS A 515 7.44 13.97 -12.76
C LYS A 515 7.88 15.30 -12.16
N ALA A 516 8.19 16.28 -13.01
CA ALA A 516 8.62 17.59 -12.53
C ALA A 516 7.54 18.30 -11.70
N SER A 517 6.27 18.18 -12.10
CA SER A 517 5.20 18.84 -11.36
C SER A 517 5.07 18.36 -9.91
N THR A 518 5.46 17.12 -9.64
CA THR A 518 5.37 16.59 -8.28
C THR A 518 6.21 17.43 -7.34
N PHE A 519 7.36 17.88 -7.83
CA PHE A 519 8.30 18.67 -7.05
C PHE A 519 8.21 20.18 -7.31
N GLY A 520 7.09 20.61 -7.89
CA GLY A 520 6.90 22.02 -8.16
C GLY A 520 7.55 22.57 -9.42
N GLY A 521 8.01 21.69 -10.30
CA GLY A 521 8.63 22.15 -11.53
C GLY A 521 10.08 21.72 -11.63
N GLU A 522 10.73 22.18 -12.68
CA GLU A 522 12.13 21.85 -12.96
C GLU A 522 13.09 22.22 -11.83
N VAL A 523 12.87 23.35 -11.20
CA VAL A 523 13.73 23.79 -10.11
C VAL A 523 13.75 22.78 -8.97
N GLY A 524 12.56 22.33 -8.55
CA GLY A 524 12.48 21.36 -7.47
C GLY A 524 12.97 19.99 -7.92
N PHE A 525 12.62 19.62 -9.14
CA PHE A 525 13.00 18.33 -9.69
C PHE A 525 14.52 18.22 -9.80
N ASN A 526 15.19 19.32 -10.16
CA ASN A 526 16.64 19.31 -10.28
C ASN A 526 17.30 19.31 -8.89
N LEU A 527 16.60 19.83 -7.89
CA LEU A 527 17.15 19.82 -6.54
C LEU A 527 17.30 18.36 -6.14
N VAL A 528 16.29 17.55 -6.49
CA VAL A 528 16.31 16.12 -6.19
C VAL A 528 17.40 15.43 -7.01
N LYS A 529 17.38 15.67 -8.32
CA LYS A 529 18.34 15.05 -9.23
C LYS A 529 19.81 15.36 -9.00
N THR A 530 20.12 16.52 -8.43
CA THR A 530 21.52 16.88 -8.22
C THR A 530 21.91 16.98 -6.74
N ALA A 531 21.05 16.45 -5.85
CA ALA A 531 21.32 16.51 -4.42
C ALA A 531 22.67 15.88 -4.06
N THR A 532 23.33 16.50 -3.10
CA THR A 532 24.63 16.04 -2.66
C THR A 532 24.80 16.31 -1.16
N LEU A 533 25.59 15.49 -0.48
CA LEU A 533 25.82 15.69 0.93
C LEU A 533 26.46 17.06 1.13
N LYS A 534 27.48 17.35 0.32
CA LYS A 534 28.18 18.62 0.41
C LYS A 534 27.23 19.80 0.23
N LYS A 535 26.33 19.71 -0.74
CA LYS A 535 25.36 20.78 -0.97
C LYS A 535 24.36 20.86 0.17
N LEU A 536 23.95 19.71 0.68
CA LEU A 536 22.99 19.67 1.79
C LEU A 536 23.52 20.50 2.96
N VAL A 537 24.83 20.40 3.20
CA VAL A 537 25.48 21.12 4.29
C VAL A 537 25.86 22.56 3.92
N CYS A 538 26.74 22.70 2.92
CA CYS A 538 27.23 24.01 2.51
C CYS A 538 26.20 25.05 2.07
N LEU A 539 25.06 24.63 1.55
CA LEU A 539 24.04 25.61 1.16
C LEU A 539 23.18 26.00 2.37
N ASN A 540 23.45 25.37 3.52
CA ASN A 540 22.69 25.66 4.73
C ASN A 540 23.57 26.10 5.90
N THR A 541 24.82 26.47 5.61
CA THR A 541 25.75 26.93 6.64
C THR A 541 26.48 28.19 6.17
N LYS A 542 27.06 28.92 7.11
CA LYS A 542 27.79 30.15 6.78
C LYS A 542 29.04 29.86 5.96
N THR A 543 29.87 28.94 6.46
CA THR A 543 31.09 28.55 5.76
C THR A 543 30.96 27.10 5.32
N CYS A 544 31.85 26.66 4.43
CA CYS A 544 31.80 25.30 3.92
C CYS A 544 32.98 24.48 4.48
N PRO A 545 32.69 23.57 5.42
CA PRO A 545 33.72 22.72 6.05
C PRO A 545 33.99 21.45 5.24
N TYR A 546 34.89 20.63 5.74
CA TYR A 546 35.16 19.36 5.07
C TYR A 546 33.94 18.49 5.34
N VAL A 547 33.30 18.00 4.29
CA VAL A 547 32.11 17.17 4.43
C VAL A 547 32.16 15.95 3.52
N SER A 548 32.04 14.78 4.13
CA SER A 548 32.10 13.53 3.38
C SER A 548 31.72 12.36 4.27
N PHE A 549 31.55 11.20 3.65
CA PHE A 549 31.22 9.97 4.37
C PHE A 549 32.50 9.18 4.63
N HIS A 550 33.63 9.69 4.15
CA HIS A 550 34.91 9.04 4.40
C HIS A 550 35.91 10.08 4.88
N VAL A 551 36.82 9.65 5.75
CA VAL A 551 37.83 10.55 6.30
C VAL A 551 38.68 11.11 5.16
N PRO A 552 39.30 12.28 5.39
CA PRO A 552 40.13 12.85 4.33
C PRO A 552 41.39 12.01 4.11
N ASP A 553 41.95 12.06 2.91
CA ASP A 553 43.16 11.30 2.61
C ASP A 553 44.33 11.71 3.51
N PRO B 1 -6.50 38.74 -11.41
CA PRO B 1 -5.96 37.76 -12.38
C PRO B 1 -6.70 36.42 -12.23
N VAL B 2 -7.44 36.02 -13.26
CA VAL B 2 -8.18 34.77 -13.23
C VAL B 2 -7.25 33.56 -13.24
N ASN B 3 -7.46 32.67 -12.27
CA ASN B 3 -6.67 31.45 -12.15
C ASN B 3 -6.72 30.70 -13.48
N PRO B 4 -5.59 30.62 -14.19
CA PRO B 4 -5.56 29.93 -15.49
C PRO B 4 -5.97 28.45 -15.47
N CYS B 5 -5.72 27.74 -14.37
CA CYS B 5 -6.11 26.34 -14.36
C CYS B 5 -7.65 26.18 -14.32
N CYS B 6 -8.38 27.28 -14.18
CA CYS B 6 -9.84 27.22 -14.16
C CYS B 6 -10.35 26.92 -15.57
N TYR B 7 -9.49 27.15 -16.57
CA TYR B 7 -9.85 26.89 -17.97
C TYR B 7 -9.56 25.45 -18.35
N TYR B 8 -9.01 24.67 -17.41
CA TYR B 8 -8.66 23.28 -17.67
C TYR B 8 -7.86 23.22 -18.95
N PRO B 9 -6.81 24.05 -19.06
CA PRO B 9 -5.97 24.09 -20.27
C PRO B 9 -5.18 22.83 -20.61
N CYS B 10 -4.68 22.13 -19.60
CA CYS B 10 -3.88 20.92 -19.87
C CYS B 10 -4.72 19.72 -20.24
N GLN B 11 -4.44 19.16 -21.41
CA GLN B 11 -5.17 18.00 -21.93
C GLN B 11 -4.42 16.70 -21.71
N HIS B 12 -5.10 15.60 -22.03
CA HIS B 12 -4.54 14.26 -21.96
C HIS B 12 -3.76 13.91 -20.70
N GLN B 13 -4.30 14.28 -19.55
CA GLN B 13 -3.69 13.99 -18.26
C GLN B 13 -2.44 14.81 -17.96
N GLY B 14 -2.21 15.86 -18.74
CA GLY B 14 -1.08 16.73 -18.47
C GLY B 14 -1.43 17.43 -17.17
N ILE B 15 -0.42 17.83 -16.41
CA ILE B 15 -0.67 18.48 -15.11
C ILE B 15 -0.46 19.98 -15.09
N CYS B 16 -1.52 20.72 -14.77
CA CYS B 16 -1.51 22.19 -14.70
C CYS B 16 -0.91 22.69 -13.40
N VAL B 17 0.16 23.47 -13.50
CA VAL B 17 0.81 24.03 -12.32
C VAL B 17 0.94 25.55 -12.48
N ARG B 18 0.49 26.27 -11.47
CA ARG B 18 0.52 27.72 -11.45
C ARG B 18 1.97 28.20 -11.24
N PHE B 19 2.44 29.08 -12.12
CA PHE B 19 3.79 29.63 -12.03
C PHE B 19 3.69 31.16 -12.01
N GLY B 20 4.43 31.79 -11.12
CA GLY B 20 4.39 33.23 -11.03
C GLY B 20 3.01 33.69 -10.61
N LEU B 21 2.72 34.97 -10.83
CA LEU B 21 1.44 35.55 -10.45
C LEU B 21 0.26 35.19 -11.35
N ASP B 22 0.49 34.98 -12.65
CA ASP B 22 -0.61 34.68 -13.55
C ASP B 22 -0.34 33.66 -14.65
N ARG B 23 0.80 32.98 -14.57
CA ARG B 23 1.16 31.99 -15.58
C ARG B 23 0.87 30.56 -15.13
N TYR B 24 1.08 29.62 -16.05
CA TYR B 24 0.88 28.20 -15.76
C TYR B 24 1.71 27.40 -16.76
N GLN B 25 2.01 26.14 -16.41
CA GLN B 25 2.76 25.24 -17.27
C GLN B 25 2.15 23.85 -17.16
N CYS B 26 2.14 23.11 -18.27
CA CYS B 26 1.60 21.76 -18.25
C CYS B 26 2.73 20.76 -18.26
N ASP B 27 2.67 19.81 -17.34
CA ASP B 27 3.67 18.76 -17.25
C ASP B 27 3.14 17.63 -18.13
N CYS B 28 3.71 17.45 -19.31
CA CYS B 28 3.25 16.40 -20.24
C CYS B 28 3.97 15.08 -20.12
N THR B 29 4.82 14.93 -19.09
CA THR B 29 5.56 13.71 -18.85
C THR B 29 4.71 12.43 -19.01
N ARG B 30 5.18 11.55 -19.90
CA ARG B 30 4.54 10.27 -20.18
C ARG B 30 3.07 10.31 -20.59
N THR B 31 2.59 11.44 -21.07
CA THR B 31 1.20 11.54 -21.49
C THR B 31 1.07 11.09 -22.94
N GLY B 32 2.18 11.04 -23.66
CA GLY B 32 2.14 10.67 -25.06
C GLY B 32 1.97 11.91 -25.93
N TYR B 33 2.00 13.08 -25.30
CA TYR B 33 1.86 14.35 -26.01
C TYR B 33 2.87 15.39 -25.54
N SER B 34 2.95 16.50 -26.26
CA SER B 34 3.85 17.61 -25.94
C SER B 34 3.11 18.90 -26.26
N GLY B 35 3.81 20.02 -26.20
CA GLY B 35 3.17 21.29 -26.48
C GLY B 35 2.75 21.99 -25.20
N PRO B 36 2.40 23.28 -25.28
CA PRO B 36 1.98 24.07 -24.11
C PRO B 36 0.82 23.46 -23.33
N ASN B 37 -0.14 22.89 -24.04
CA ASN B 37 -1.29 22.30 -23.36
C ASN B 37 -1.39 20.79 -23.49
N CYS B 38 -0.20 20.18 -23.87
N CYS B 38 -0.30 20.11 -23.86
CA CYS B 38 -0.08 18.75 -24.11
CA CYS B 38 -0.26 18.65 -24.05
C CYS B 38 -1.11 18.28 -25.13
C CYS B 38 -1.20 18.21 -25.15
N THR B 39 -1.11 18.86 -26.25
CA THR B 39 -1.98 18.53 -27.37
C THR B 39 -1.28 17.98 -28.61
N ILE B 40 0.04 18.11 -28.70
CA ILE B 40 0.78 17.60 -29.86
C ILE B 40 1.13 16.14 -29.63
N PRO B 41 0.46 15.23 -30.36
CA PRO B 41 0.70 13.79 -30.24
C PRO B 41 1.96 13.24 -30.86
N GLU B 42 2.46 12.16 -30.26
CA GLU B 42 3.64 11.46 -30.76
C GLU B 42 3.09 10.50 -31.81
N ILE B 43 3.96 9.88 -32.59
CA ILE B 43 3.49 8.98 -33.65
C ILE B 43 2.54 7.88 -33.19
N TRP B 44 2.99 7.04 -32.26
CA TRP B 44 2.15 5.96 -31.77
C TRP B 44 0.89 6.46 -31.09
N THR B 45 0.98 7.61 -30.43
CA THR B 45 -0.20 8.16 -29.76
C THR B 45 -1.27 8.47 -30.80
N TRP B 46 -0.84 9.12 -31.88
CA TRP B 46 -1.74 9.51 -32.96
C TRP B 46 -2.38 8.30 -33.65
N LEU B 47 -1.57 7.30 -33.98
CA LEU B 47 -2.07 6.11 -34.64
C LEU B 47 -3.09 5.41 -33.77
N ARG B 48 -2.74 5.26 -32.49
CA ARG B 48 -3.63 4.60 -31.54
C ARG B 48 -4.97 5.32 -31.46
N THR B 49 -4.94 6.65 -31.40
CA THR B 49 -6.18 7.41 -31.29
C THR B 49 -7.02 7.52 -32.56
N THR B 50 -6.38 7.59 -33.71
CA THR B 50 -7.12 7.72 -34.96
C THR B 50 -7.62 6.38 -35.50
N LEU B 51 -6.99 5.30 -35.05
CA LEU B 51 -7.39 3.97 -35.50
C LEU B 51 -8.29 3.27 -34.47
N ARG B 52 -8.38 3.82 -33.27
CA ARG B 52 -9.19 3.22 -32.23
C ARG B 52 -10.69 3.39 -32.46
N PRO B 53 -11.44 2.28 -32.55
CA PRO B 53 -12.88 2.38 -32.77
C PRO B 53 -13.53 2.99 -31.52
N SER B 54 -14.73 3.52 -31.67
CA SER B 54 -15.42 4.15 -30.54
C SER B 54 -15.96 3.15 -29.53
N PRO B 55 -16.29 3.63 -28.31
CA PRO B 55 -16.81 2.76 -27.26
C PRO B 55 -18.12 2.11 -27.71
N SER B 56 -18.89 2.84 -28.52
CA SER B 56 -20.16 2.35 -29.02
C SER B 56 -19.99 1.20 -30.01
N PHE B 57 -18.97 1.29 -30.87
CA PHE B 57 -18.71 0.24 -31.84
C PHE B 57 -18.18 -1.00 -31.14
N ILE B 58 -17.33 -0.80 -30.14
CA ILE B 58 -16.77 -1.92 -29.41
C ILE B 58 -17.88 -2.61 -28.62
N HIS B 59 -18.76 -1.81 -28.02
CA HIS B 59 -19.86 -2.36 -27.26
C HIS B 59 -20.73 -3.19 -28.19
N PHE B 60 -20.87 -2.71 -29.44
CA PHE B 60 -21.65 -3.42 -30.44
C PHE B 60 -21.01 -4.79 -30.73
N LEU B 61 -19.71 -4.79 -31.02
CA LEU B 61 -19.00 -6.03 -31.31
C LEU B 61 -19.13 -7.05 -30.18
N LEU B 62 -19.02 -6.56 -28.94
CA LEU B 62 -19.11 -7.42 -27.76
C LEU B 62 -20.50 -7.95 -27.42
N THR B 63 -21.52 -7.42 -28.07
CA THR B 63 -22.89 -7.88 -27.77
C THR B 63 -23.62 -8.44 -28.97
N HIS B 64 -22.86 -8.85 -29.99
CA HIS B 64 -23.44 -9.43 -31.19
C HIS B 64 -22.58 -10.59 -31.71
N GLY B 65 -23.18 -11.45 -32.53
CA GLY B 65 -22.46 -12.59 -33.08
C GLY B 65 -22.06 -13.61 -32.03
N ARG B 66 -23.04 -14.13 -31.29
CA ARG B 66 -22.75 -15.10 -30.24
C ARG B 66 -22.01 -16.32 -30.77
N TRP B 67 -22.33 -16.72 -32.00
CA TRP B 67 -21.68 -17.87 -32.61
C TRP B 67 -20.16 -17.67 -32.65
N LEU B 68 -19.73 -16.48 -33.04
CA LEU B 68 -18.29 -16.21 -33.11
C LEU B 68 -17.67 -16.15 -31.71
N TRP B 69 -18.40 -15.54 -30.77
CA TRP B 69 -17.89 -15.43 -29.40
C TRP B 69 -17.81 -16.78 -28.72
N ASP B 70 -18.79 -17.65 -28.97
CA ASP B 70 -18.77 -19.00 -28.39
C ASP B 70 -17.48 -19.69 -28.83
N PHE B 71 -17.12 -19.49 -30.09
CA PHE B 71 -15.91 -20.08 -30.64
C PHE B 71 -14.68 -19.48 -29.97
N VAL B 72 -14.63 -18.15 -29.93
CA VAL B 72 -13.53 -17.41 -29.31
C VAL B 72 -13.33 -17.78 -27.84
N ASN B 73 -14.43 -17.81 -27.08
CA ASN B 73 -14.36 -18.14 -25.67
C ASN B 73 -13.75 -19.49 -25.35
N ALA B 74 -13.72 -20.39 -26.33
CA ALA B 74 -13.15 -21.72 -26.12
C ALA B 74 -11.70 -21.80 -26.57
N THR B 75 -11.12 -20.66 -26.94
CA THR B 75 -9.73 -20.61 -27.40
C THR B 75 -8.87 -19.68 -26.54
N PHE B 76 -7.57 -19.63 -26.84
CA PHE B 76 -6.64 -18.79 -26.10
C PHE B 76 -7.01 -17.32 -26.28
N ILE B 77 -7.81 -17.02 -27.29
CA ILE B 77 -8.22 -15.64 -27.53
C ILE B 77 -9.00 -15.06 -26.35
N ARG B 78 -9.69 -15.92 -25.60
CA ARG B 78 -10.45 -15.47 -24.44
C ARG B 78 -9.48 -14.83 -23.43
N ASP B 79 -8.33 -15.48 -23.23
CA ASP B 79 -7.33 -14.96 -22.29
C ASP B 79 -6.67 -13.70 -22.85
N THR B 80 -6.36 -13.70 -24.13
CA THR B 80 -5.74 -12.55 -24.77
C THR B 80 -6.61 -11.29 -24.60
N LEU B 81 -7.91 -11.42 -24.85
CA LEU B 81 -8.81 -10.29 -24.72
C LEU B 81 -9.04 -9.88 -23.26
N MET B 82 -9.18 -10.85 -22.37
CA MET B 82 -9.41 -10.52 -20.97
C MET B 82 -8.19 -9.77 -20.45
N ARG B 83 -7.00 -10.15 -20.90
CA ARG B 83 -5.78 -9.48 -20.46
C ARG B 83 -5.78 -8.05 -20.97
N LEU B 84 -6.15 -7.88 -22.23
CA LEU B 84 -6.23 -6.56 -22.86
C LEU B 84 -7.20 -5.68 -22.07
N VAL B 85 -8.39 -6.22 -21.79
CA VAL B 85 -9.42 -5.48 -21.04
C VAL B 85 -8.86 -5.00 -19.70
N LEU B 86 -8.28 -5.95 -18.95
CA LEU B 86 -7.70 -5.68 -17.65
C LEU B 86 -6.65 -4.56 -17.66
N THR B 87 -5.65 -4.72 -18.51
CA THR B 87 -4.58 -3.73 -18.58
C THR B 87 -4.99 -2.38 -19.14
N VAL B 88 -5.73 -2.38 -20.24
CA VAL B 88 -6.15 -1.12 -20.83
C VAL B 88 -7.09 -0.33 -19.92
N ARG B 89 -8.02 -1.01 -19.25
CA ARG B 89 -8.96 -0.32 -18.35
C ARG B 89 -8.27 0.21 -17.09
N SER B 90 -7.52 -0.66 -16.41
CA SER B 90 -6.85 -0.25 -15.17
C SER B 90 -5.78 0.82 -15.37
N ASN B 91 -5.15 0.86 -16.54
CA ASN B 91 -4.11 1.86 -16.82
C ASN B 91 -4.66 3.29 -16.71
N LEU B 92 -5.98 3.45 -16.70
CA LEU B 92 -6.58 4.78 -16.61
C LEU B 92 -6.61 5.31 -15.18
N ILE B 93 -6.41 4.44 -14.20
CA ILE B 93 -6.44 4.81 -12.79
C ILE B 93 -5.04 5.01 -12.23
N PRO B 94 -4.73 6.20 -11.70
CA PRO B 94 -3.39 6.43 -11.16
C PRO B 94 -3.12 5.57 -9.92
N SER B 95 -1.94 4.96 -9.89
CA SER B 95 -1.54 4.12 -8.77
C SER B 95 -0.02 4.18 -8.67
N PRO B 96 0.52 4.63 -7.52
CA PRO B 96 -0.18 5.07 -6.31
C PRO B 96 -1.15 6.22 -6.57
N PRO B 97 -2.16 6.38 -5.67
CA PRO B 97 -3.17 7.44 -5.80
C PRO B 97 -2.57 8.83 -5.76
N THR B 98 -3.29 9.78 -6.37
CA THR B 98 -2.84 11.16 -6.45
C THR B 98 -3.48 12.17 -5.50
N TYR B 99 -4.66 12.65 -5.85
CA TYR B 99 -5.31 13.69 -5.05
C TYR B 99 -6.39 13.25 -4.08
N ASN B 100 -6.77 14.15 -3.18
CA ASN B 100 -7.85 13.91 -2.24
C ASN B 100 -8.54 15.24 -1.99
N ILE B 101 -9.60 15.23 -1.19
CA ILE B 101 -10.36 16.45 -0.92
C ILE B 101 -9.53 17.62 -0.39
N ALA B 102 -8.41 17.32 0.25
CA ALA B 102 -7.57 18.39 0.79
C ALA B 102 -6.42 18.85 -0.11
N HIS B 103 -5.91 17.94 -0.94
CA HIS B 103 -4.78 18.29 -1.81
C HIS B 103 -5.01 18.05 -3.30
N ASP B 104 -4.92 19.11 -4.11
CA ASP B 104 -5.06 18.98 -5.55
C ASP B 104 -3.69 18.88 -6.18
N TYR B 105 -2.82 18.12 -5.53
CA TYR B 105 -1.46 17.91 -6.00
C TYR B 105 -0.96 16.69 -5.23
N ILE B 106 0.11 16.08 -5.73
CA ILE B 106 0.65 14.93 -5.07
C ILE B 106 1.31 15.35 -3.76
N SER B 107 1.13 14.55 -2.70
CA SER B 107 1.71 14.86 -1.41
C SER B 107 1.81 13.59 -0.59
N TRP B 108 2.73 13.59 0.36
CA TRP B 108 2.88 12.43 1.20
C TRP B 108 1.64 12.16 2.03
N GLU B 109 0.94 13.22 2.44
CA GLU B 109 -0.27 13.07 3.24
C GLU B 109 -1.34 12.36 2.43
N SER B 110 -1.49 12.76 1.17
CA SER B 110 -2.48 12.13 0.32
C SER B 110 -2.13 10.67 0.11
N PHE B 111 -0.84 10.38 -0.01
CA PHE B 111 -0.43 9.01 -0.20
C PHE B 111 -0.63 8.16 1.06
N SER B 112 -0.29 8.69 2.24
CA SER B 112 -0.39 7.91 3.47
C SER B 112 -1.68 7.89 4.29
N ASN B 113 -2.44 8.97 4.28
CA ASN B 113 -3.66 9.00 5.08
C ASN B 113 -4.82 8.31 4.35
N VAL B 114 -5.09 7.07 4.73
CA VAL B 114 -6.16 6.29 4.10
C VAL B 114 -7.58 6.62 4.55
N SER B 115 -7.75 7.60 5.44
CA SER B 115 -9.09 7.99 5.83
C SER B 115 -9.72 8.84 4.71
N TYR B 116 -8.87 9.28 3.78
CA TYR B 116 -9.32 10.08 2.64
C TYR B 116 -9.71 9.22 1.44
N TYR B 117 -10.75 9.62 0.74
CA TYR B 117 -11.09 8.96 -0.51
C TYR B 117 -10.08 9.66 -1.45
N THR B 118 -9.67 9.03 -2.54
CA THR B 118 -8.76 9.71 -3.45
C THR B 118 -9.67 10.33 -4.51
N ARG B 119 -9.08 11.01 -5.49
CA ARG B 119 -9.86 11.57 -6.58
C ARG B 119 -9.00 11.54 -7.84
N ILE B 120 -9.63 11.45 -9.00
CA ILE B 120 -8.90 11.38 -10.27
C ILE B 120 -8.59 12.74 -10.88
N LEU B 121 -9.54 13.66 -10.82
CA LEU B 121 -9.29 14.98 -11.34
C LEU B 121 -9.28 15.93 -10.15
N PRO B 122 -8.43 16.96 -10.18
CA PRO B 122 -8.42 17.88 -9.04
C PRO B 122 -9.77 18.60 -8.94
N SER B 123 -10.02 19.23 -7.80
CA SER B 123 -11.28 19.94 -7.60
C SER B 123 -11.33 21.22 -8.43
N VAL B 124 -12.52 21.78 -8.57
CA VAL B 124 -12.66 23.04 -9.30
C VAL B 124 -12.06 24.07 -8.34
N PRO B 125 -11.04 24.81 -8.79
CA PRO B 125 -10.41 25.83 -7.93
C PRO B 125 -11.42 26.72 -7.24
N ARG B 126 -11.25 26.93 -5.94
CA ARG B 126 -12.20 27.76 -5.18
C ARG B 126 -12.27 29.20 -5.68
N ASP B 127 -11.24 29.65 -6.39
CA ASP B 127 -11.21 31.02 -6.89
C ASP B 127 -11.61 31.17 -8.36
N CYS B 128 -12.42 30.24 -8.88
CA CYS B 128 -12.85 30.34 -10.27
C CYS B 128 -14.10 31.22 -10.38
N PRO B 129 -14.31 31.83 -11.55
CA PRO B 129 -15.46 32.71 -11.83
C PRO B 129 -16.83 32.07 -11.59
N THR B 130 -16.93 30.77 -11.87
CA THR B 130 -18.19 30.04 -11.70
C THR B 130 -17.96 28.73 -10.94
N PRO B 131 -19.02 28.15 -10.36
CA PRO B 131 -18.95 26.90 -9.60
C PRO B 131 -18.27 25.75 -10.33
N MET B 132 -18.41 25.70 -11.65
CA MET B 132 -17.83 24.64 -12.45
C MET B 132 -16.53 25.04 -13.15
N GLY B 133 -16.06 26.26 -12.90
CA GLY B 133 -14.84 26.71 -13.52
C GLY B 133 -15.01 28.04 -14.24
N THR B 134 -15.26 27.96 -15.54
CA THR B 134 -15.43 29.15 -16.38
C THR B 134 -16.81 29.21 -17.05
N LYS B 135 -17.40 28.04 -17.27
CA LYS B 135 -18.70 27.97 -17.94
C LYS B 135 -19.87 27.83 -16.96
N GLY B 136 -21.08 28.03 -17.48
CA GLY B 136 -22.26 27.91 -16.65
C GLY B 136 -22.63 29.18 -15.92
N LYS B 137 -23.62 29.08 -15.04
CA LYS B 137 -24.10 30.23 -14.29
C LYS B 137 -23.36 30.36 -12.96
N LYS B 138 -23.57 31.48 -12.28
CA LYS B 138 -22.93 31.72 -10.99
C LYS B 138 -23.44 30.76 -9.93
N GLN B 139 -24.68 30.29 -10.11
CA GLN B 139 -25.28 29.35 -9.17
C GLN B 139 -25.78 28.11 -9.91
N LEU B 140 -25.49 26.94 -9.34
CA LEU B 140 -25.90 25.67 -9.94
C LEU B 140 -27.37 25.41 -9.66
N PRO B 141 -28.01 24.57 -10.50
CA PRO B 141 -29.43 24.25 -10.32
C PRO B 141 -29.68 23.62 -8.95
N ASP B 142 -30.83 23.93 -8.36
CA ASP B 142 -31.19 23.38 -7.05
C ASP B 142 -31.21 21.85 -7.09
N ALA B 143 -30.43 21.21 -6.22
CA ALA B 143 -30.34 19.76 -6.16
C ALA B 143 -31.70 19.07 -6.09
N GLU B 144 -32.56 19.54 -5.20
CA GLU B 144 -33.89 18.95 -5.04
C GLU B 144 -34.70 19.02 -6.34
N PHE B 145 -34.70 20.19 -6.98
CA PHE B 145 -35.43 20.38 -8.23
C PHE B 145 -34.89 19.48 -9.34
N LEU B 146 -33.57 19.43 -9.45
CA LEU B 146 -32.91 18.62 -10.45
C LEU B 146 -33.34 17.15 -10.31
N SER B 147 -33.42 16.68 -9.06
CA SER B 147 -33.79 15.29 -8.79
C SER B 147 -35.26 14.98 -9.06
N ARG B 148 -36.14 15.86 -8.61
CA ARG B 148 -37.56 15.65 -8.83
C ARG B 148 -37.90 15.72 -10.32
N ARG B 149 -37.25 16.62 -11.03
CA ARG B 149 -37.50 16.81 -12.46
C ARG B 149 -36.92 15.72 -13.34
N PHE B 150 -35.68 15.30 -13.08
CA PHE B 150 -35.05 14.31 -13.95
C PHE B 150 -34.73 12.93 -13.41
N LEU B 151 -34.70 12.77 -12.09
CA LEU B 151 -34.37 11.46 -11.53
C LEU B 151 -35.53 10.70 -10.89
N LEU B 152 -36.57 11.43 -10.46
CA LEU B 152 -37.71 10.79 -9.81
C LEU B 152 -38.48 9.86 -10.73
N ARG B 153 -38.77 8.66 -10.22
CA ARG B 153 -39.50 7.66 -10.98
C ARG B 153 -40.99 7.99 -11.08
N ARG B 154 -41.54 7.82 -12.27
CA ARG B 154 -42.96 8.04 -12.49
C ARG B 154 -43.54 6.65 -12.68
N LYS B 155 -43.09 5.96 -13.71
CA LYS B 155 -43.53 4.59 -13.99
C LYS B 155 -42.27 3.72 -13.93
N PHE B 156 -42.34 2.58 -13.26
CA PHE B 156 -41.19 1.69 -13.14
C PHE B 156 -40.63 1.22 -14.49
N ILE B 157 -39.33 1.41 -14.68
CA ILE B 157 -38.67 1.00 -15.91
C ILE B 157 -37.73 -0.15 -15.58
N PRO B 158 -38.09 -1.38 -15.99
CA PRO B 158 -37.23 -2.52 -15.70
C PRO B 158 -35.97 -2.55 -16.54
N ASP B 159 -34.92 -3.18 -16.01
CA ASP B 159 -33.67 -3.31 -16.74
C ASP B 159 -33.88 -4.26 -17.91
N PRO B 160 -33.61 -3.79 -19.14
CA PRO B 160 -33.77 -4.63 -20.33
C PRO B 160 -32.83 -5.83 -20.37
N GLN B 161 -31.77 -5.80 -19.57
CA GLN B 161 -30.83 -6.92 -19.55
C GLN B 161 -31.29 -8.05 -18.64
N GLY B 162 -32.45 -7.89 -18.01
CA GLY B 162 -32.97 -8.94 -17.14
C GLY B 162 -32.43 -8.99 -15.72
N THR B 163 -31.70 -7.96 -15.32
CA THR B 163 -31.14 -7.90 -13.97
C THR B 163 -32.25 -7.96 -12.91
N ASN B 164 -32.00 -8.65 -11.81
CA ASN B 164 -33.00 -8.80 -10.75
C ASN B 164 -32.58 -8.19 -9.41
N LEU B 165 -33.39 -8.41 -8.39
CA LEU B 165 -33.10 -7.86 -7.08
C LEU B 165 -31.99 -8.63 -6.37
N MET B 166 -31.80 -9.88 -6.76
CA MET B 166 -30.74 -10.69 -6.15
C MET B 166 -29.43 -9.98 -6.50
N PHE B 167 -29.37 -9.43 -7.70
CA PHE B 167 -28.21 -8.69 -8.19
C PHE B 167 -28.12 -7.34 -7.47
N ALA B 168 -29.24 -6.64 -7.41
CA ALA B 168 -29.29 -5.32 -6.76
C ALA B 168 -28.83 -5.39 -5.30
N PHE B 169 -29.30 -6.39 -4.54
CA PHE B 169 -28.86 -6.47 -3.16
C PHE B 169 -27.42 -6.96 -3.06
N PHE B 170 -26.98 -7.71 -4.07
CA PHE B 170 -25.60 -8.19 -4.06
C PHE B 170 -24.73 -6.95 -4.20
N ALA B 171 -25.05 -6.12 -5.20
CA ALA B 171 -24.30 -4.90 -5.44
C ALA B 171 -24.28 -3.99 -4.22
N GLN B 172 -25.42 -3.83 -3.55
CA GLN B 172 -25.49 -2.97 -2.37
C GLN B 172 -24.66 -3.57 -1.22
N HIS B 173 -24.79 -4.87 -1.01
CA HIS B 173 -24.05 -5.54 0.06
C HIS B 173 -22.55 -5.42 -0.24
N PHE B 174 -22.16 -5.82 -1.45
CA PHE B 174 -20.77 -5.80 -1.91
C PHE B 174 -20.09 -4.43 -1.82
N THR B 175 -20.69 -3.40 -2.40
CA THR B 175 -20.08 -2.07 -2.39
C THR B 175 -19.97 -1.42 -1.01
N HIS B 176 -20.85 -1.82 -0.08
CA HIS B 176 -20.82 -1.24 1.25
C HIS B 176 -19.64 -1.66 2.10
N GLN B 177 -18.78 -2.50 1.55
CA GLN B 177 -17.60 -2.91 2.27
C GLN B 177 -16.50 -1.89 1.94
N PHE B 178 -16.65 -1.14 0.85
CA PHE B 178 -15.63 -0.13 0.54
C PHE B 178 -16.14 1.31 0.39
N PHE B 179 -17.45 1.51 0.49
CA PHE B 179 -18.01 2.85 0.48
C PHE B 179 -18.64 3.03 1.87
N LYS B 180 -17.92 3.68 2.77
CA LYS B 180 -18.40 3.92 4.13
C LYS B 180 -17.99 5.32 4.52
N THR B 181 -18.70 6.31 3.97
CA THR B 181 -18.39 7.69 4.24
C THR B 181 -18.60 8.02 5.71
N SER B 182 -17.61 8.69 6.30
CA SER B 182 -17.66 9.07 7.70
C SER B 182 -18.51 10.31 7.95
N GLY B 183 -19.51 10.15 8.81
CA GLY B 183 -20.37 11.28 9.14
C GLY B 183 -19.61 12.32 9.93
N LYS B 184 -18.86 11.87 10.93
CA LYS B 184 -18.08 12.77 11.77
C LYS B 184 -17.05 13.59 11.00
N MET B 185 -16.25 12.93 10.17
CA MET B 185 -15.22 13.65 9.40
C MET B 185 -15.78 14.39 8.20
N GLY B 186 -16.87 13.89 7.62
CA GLY B 186 -17.47 14.57 6.50
C GLY B 186 -17.16 14.03 5.11
N PRO B 187 -17.65 14.71 4.06
CA PRO B 187 -17.41 14.30 2.68
C PRO B 187 -15.92 14.23 2.40
N GLY B 188 -15.52 13.24 1.60
CA GLY B 188 -14.11 13.08 1.27
C GLY B 188 -13.41 12.10 2.19
N PHE B 189 -14.10 11.66 3.23
CA PHE B 189 -13.53 10.72 4.20
C PHE B 189 -14.28 9.40 4.31
N THR B 190 -13.52 8.33 4.51
CA THR B 190 -14.11 7.00 4.61
C THR B 190 -13.67 6.26 5.86
N LYS B 191 -14.47 5.28 6.28
CA LYS B 191 -14.15 4.47 7.45
C LYS B 191 -13.75 3.09 6.95
N ALA B 192 -13.90 2.83 5.66
CA ALA B 192 -13.52 1.55 5.11
C ALA B 192 -12.06 1.66 4.67
N LEU B 193 -11.19 1.64 5.67
CA LEU B 193 -9.75 1.78 5.46
C LEU B 193 -9.12 0.71 4.58
N GLY B 194 -9.87 -0.35 4.29
CA GLY B 194 -9.33 -1.40 3.44
C GLY B 194 -9.32 -0.98 1.97
N HIS B 195 -10.12 0.02 1.61
CA HIS B 195 -10.18 0.51 0.24
C HIS B 195 -10.35 -0.56 -0.84
N GLY B 196 -11.14 -1.59 -0.56
CA GLY B 196 -11.33 -2.62 -1.54
C GLY B 196 -12.09 -3.82 -1.02
N VAL B 197 -11.86 -4.96 -1.67
CA VAL B 197 -12.51 -6.20 -1.30
C VAL B 197 -11.77 -6.89 -0.15
N ASP B 198 -12.03 -6.43 1.07
CA ASP B 198 -11.39 -7.02 2.24
C ASP B 198 -12.45 -7.75 3.06
N LEU B 199 -13.70 -7.67 2.58
CA LEU B 199 -14.85 -8.28 3.24
C LEU B 199 -15.12 -7.72 4.63
N GLY B 200 -14.78 -6.44 4.81
CA GLY B 200 -15.01 -5.80 6.08
C GLY B 200 -16.49 -5.71 6.42
N HIS B 201 -17.36 -5.97 5.44
CA HIS B 201 -18.79 -5.91 5.71
C HIS B 201 -19.28 -7.20 6.35
N ILE B 202 -18.37 -8.16 6.46
CA ILE B 202 -18.67 -9.44 7.10
C ILE B 202 -17.89 -9.53 8.40
N TYR B 203 -16.60 -9.20 8.33
CA TYR B 203 -15.72 -9.27 9.49
C TYR B 203 -15.56 -8.00 10.30
N GLY B 204 -16.09 -6.90 9.80
CA GLY B 204 -15.98 -5.62 10.49
C GLY B 204 -14.84 -4.78 9.94
N ASP B 205 -14.96 -3.46 10.00
CA ASP B 205 -13.91 -2.60 9.47
C ASP B 205 -12.80 -2.30 10.49
N ASN B 206 -12.94 -2.83 11.70
CA ASN B 206 -11.94 -2.65 12.73
C ASN B 206 -11.77 -3.92 13.56
N LEU B 207 -10.59 -4.09 14.14
CA LEU B 207 -10.26 -5.28 14.92
C LEU B 207 -11.16 -5.57 16.13
N GLU B 208 -11.49 -4.56 16.92
CA GLU B 208 -12.33 -4.77 18.09
C GLU B 208 -13.68 -5.32 17.70
N ARG B 209 -14.22 -4.82 16.60
CA ARG B 209 -15.52 -5.28 16.13
C ARG B 209 -15.42 -6.73 15.66
N GLN B 210 -14.34 -7.04 14.93
CA GLN B 210 -14.11 -8.39 14.44
C GLN B 210 -14.09 -9.39 15.59
N TYR B 211 -13.38 -9.04 16.65
CA TYR B 211 -13.27 -9.92 17.80
C TYR B 211 -14.59 -10.19 18.49
N GLN B 212 -15.46 -9.19 18.52
CA GLN B 212 -16.76 -9.37 19.16
C GLN B 212 -17.66 -10.30 18.31
N LEU B 213 -17.43 -10.29 17.00
CA LEU B 213 -18.21 -11.11 16.06
C LEU B 213 -17.71 -12.57 15.95
N ARG B 214 -16.45 -12.80 16.29
CA ARG B 214 -15.87 -14.14 16.22
C ARG B 214 -16.22 -15.01 17.43
N LEU B 215 -16.34 -16.32 17.18
CA LEU B 215 -16.66 -17.29 18.20
C LEU B 215 -15.38 -17.70 18.91
N PHE B 216 -14.27 -17.58 18.19
CA PHE B 216 -12.95 -17.95 18.70
C PHE B 216 -12.84 -19.44 18.95
N LYS B 217 -13.64 -20.20 18.22
CA LYS B 217 -13.61 -21.65 18.27
C LYS B 217 -13.69 -22.11 16.82
N ASP B 218 -12.76 -22.96 16.42
CA ASP B 218 -12.74 -23.50 15.08
C ASP B 218 -12.70 -22.45 13.98
N GLY B 219 -12.21 -21.25 14.31
CA GLY B 219 -12.09 -20.17 13.35
C GLY B 219 -13.40 -19.55 12.91
N LYS B 220 -14.49 -19.98 13.54
CA LYS B 220 -15.82 -19.53 13.19
C LYS B 220 -16.33 -18.19 13.69
N LEU B 221 -17.43 -17.76 13.08
CA LEU B 221 -18.10 -16.50 13.40
C LEU B 221 -19.26 -16.88 14.33
N LYS B 222 -19.57 -16.04 15.32
CA LYS B 222 -20.69 -16.30 16.21
C LYS B 222 -21.97 -16.41 15.38
N TYR B 223 -22.94 -17.14 15.90
CA TYR B 223 -24.22 -17.30 15.21
C TYR B 223 -25.30 -17.77 16.19
N GLN B 224 -26.54 -17.80 15.73
CA GLN B 224 -27.64 -18.26 16.58
C GLN B 224 -28.54 -19.15 15.73
N MET B 225 -29.25 -20.06 16.39
CA MET B 225 -30.16 -20.97 15.70
C MET B 225 -31.59 -20.47 15.85
N LEU B 226 -32.33 -20.48 14.75
CA LEU B 226 -33.73 -20.05 14.75
C LEU B 226 -34.45 -20.92 13.73
N ASN B 227 -35.48 -21.64 14.20
CA ASN B 227 -36.24 -22.53 13.34
C ASN B 227 -35.29 -23.56 12.75
N GLY B 228 -34.30 -23.93 13.54
CA GLY B 228 -33.32 -24.91 13.09
C GLY B 228 -32.38 -24.39 12.02
N GLU B 229 -32.39 -23.09 11.78
CA GLU B 229 -31.52 -22.48 10.77
C GLU B 229 -30.46 -21.57 11.38
N VAL B 230 -29.32 -21.44 10.70
CA VAL B 230 -28.22 -20.60 11.17
C VAL B 230 -28.36 -19.14 10.73
N TYR B 231 -28.21 -18.23 11.69
CA TYR B 231 -28.30 -16.80 11.40
C TYR B 231 -27.24 -16.05 12.19
N PRO B 232 -26.98 -14.79 11.81
CA PRO B 232 -25.99 -13.99 12.53
C PRO B 232 -26.53 -13.85 13.95
N PRO B 233 -25.62 -13.71 14.94
CA PRO B 233 -26.01 -13.58 16.35
C PRO B 233 -26.71 -12.27 16.63
N SER B 234 -27.37 -12.18 17.79
CA SER B 234 -28.06 -10.95 18.16
C SER B 234 -27.01 -10.06 18.83
N VAL B 235 -27.30 -8.77 18.92
CA VAL B 235 -26.37 -7.83 19.54
C VAL B 235 -26.13 -8.18 21.01
N GLU B 236 -27.01 -8.98 21.61
CA GLU B 236 -26.84 -9.36 23.01
C GLU B 236 -25.64 -10.30 23.19
N GLU B 237 -25.42 -11.20 22.23
CA GLU B 237 -24.33 -12.15 22.30
C GLU B 237 -23.07 -11.61 21.60
N ALA B 238 -23.27 -10.65 20.70
CA ALA B 238 -22.16 -10.02 19.98
C ALA B 238 -22.38 -8.51 20.11
N PRO B 239 -22.04 -7.95 21.29
CA PRO B 239 -22.16 -6.54 21.66
C PRO B 239 -21.42 -5.61 20.71
N VAL B 240 -22.00 -5.43 19.53
CA VAL B 240 -21.41 -4.59 18.51
C VAL B 240 -22.41 -3.50 18.13
N LEU B 241 -21.90 -2.31 17.81
CA LEU B 241 -22.77 -1.21 17.43
C LEU B 241 -23.45 -1.48 16.08
N MET B 242 -24.77 -1.41 16.07
CA MET B 242 -25.55 -1.62 14.85
C MET B 242 -26.51 -0.43 14.72
N HIS B 243 -26.73 0.05 13.51
CA HIS B 243 -27.64 1.16 13.32
C HIS B 243 -29.07 0.69 13.18
N TYR B 244 -29.78 0.70 14.29
CA TYR B 244 -31.19 0.31 14.31
C TYR B 244 -31.98 1.44 14.95
N PRO B 245 -33.23 1.63 14.52
CA PRO B 245 -34.06 2.70 15.07
C PRO B 245 -34.20 2.47 16.58
N ARG B 246 -34.11 3.55 17.36
CA ARG B 246 -34.27 3.45 18.80
C ARG B 246 -35.61 2.79 19.10
N GLY B 247 -35.66 1.96 20.13
CA GLY B 247 -36.92 1.31 20.46
C GLY B 247 -36.99 -0.14 19.99
N ILE B 248 -35.98 -0.59 19.27
CA ILE B 248 -35.96 -1.98 18.81
C ILE B 248 -35.20 -2.81 19.84
N PRO B 249 -35.84 -3.83 20.40
CA PRO B 249 -35.20 -4.69 21.40
C PRO B 249 -33.92 -5.37 20.90
N PRO B 250 -32.85 -5.32 21.71
CA PRO B 250 -31.54 -5.92 21.38
C PRO B 250 -31.63 -7.36 20.87
N GLN B 251 -32.62 -8.10 21.37
CA GLN B 251 -32.83 -9.49 20.96
C GLN B 251 -33.21 -9.58 19.49
N SER B 252 -33.79 -8.52 18.95
CA SER B 252 -34.20 -8.51 17.56
C SER B 252 -33.16 -7.84 16.66
N GLN B 253 -32.04 -7.43 17.23
CA GLN B 253 -30.98 -6.79 16.46
C GLN B 253 -29.90 -7.81 16.10
N MET B 254 -29.68 -8.04 14.81
CA MET B 254 -28.64 -8.97 14.40
C MET B 254 -27.30 -8.23 14.27
N ALA B 255 -26.24 -8.85 14.73
CA ALA B 255 -24.90 -8.27 14.69
C ALA B 255 -24.08 -8.81 13.52
N VAL B 256 -23.63 -7.91 12.64
CA VAL B 256 -22.83 -8.29 11.49
C VAL B 256 -21.71 -7.27 11.25
N GLY B 257 -20.80 -7.59 10.33
CA GLY B 257 -19.69 -6.70 10.04
C GLY B 257 -20.02 -5.24 9.72
N GLN B 258 -21.05 -5.03 8.90
CA GLN B 258 -21.46 -3.68 8.52
C GLN B 258 -22.64 -3.16 9.36
N GLU B 259 -22.41 -2.05 10.05
CA GLU B 259 -23.39 -1.45 10.95
C GLU B 259 -24.76 -1.13 10.37
N VAL B 260 -24.84 -0.85 9.07
CA VAL B 260 -26.12 -0.48 8.48
C VAL B 260 -26.91 -1.61 7.84
N PHE B 261 -26.43 -2.84 7.94
CA PHE B 261 -27.13 -3.94 7.28
C PHE B 261 -28.48 -4.34 7.85
N GLY B 262 -28.87 -3.80 9.01
CA GLY B 262 -30.17 -4.13 9.56
C GLY B 262 -31.25 -3.35 8.82
N LEU B 263 -30.80 -2.46 7.93
CA LEU B 263 -31.69 -1.63 7.13
C LEU B 263 -32.61 -2.42 6.20
N LEU B 264 -32.07 -3.46 5.58
CA LEU B 264 -32.84 -4.25 4.62
C LEU B 264 -32.68 -5.75 4.78
N PRO B 265 -33.78 -6.51 4.66
CA PRO B 265 -33.68 -7.97 4.78
C PRO B 265 -32.76 -8.50 3.68
N GLY B 266 -32.75 -7.79 2.55
CA GLY B 266 -31.91 -8.18 1.43
C GLY B 266 -30.43 -8.11 1.79
N LEU B 267 -30.09 -7.19 2.68
CA LEU B 267 -28.71 -7.04 3.14
C LEU B 267 -28.37 -8.12 4.17
N MET B 268 -29.32 -8.39 5.07
CA MET B 268 -29.10 -9.39 6.11
C MET B 268 -29.11 -10.78 5.47
N LEU B 269 -29.77 -10.88 4.32
CA LEU B 269 -29.84 -12.13 3.58
C LEU B 269 -28.40 -12.51 3.17
N TYR B 270 -27.71 -11.58 2.54
CA TYR B 270 -26.35 -11.83 2.10
C TYR B 270 -25.40 -11.98 3.27
N ALA B 271 -25.65 -11.23 4.34
CA ALA B 271 -24.80 -11.32 5.51
C ALA B 271 -24.90 -12.74 6.07
N THR B 272 -26.10 -13.32 5.97
CA THR B 272 -26.34 -14.67 6.47
C THR B 272 -25.69 -15.73 5.59
N ILE B 273 -25.85 -15.57 4.28
CA ILE B 273 -25.27 -16.52 3.34
C ILE B 273 -23.75 -16.58 3.53
N TRP B 274 -23.10 -15.40 3.56
CA TRP B 274 -21.65 -15.35 3.73
C TRP B 274 -21.18 -15.84 5.10
N LEU B 275 -21.95 -15.57 6.15
CA LEU B 275 -21.58 -16.03 7.48
C LEU B 275 -21.57 -17.56 7.46
N ARG B 276 -22.60 -18.14 6.86
CA ARG B 276 -22.68 -19.58 6.76
C ARG B 276 -21.53 -20.13 5.89
N GLU B 277 -21.20 -19.44 4.81
CA GLU B 277 -20.10 -19.87 3.93
C GLU B 277 -18.78 -19.88 4.71
N HIS B 278 -18.59 -18.86 5.54
CA HIS B 278 -17.38 -18.76 6.34
C HIS B 278 -17.23 -19.97 7.25
N ASN B 279 -18.27 -20.26 8.04
CA ASN B 279 -18.24 -21.37 8.96
C ASN B 279 -18.16 -22.70 8.23
N ARG B 280 -18.77 -22.77 7.06
CA ARG B 280 -18.71 -23.98 6.25
C ARG B 280 -17.26 -24.20 5.80
N VAL B 281 -16.61 -23.14 5.34
CA VAL B 281 -15.20 -23.22 4.90
C VAL B 281 -14.33 -23.61 6.09
N CYS B 282 -14.63 -23.07 7.27
CA CYS B 282 -13.86 -23.41 8.45
C CYS B 282 -13.90 -24.92 8.68
N ASP B 283 -15.06 -25.54 8.50
CA ASP B 283 -15.20 -26.98 8.67
C ASP B 283 -14.32 -27.74 7.67
N LEU B 284 -14.34 -27.31 6.41
CA LEU B 284 -13.53 -27.95 5.38
C LEU B 284 -12.04 -27.84 5.70
N LEU B 285 -11.63 -26.66 6.15
CA LEU B 285 -10.24 -26.42 6.50
C LEU B 285 -9.80 -27.29 7.67
N LYS B 286 -10.65 -27.39 8.69
CA LYS B 286 -10.33 -28.17 9.88
C LYS B 286 -10.13 -29.64 9.57
N ALA B 287 -10.92 -30.18 8.65
CA ALA B 287 -10.79 -31.59 8.29
C ALA B 287 -9.44 -31.81 7.62
N GLU B 288 -8.98 -30.82 6.88
CA GLU B 288 -7.72 -30.90 6.17
C GLU B 288 -6.55 -30.58 7.10
N HIS B 289 -6.77 -29.66 8.04
CA HIS B 289 -5.72 -29.24 8.96
C HIS B 289 -6.11 -29.34 10.43
N PRO B 290 -6.15 -30.56 10.99
CA PRO B 290 -6.51 -30.73 12.40
C PRO B 290 -5.60 -30.03 13.41
N THR B 291 -4.37 -29.70 13.02
CA THR B 291 -3.46 -29.05 13.95
C THR B 291 -3.62 -27.53 14.03
N TRP B 292 -4.35 -26.94 13.08
CA TRP B 292 -4.55 -25.50 13.06
C TRP B 292 -5.37 -24.96 14.21
N GLY B 293 -4.97 -23.80 14.71
CA GLY B 293 -5.69 -23.16 15.78
C GLY B 293 -6.78 -22.26 15.23
N ASP B 294 -7.60 -21.72 16.11
CA ASP B 294 -8.71 -20.84 15.73
C ASP B 294 -8.29 -19.68 14.81
N GLU B 295 -7.18 -19.01 15.13
CA GLU B 295 -6.71 -17.89 14.31
C GLU B 295 -6.46 -18.23 12.85
N GLN B 296 -5.63 -19.24 12.61
CA GLN B 296 -5.29 -19.60 11.23
C GLN B 296 -6.52 -20.06 10.47
N LEU B 297 -7.41 -20.77 11.16
CA LEU B 297 -8.65 -21.23 10.53
C LEU B 297 -9.46 -20.02 10.09
N PHE B 298 -9.60 -19.04 10.99
CA PHE B 298 -10.35 -17.83 10.68
C PHE B 298 -9.71 -17.03 9.55
N GLN B 299 -8.42 -16.74 9.67
CA GLN B 299 -7.74 -15.94 8.65
C GLN B 299 -7.75 -16.60 7.27
N THR B 300 -7.60 -17.92 7.22
CA THR B 300 -7.58 -18.59 5.94
C THR B 300 -8.97 -18.61 5.31
N ALA B 301 -10.00 -18.81 6.13
CA ALA B 301 -11.36 -18.81 5.61
C ALA B 301 -11.64 -17.42 5.00
N ARG B 302 -11.19 -16.37 5.67
CA ARG B 302 -11.39 -15.02 5.15
C ARG B 302 -10.74 -14.85 3.77
N LEU B 303 -9.51 -15.33 3.61
CA LEU B 303 -8.85 -15.22 2.30
C LEU B 303 -9.62 -15.97 1.23
N ILE B 304 -10.10 -17.16 1.56
CA ILE B 304 -10.87 -17.96 0.63
C ILE B 304 -12.14 -17.20 0.22
N LEU B 305 -12.84 -16.65 1.20
CA LEU B 305 -14.06 -15.89 0.89
C LEU B 305 -13.76 -14.65 0.05
N ILE B 306 -12.60 -14.02 0.28
CA ILE B 306 -12.25 -12.86 -0.53
C ILE B 306 -12.09 -13.33 -1.97
N GLY B 307 -11.39 -14.46 -2.14
CA GLY B 307 -11.19 -15.01 -3.48
C GLY B 307 -12.53 -15.40 -4.11
N GLU B 308 -13.39 -16.04 -3.34
CA GLU B 308 -14.70 -16.45 -3.86
C GLU B 308 -15.50 -15.23 -4.29
N THR B 309 -15.36 -14.13 -3.56
CA THR B 309 -16.07 -12.90 -3.88
C THR B 309 -15.60 -12.31 -5.21
N ILE B 310 -14.29 -12.18 -5.38
CA ILE B 310 -13.75 -11.62 -6.60
C ILE B 310 -14.15 -12.47 -7.81
N LYS B 311 -14.07 -13.77 -7.65
CA LYS B 311 -14.43 -14.73 -8.69
C LYS B 311 -15.87 -14.49 -9.17
N ILE B 312 -16.81 -14.47 -8.23
CA ILE B 312 -18.21 -14.27 -8.56
C ILE B 312 -18.49 -12.87 -9.13
N VAL B 313 -17.81 -11.86 -8.62
CA VAL B 313 -18.03 -10.52 -9.11
C VAL B 313 -17.59 -10.36 -10.56
N ILE B 314 -16.46 -10.97 -10.92
CA ILE B 314 -16.00 -10.85 -12.30
C ILE B 314 -16.75 -11.74 -13.28
N GLU B 315 -16.86 -13.02 -12.95
CA GLU B 315 -17.51 -13.96 -13.86
C GLU B 315 -19.03 -13.99 -13.86
N GLU B 316 -19.66 -13.43 -12.84
CA GLU B 316 -21.13 -13.43 -12.81
C GLU B 316 -21.74 -12.03 -12.70
N TYR B 317 -21.28 -11.26 -11.73
CA TYR B 317 -21.76 -9.90 -11.50
C TYR B 317 -21.45 -8.95 -12.67
N VAL B 318 -20.17 -8.76 -12.96
CA VAL B 318 -19.78 -7.88 -14.06
C VAL B 318 -20.23 -8.46 -15.40
N GLN B 319 -20.29 -9.79 -15.48
CA GLN B 319 -20.75 -10.45 -16.71
C GLN B 319 -22.20 -10.03 -16.99
N GLN B 320 -23.05 -10.11 -15.96
CA GLN B 320 -24.46 -9.73 -16.09
C GLN B 320 -24.59 -8.24 -16.44
N LEU B 321 -23.82 -7.44 -15.73
CA LEU B 321 -23.83 -5.99 -15.92
C LEU B 321 -23.39 -5.56 -17.31
N SER B 322 -22.30 -6.14 -17.81
CA SER B 322 -21.77 -5.80 -19.13
C SER B 322 -22.63 -6.27 -20.31
N GLY B 323 -23.19 -7.48 -20.20
CA GLY B 323 -23.99 -8.01 -21.28
C GLY B 323 -23.11 -8.58 -22.39
N TYR B 324 -21.81 -8.62 -22.15
CA TYR B 324 -20.85 -9.11 -23.13
C TYR B 324 -20.98 -10.59 -23.45
N PHE B 325 -20.71 -10.94 -24.70
CA PHE B 325 -20.75 -12.33 -25.13
C PHE B 325 -19.37 -12.92 -24.85
N LEU B 326 -18.38 -12.05 -24.66
CA LEU B 326 -17.04 -12.49 -24.31
C LEU B 326 -17.19 -13.00 -22.88
N GLN B 327 -16.68 -14.19 -22.62
CA GLN B 327 -16.77 -14.79 -21.29
C GLN B 327 -15.66 -14.22 -20.42
N LEU B 328 -16.01 -13.31 -19.53
CA LEU B 328 -15.03 -12.70 -18.65
C LEU B 328 -14.39 -13.79 -17.83
N LYS B 329 -13.16 -13.57 -17.40
CA LYS B 329 -12.45 -14.57 -16.65
C LYS B 329 -11.66 -13.99 -15.49
N PHE B 330 -11.77 -14.61 -14.32
CA PHE B 330 -11.01 -14.16 -13.18
C PHE B 330 -9.77 -15.05 -13.12
N ASP B 331 -8.65 -14.53 -13.58
CA ASP B 331 -7.41 -15.28 -13.56
C ASP B 331 -6.24 -14.32 -13.37
N PRO B 332 -5.78 -14.19 -12.12
CA PRO B 332 -4.66 -13.31 -11.75
C PRO B 332 -3.42 -13.51 -12.60
N GLU B 333 -3.20 -14.75 -13.06
CA GLU B 333 -2.02 -15.04 -13.85
C GLU B 333 -1.98 -14.26 -15.17
N LEU B 334 -3.15 -13.80 -15.63
CA LEU B 334 -3.20 -13.02 -16.86
C LEU B 334 -2.36 -11.76 -16.76
N LEU B 335 -2.09 -11.31 -15.53
CA LEU B 335 -1.32 -10.09 -15.34
C LEU B 335 0.13 -10.27 -14.87
N PHE B 336 0.55 -11.52 -14.64
CA PHE B 336 1.90 -11.81 -14.15
C PHE B 336 3.02 -11.43 -15.12
N GLY B 337 2.69 -11.06 -16.34
CA GLY B 337 3.73 -10.69 -17.29
C GLY B 337 3.70 -9.20 -17.56
N ALA B 338 2.73 -8.52 -16.94
CA ALA B 338 2.56 -7.09 -17.13
C ALA B 338 2.96 -6.26 -15.92
N GLN B 339 3.04 -4.95 -16.14
CA GLN B 339 3.36 -3.99 -15.09
C GLN B 339 2.03 -3.59 -14.49
N PHE B 340 1.82 -3.96 -13.22
CA PHE B 340 0.56 -3.68 -12.55
C PHE B 340 0.84 -3.56 -11.05
N GLN B 341 0.25 -2.54 -10.42
CA GLN B 341 0.43 -2.33 -8.98
C GLN B 341 -0.73 -2.98 -8.22
N TYR B 342 -0.41 -3.85 -7.27
CA TYR B 342 -1.47 -4.51 -6.51
C TYR B 342 -1.88 -3.68 -5.31
N ARG B 343 -2.49 -2.53 -5.58
CA ARG B 343 -2.96 -1.65 -4.53
C ARG B 343 -4.15 -0.90 -5.08
N ASN B 344 -5.01 -0.44 -4.19
CA ASN B 344 -6.18 0.28 -4.65
C ASN B 344 -6.55 1.32 -3.60
N ARG B 345 -7.09 2.43 -4.07
CA ARG B 345 -7.53 3.49 -3.18
C ARG B 345 -8.88 3.92 -3.74
N ILE B 346 -9.93 3.84 -2.93
CA ILE B 346 -11.26 4.20 -3.41
C ILE B 346 -11.38 5.66 -3.75
N ALA B 347 -11.89 5.93 -4.95
CA ALA B 347 -12.06 7.29 -5.44
C ALA B 347 -13.45 7.83 -5.10
N MET B 348 -13.52 9.13 -4.79
CA MET B 348 -14.80 9.75 -4.48
C MET B 348 -15.71 9.67 -5.72
N GLU B 349 -15.11 9.74 -6.91
CA GLU B 349 -15.89 9.68 -8.15
C GLU B 349 -16.50 8.29 -8.32
N PHE B 350 -15.77 7.27 -7.87
CA PHE B 350 -16.24 5.89 -7.95
C PHE B 350 -17.45 5.74 -7.02
N ASN B 351 -17.38 6.38 -5.85
CA ASN B 351 -18.46 6.34 -4.88
C ASN B 351 -19.72 6.97 -5.50
N GLN B 352 -19.53 8.12 -6.14
CA GLN B 352 -20.63 8.84 -6.78
C GLN B 352 -21.30 7.99 -7.86
N LEU B 353 -20.48 7.39 -8.71
CA LEU B 353 -20.94 6.57 -9.81
C LEU B 353 -21.70 5.30 -9.41
N TYR B 354 -21.41 4.76 -8.23
CA TYR B 354 -22.04 3.54 -7.77
C TYR B 354 -23.38 3.71 -7.04
N HIS B 355 -23.94 4.92 -7.03
CA HIS B 355 -25.24 5.08 -6.39
C HIS B 355 -26.26 4.58 -7.41
N TRP B 356 -26.52 3.28 -7.37
CA TRP B 356 -27.44 2.67 -8.31
C TRP B 356 -28.86 2.50 -7.77
N HIS B 357 -29.36 3.52 -7.10
CA HIS B 357 -30.69 3.46 -6.54
C HIS B 357 -31.81 3.16 -7.52
N PRO B 358 -31.65 3.53 -8.79
CA PRO B 358 -32.74 3.22 -9.72
C PRO B 358 -33.06 1.72 -9.75
N LEU B 359 -32.13 0.88 -9.29
CA LEU B 359 -32.37 -0.57 -9.28
C LEU B 359 -33.55 -0.99 -8.39
N MET B 360 -33.77 -0.27 -7.29
CA MET B 360 -34.83 -0.65 -6.39
C MET B 360 -36.22 -0.52 -7.00
N PRO B 361 -37.08 -1.52 -6.74
CA PRO B 361 -38.46 -1.62 -7.24
C PRO B 361 -39.44 -0.73 -6.50
N ASP B 362 -40.71 -0.82 -6.90
CA ASP B 362 -41.78 -0.04 -6.27
C ASP B 362 -42.21 -0.72 -4.97
N SER B 363 -42.08 -2.04 -4.95
CA SER B 363 -42.43 -2.84 -3.79
C SER B 363 -41.66 -4.16 -3.90
N PHE B 364 -41.67 -4.95 -2.83
CA PHE B 364 -40.94 -6.21 -2.82
C PHE B 364 -41.87 -7.41 -2.75
N ARG B 365 -41.87 -8.20 -3.81
CA ARG B 365 -42.70 -9.38 -3.91
C ARG B 365 -42.06 -10.65 -3.39
N VAL B 366 -42.72 -11.25 -2.41
CA VAL B 366 -42.25 -12.51 -1.83
C VAL B 366 -43.40 -13.49 -1.97
N GLY B 367 -43.44 -14.18 -3.10
CA GLY B 367 -44.51 -15.13 -3.34
C GLY B 367 -45.79 -14.41 -3.66
N PRO B 368 -46.90 -14.76 -2.99
CA PRO B 368 -48.17 -14.09 -3.26
C PRO B 368 -48.23 -12.74 -2.55
N GLN B 369 -47.41 -12.59 -1.52
CA GLN B 369 -47.35 -11.37 -0.72
C GLN B 369 -46.48 -10.29 -1.32
N ASP B 370 -47.03 -9.08 -1.39
CA ASP B 370 -46.31 -7.94 -1.89
C ASP B 370 -46.03 -7.09 -0.65
N TYR B 371 -44.78 -6.66 -0.50
CA TYR B 371 -44.41 -5.86 0.64
C TYR B 371 -43.98 -4.46 0.24
N SER B 372 -44.49 -3.47 0.95
CA SER B 372 -44.17 -2.07 0.69
C SER B 372 -42.83 -1.76 1.35
N TYR B 373 -42.31 -0.56 1.07
CA TYR B 373 -41.06 -0.12 1.67
C TYR B 373 -41.16 -0.07 3.19
N GLU B 374 -42.33 0.34 3.70
CA GLU B 374 -42.52 0.44 5.14
C GLU B 374 -42.59 -0.92 5.83
N GLN B 375 -42.91 -1.95 5.06
CA GLN B 375 -42.97 -3.30 5.61
C GLN B 375 -41.63 -4.01 5.41
N PHE B 376 -40.80 -3.44 4.52
CA PHE B 376 -39.51 -4.03 4.19
C PHE B 376 -38.35 -3.38 4.95
N LEU B 377 -38.19 -2.07 4.83
CA LEU B 377 -37.11 -1.37 5.52
C LEU B 377 -37.13 -1.61 7.03
N PHE B 378 -35.98 -1.95 7.58
CA PHE B 378 -35.83 -2.22 9.01
C PHE B 378 -36.75 -3.29 9.57
N ASN B 379 -37.25 -4.17 8.69
CA ASN B 379 -38.10 -5.25 9.17
C ASN B 379 -37.17 -6.32 9.72
N THR B 380 -37.22 -6.56 11.03
CA THR B 380 -36.34 -7.51 11.66
C THR B 380 -36.83 -8.94 11.81
N SER B 381 -37.93 -9.30 11.15
CA SER B 381 -38.40 -10.66 11.29
C SER B 381 -38.63 -11.34 9.94
N MET B 382 -38.61 -10.57 8.87
CA MET B 382 -38.84 -11.12 7.54
C MET B 382 -37.85 -12.21 7.13
N LEU B 383 -36.56 -11.97 7.33
CA LEU B 383 -35.54 -12.96 6.98
C LEU B 383 -35.78 -14.27 7.72
N VAL B 384 -35.99 -14.18 9.02
CA VAL B 384 -36.23 -15.37 9.83
C VAL B 384 -37.58 -16.01 9.49
N ASP B 385 -38.60 -15.19 9.25
CA ASP B 385 -39.91 -15.72 8.90
C ASP B 385 -39.87 -16.57 7.64
N TYR B 386 -39.25 -16.06 6.57
CA TYR B 386 -39.19 -16.79 5.32
C TYR B 386 -38.01 -17.73 5.14
N GLY B 387 -36.87 -17.40 5.75
CA GLY B 387 -35.69 -18.23 5.60
C GLY B 387 -34.93 -17.79 4.36
N VAL B 388 -33.66 -18.18 4.27
CA VAL B 388 -32.81 -17.79 3.14
C VAL B 388 -33.30 -18.22 1.75
N GLU B 389 -33.56 -19.51 1.56
CA GLU B 389 -34.01 -20.02 0.26
C GLU B 389 -35.19 -19.26 -0.32
N ALA B 390 -36.20 -19.03 0.51
CA ALA B 390 -37.40 -18.33 0.05
C ALA B 390 -37.11 -16.92 -0.42
N LEU B 391 -36.27 -16.19 0.31
CA LEU B 391 -35.94 -14.84 -0.11
C LEU B 391 -35.08 -14.82 -1.37
N VAL B 392 -34.11 -15.73 -1.44
CA VAL B 392 -33.26 -15.81 -2.62
C VAL B 392 -34.12 -16.10 -3.86
N ASP B 393 -35.05 -17.05 -3.72
CA ASP B 393 -35.92 -17.39 -4.83
C ASP B 393 -36.70 -16.14 -5.25
N ALA B 394 -37.29 -15.46 -4.28
CA ALA B 394 -38.07 -14.26 -4.54
C ALA B 394 -37.26 -13.14 -5.17
N PHE B 395 -36.10 -12.82 -4.62
CA PHE B 395 -35.29 -11.75 -5.18
C PHE B 395 -34.74 -12.09 -6.56
N SER B 396 -34.46 -13.38 -6.78
CA SER B 396 -33.94 -13.79 -8.08
C SER B 396 -35.02 -13.72 -9.16
N ARG B 397 -36.28 -13.74 -8.74
CA ARG B 397 -37.39 -13.69 -9.69
C ARG B 397 -37.88 -12.28 -10.03
N GLN B 398 -37.68 -11.33 -9.13
CA GLN B 398 -38.14 -9.96 -9.38
C GLN B 398 -37.14 -9.07 -10.12
N PRO B 399 -37.58 -8.40 -11.19
CA PRO B 399 -36.67 -7.54 -11.94
C PRO B 399 -36.28 -6.25 -11.21
N ALA B 400 -35.05 -5.81 -11.44
CA ALA B 400 -34.55 -4.58 -10.86
C ALA B 400 -34.81 -3.49 -11.91
N GLY B 401 -34.73 -2.23 -11.49
CA GLY B 401 -34.97 -1.14 -12.43
C GLY B 401 -33.75 -0.78 -13.26
N ARG B 402 -34.00 -0.14 -14.39
CA ARG B 402 -32.93 0.28 -15.27
C ARG B 402 -32.18 1.40 -14.54
N ILE B 403 -30.86 1.43 -14.68
CA ILE B 403 -30.06 2.45 -13.99
C ILE B 403 -29.94 3.75 -14.79
N GLY B 404 -29.57 3.65 -16.06
CA GLY B 404 -29.43 4.84 -16.87
C GLY B 404 -30.72 5.29 -17.51
N GLY B 405 -30.70 6.47 -18.13
CA GLY B 405 -31.88 6.96 -18.80
C GLY B 405 -32.65 8.06 -18.10
N GLY B 406 -32.59 8.09 -16.77
CA GLY B 406 -33.31 9.12 -16.02
C GLY B 406 -34.70 8.70 -15.54
N ARG B 407 -35.24 9.50 -14.62
CA ARG B 407 -36.58 9.26 -14.07
C ARG B 407 -36.86 7.82 -13.66
N ASN B 408 -36.02 7.23 -12.83
CA ASN B 408 -36.28 5.87 -12.42
C ASN B 408 -35.87 5.56 -10.99
N ILE B 409 -35.82 6.59 -10.15
CA ILE B 409 -35.51 6.40 -8.73
C ILE B 409 -36.80 6.51 -7.92
N ASP B 410 -37.15 5.44 -7.20
CA ASP B 410 -38.36 5.43 -6.37
C ASP B 410 -38.36 6.60 -5.39
N HIS B 411 -39.51 7.25 -5.23
CA HIS B 411 -39.64 8.40 -4.34
C HIS B 411 -39.17 8.16 -2.89
N HIS B 412 -39.25 6.92 -2.43
CA HIS B 412 -38.83 6.57 -1.07
C HIS B 412 -37.33 6.82 -0.82
N ILE B 413 -36.53 6.79 -1.88
CA ILE B 413 -35.09 7.00 -1.70
C ILE B 413 -34.51 8.09 -2.57
N LEU B 414 -35.37 8.89 -3.19
CA LEU B 414 -34.90 9.98 -4.04
C LEU B 414 -34.00 10.92 -3.26
N HIS B 415 -34.25 11.04 -1.95
CA HIS B 415 -33.46 11.94 -1.12
C HIS B 415 -31.97 11.61 -1.12
N VAL B 416 -31.61 10.38 -1.47
CA VAL B 416 -30.20 9.99 -1.52
C VAL B 416 -29.53 10.67 -2.70
N ALA B 417 -30.19 10.65 -3.86
CA ALA B 417 -29.66 11.28 -5.07
C ALA B 417 -29.48 12.77 -4.80
N VAL B 418 -30.43 13.37 -4.08
CA VAL B 418 -30.36 14.78 -3.76
C VAL B 418 -29.08 15.04 -2.98
N ASP B 419 -28.83 14.24 -1.95
CA ASP B 419 -27.64 14.45 -1.16
C ASP B 419 -26.37 14.16 -1.96
N VAL B 420 -26.43 13.23 -2.91
CA VAL B 420 -25.26 12.93 -3.72
C VAL B 420 -24.86 14.15 -4.55
N ILE B 421 -25.86 14.83 -5.11
CA ILE B 421 -25.58 16.03 -5.91
C ILE B 421 -25.00 17.12 -5.01
N LYS B 422 -25.55 17.25 -3.81
CA LYS B 422 -25.06 18.25 -2.87
C LYS B 422 -23.63 17.92 -2.44
N GLU B 423 -23.35 16.64 -2.21
CA GLU B 423 -22.01 16.20 -1.81
C GLU B 423 -21.02 16.54 -2.92
N SER B 424 -21.43 16.31 -4.16
CA SER B 424 -20.59 16.58 -5.32
C SER B 424 -20.08 18.01 -5.37
N ARG B 425 -20.94 18.94 -4.97
CA ARG B 425 -20.58 20.36 -4.95
C ARG B 425 -19.66 20.71 -3.80
N VAL B 426 -19.81 20.02 -2.67
CA VAL B 426 -18.95 20.27 -1.53
C VAL B 426 -17.55 19.75 -1.89
N LEU B 427 -17.53 18.65 -2.65
CA LEU B 427 -16.27 18.04 -3.10
C LEU B 427 -15.70 18.82 -4.28
N ARG B 428 -16.52 19.69 -4.86
CA ARG B 428 -16.14 20.49 -6.01
C ARG B 428 -15.61 19.62 -7.15
N LEU B 429 -16.41 18.63 -7.53
CA LEU B 429 -16.06 17.74 -8.63
C LEU B 429 -16.09 18.53 -9.94
N GLN B 430 -15.14 18.25 -10.82
CA GLN B 430 -15.12 18.94 -12.10
C GLN B 430 -16.34 18.55 -12.93
N PRO B 431 -16.59 19.27 -14.03
CA PRO B 431 -17.76 18.94 -14.85
C PRO B 431 -17.67 17.59 -15.56
N PHE B 432 -18.83 17.02 -15.87
CA PHE B 432 -18.96 15.74 -16.56
C PHE B 432 -18.04 15.64 -17.78
N ASN B 433 -18.02 16.68 -18.61
CA ASN B 433 -17.18 16.67 -19.82
C ASN B 433 -15.68 16.54 -19.54
N GLU B 434 -15.23 17.08 -18.43
CA GLU B 434 -13.82 16.96 -18.11
C GLU B 434 -13.53 15.50 -17.78
N TYR B 435 -14.49 14.84 -17.12
CA TYR B 435 -14.34 13.43 -16.78
C TYR B 435 -14.42 12.55 -18.04
N ARG B 436 -15.23 12.97 -19.01
CA ARG B 436 -15.34 12.22 -20.25
C ARG B 436 -13.93 12.17 -20.88
N LYS B 437 -13.28 13.32 -20.99
CA LYS B 437 -11.94 13.38 -21.58
C LYS B 437 -10.91 12.61 -20.76
N ARG B 438 -10.98 12.74 -19.45
CA ARG B 438 -10.08 12.04 -18.53
C ARG B 438 -10.20 10.53 -18.77
N PHE B 439 -11.37 10.06 -19.17
CA PHE B 439 -11.53 8.64 -19.42
C PHE B 439 -11.53 8.23 -20.90
N GLY B 440 -10.93 9.07 -21.73
CA GLY B 440 -10.78 8.78 -23.14
C GLY B 440 -11.93 8.99 -24.11
N MET B 441 -12.94 9.74 -23.71
CA MET B 441 -14.07 9.99 -24.57
C MET B 441 -14.10 11.46 -24.97
N LYS B 442 -14.77 11.74 -26.09
CA LYS B 442 -14.91 13.11 -26.55
C LYS B 442 -15.99 13.76 -25.69
N PRO B 443 -15.83 15.05 -25.37
CA PRO B 443 -16.85 15.69 -24.55
C PRO B 443 -18.10 15.93 -25.39
N TYR B 444 -19.27 15.99 -24.75
CA TYR B 444 -20.50 16.24 -25.48
C TYR B 444 -20.56 17.69 -25.89
N THR B 445 -21.00 17.94 -27.11
CA THR B 445 -21.11 19.31 -27.63
C THR B 445 -22.44 19.96 -27.29
N SER B 446 -23.40 19.19 -26.80
CA SER B 446 -24.71 19.72 -26.45
C SER B 446 -25.49 18.75 -25.58
N PHE B 447 -26.53 19.24 -24.91
CA PHE B 447 -27.34 18.37 -24.07
C PHE B 447 -28.12 17.38 -24.92
N GLN B 448 -28.40 17.76 -26.17
CA GLN B 448 -29.12 16.87 -27.07
C GLN B 448 -28.27 15.65 -27.38
N GLU B 449 -26.97 15.88 -27.58
CA GLU B 449 -26.05 14.78 -27.87
C GLU B 449 -25.97 13.87 -26.64
N LEU B 450 -26.09 14.46 -25.46
CA LEU B 450 -26.02 13.71 -24.21
C LEU B 450 -27.22 12.80 -23.97
N THR B 451 -28.41 13.38 -23.97
CA THR B 451 -29.65 12.65 -23.70
C THR B 451 -30.22 11.86 -24.86
N GLY B 452 -29.87 12.25 -26.08
CA GLY B 452 -30.40 11.54 -27.24
C GLY B 452 -31.84 11.93 -27.53
N GLU B 453 -32.34 12.95 -26.83
CA GLU B 453 -33.71 13.42 -27.07
C GLU B 453 -33.72 14.95 -27.05
N LYS B 454 -34.89 15.56 -27.15
CA LYS B 454 -34.93 17.03 -27.18
C LYS B 454 -35.55 17.77 -26.02
N GLU B 455 -36.61 17.23 -25.44
CA GLU B 455 -37.27 17.93 -24.34
C GLU B 455 -36.44 18.07 -23.07
N MET B 456 -35.91 16.97 -22.54
CA MET B 456 -35.10 17.08 -21.33
C MET B 456 -33.86 17.92 -21.61
N ALA B 457 -33.28 17.74 -22.79
CA ALA B 457 -32.08 18.48 -23.17
C ALA B 457 -32.33 19.98 -23.10
N ALA B 458 -33.46 20.43 -23.66
CA ALA B 458 -33.79 21.85 -23.66
C ALA B 458 -33.90 22.39 -22.24
N GLU B 459 -34.55 21.64 -21.35
CA GLU B 459 -34.70 22.09 -19.96
C GLU B 459 -33.36 22.11 -19.23
N LEU B 460 -32.51 21.12 -19.48
CA LEU B 460 -31.21 21.06 -18.84
C LEU B 460 -30.36 22.22 -19.33
N GLU B 461 -30.44 22.50 -20.62
CA GLU B 461 -29.70 23.58 -21.25
C GLU B 461 -30.07 24.92 -20.61
N GLU B 462 -31.34 25.07 -20.25
CA GLU B 462 -31.82 26.29 -19.62
C GLU B 462 -31.29 26.40 -18.19
N LEU B 463 -31.32 25.28 -17.47
CA LEU B 463 -30.86 25.21 -16.08
C LEU B 463 -29.35 25.37 -15.92
N TYR B 464 -28.58 24.63 -16.71
CA TYR B 464 -27.12 24.69 -16.63
C TYR B 464 -26.53 25.77 -17.53
N GLY B 465 -27.24 26.14 -18.58
CA GLY B 465 -26.76 27.17 -19.47
C GLY B 465 -25.69 26.71 -20.45
N ASP B 466 -24.84 25.79 -20.02
CA ASP B 466 -23.76 25.29 -20.90
C ASP B 466 -23.48 23.83 -20.60
N ILE B 467 -23.32 23.03 -21.66
CA ILE B 467 -23.06 21.61 -21.51
C ILE B 467 -21.77 21.37 -20.72
N ASP B 468 -20.85 22.34 -20.75
CA ASP B 468 -19.59 22.20 -20.01
C ASP B 468 -19.72 22.47 -18.52
N ALA B 469 -20.94 22.74 -18.07
CA ALA B 469 -21.18 22.99 -16.65
C ALA B 469 -21.96 21.82 -16.04
N LEU B 470 -22.39 20.90 -16.89
CA LEU B 470 -23.13 19.73 -16.43
C LEU B 470 -22.28 18.99 -15.39
N GLU B 471 -22.89 18.61 -14.27
CA GLU B 471 -22.20 17.91 -13.20
C GLU B 471 -22.02 16.42 -13.44
N PHE B 472 -21.06 15.83 -12.71
CA PHE B 472 -20.72 14.41 -12.81
C PHE B 472 -21.87 13.41 -12.67
N TYR B 473 -22.50 13.36 -11.49
CA TYR B 473 -23.58 12.41 -11.25
C TYR B 473 -24.78 12.57 -12.15
N PRO B 474 -25.28 13.81 -12.34
CA PRO B 474 -26.44 13.97 -13.22
C PRO B 474 -26.10 13.51 -14.63
N GLY B 475 -24.89 13.84 -15.07
CA GLY B 475 -24.46 13.44 -16.40
C GLY B 475 -24.49 11.93 -16.56
N LEU B 476 -23.99 11.23 -15.56
CA LEU B 476 -23.95 9.77 -15.58
C LEU B 476 -25.34 9.14 -15.70
N LEU B 477 -26.29 9.65 -14.94
CA LEU B 477 -27.64 9.09 -14.95
C LEU B 477 -28.54 9.59 -16.06
N LEU B 478 -28.21 10.73 -16.67
CA LEU B 478 -29.04 11.27 -17.73
C LEU B 478 -28.56 10.95 -19.14
N GLU B 479 -27.33 10.42 -19.26
CA GLU B 479 -26.79 10.06 -20.56
C GLU B 479 -27.63 8.93 -21.16
N LYS B 480 -27.87 8.98 -22.48
CA LYS B 480 -28.66 7.95 -23.14
C LYS B 480 -27.96 6.59 -22.98
N CYS B 481 -28.74 5.54 -22.79
CA CYS B 481 -28.18 4.20 -22.62
C CYS B 481 -27.81 3.55 -23.94
N HIS B 482 -26.97 2.53 -23.86
CA HIS B 482 -26.58 1.78 -25.04
C HIS B 482 -27.85 0.99 -25.42
N PRO B 483 -27.93 0.52 -26.67
CA PRO B 483 -29.10 -0.25 -27.11
C PRO B 483 -29.43 -1.39 -26.15
N ASN B 484 -30.65 -1.40 -25.62
CA ASN B 484 -31.10 -2.44 -24.70
C ASN B 484 -30.19 -2.64 -23.49
N SER B 485 -29.51 -1.59 -23.05
CA SER B 485 -28.59 -1.70 -21.92
C SER B 485 -29.09 -1.10 -20.61
N ILE B 486 -28.48 -1.53 -19.52
CA ILE B 486 -28.84 -1.04 -18.19
C ILE B 486 -28.40 0.43 -18.00
N PHE B 487 -27.35 0.85 -18.70
CA PHE B 487 -26.91 2.26 -18.64
C PHE B 487 -26.08 2.72 -19.84
N GLY B 488 -25.63 3.97 -19.78
CA GLY B 488 -24.87 4.54 -20.88
C GLY B 488 -23.39 4.20 -20.94
N GLU B 489 -22.72 4.71 -21.97
CA GLU B 489 -21.30 4.45 -22.16
C GLU B 489 -20.39 5.01 -21.08
N SER B 490 -20.70 6.20 -20.59
CA SER B 490 -19.88 6.83 -19.56
C SER B 490 -19.81 6.00 -18.28
N MET B 491 -20.91 5.35 -17.93
CA MET B 491 -20.95 4.53 -16.73
C MET B 491 -19.95 3.38 -16.88
N ILE B 492 -19.88 2.83 -18.09
CA ILE B 492 -18.98 1.73 -18.37
C ILE B 492 -17.53 2.19 -18.54
N GLU B 493 -17.34 3.19 -19.38
CA GLU B 493 -16.00 3.71 -19.64
C GLU B 493 -15.35 4.31 -18.40
N MET B 494 -16.15 4.82 -17.47
CA MET B 494 -15.60 5.40 -16.24
C MET B 494 -15.61 4.37 -15.11
N GLY B 495 -16.68 3.59 -15.03
CA GLY B 495 -16.80 2.59 -13.98
C GLY B 495 -15.93 1.35 -14.12
N ALA B 496 -15.75 0.87 -15.34
CA ALA B 496 -14.93 -0.31 -15.58
C ALA B 496 -13.51 -0.17 -15.03
N PRO B 497 -12.84 0.97 -15.31
CA PRO B 497 -11.48 1.15 -14.79
C PRO B 497 -11.40 1.06 -13.27
N PHE B 498 -12.30 1.75 -12.58
CA PHE B 498 -12.32 1.71 -11.10
C PHE B 498 -12.59 0.30 -10.59
N SER B 499 -13.58 -0.35 -11.17
N SER B 499 -13.58 -0.37 -11.16
CA SER B 499 -13.98 -1.70 -10.78
CA SER B 499 -13.95 -1.71 -10.74
C SER B 499 -12.89 -2.75 -10.96
C SER B 499 -12.85 -2.74 -10.95
N LEU B 500 -12.32 -2.80 -12.16
CA LEU B 500 -11.28 -3.77 -12.47
C LEU B 500 -10.04 -3.50 -11.64
N LYS B 501 -9.64 -2.24 -11.55
CA LYS B 501 -8.47 -1.90 -10.76
C LYS B 501 -8.72 -2.33 -9.32
N GLY B 502 -9.98 -2.20 -8.87
CA GLY B 502 -10.32 -2.58 -7.51
C GLY B 502 -10.30 -4.07 -7.26
N LEU B 503 -10.70 -4.86 -8.26
CA LEU B 503 -10.73 -6.31 -8.13
C LEU B 503 -9.34 -6.95 -8.25
N LEU B 504 -8.62 -6.63 -9.32
CA LEU B 504 -7.30 -7.22 -9.52
C LEU B 504 -6.20 -6.59 -8.69
N GLY B 505 -6.46 -5.38 -8.18
CA GLY B 505 -5.45 -4.71 -7.38
C GLY B 505 -5.38 -5.27 -5.96
N ASN B 506 -6.17 -6.29 -5.69
CA ASN B 506 -6.21 -6.91 -4.37
C ASN B 506 -4.90 -7.71 -4.19
N PRO B 507 -4.30 -7.65 -3.00
CA PRO B 507 -3.05 -8.39 -2.80
C PRO B 507 -3.16 -9.91 -3.06
N ILE B 508 -4.35 -10.49 -2.89
CA ILE B 508 -4.46 -11.93 -3.14
C ILE B 508 -4.25 -12.28 -4.61
N CYS B 509 -4.35 -11.29 -5.50
CA CYS B 509 -4.15 -11.52 -6.93
C CYS B 509 -2.68 -11.38 -7.34
N SER B 510 -1.84 -10.96 -6.40
CA SER B 510 -0.42 -10.79 -6.71
C SER B 510 0.29 -12.12 -6.82
N PRO B 511 1.42 -12.16 -7.55
CA PRO B 511 2.16 -13.41 -7.70
C PRO B 511 2.55 -13.97 -6.33
N GLU B 512 2.81 -13.09 -5.37
CA GLU B 512 3.19 -13.49 -4.03
C GLU B 512 2.09 -14.26 -3.26
N TYR B 513 0.84 -13.81 -3.40
CA TYR B 513 -0.27 -14.43 -2.67
C TYR B 513 -1.04 -15.51 -3.43
N TRP B 514 -1.16 -15.35 -4.74
CA TRP B 514 -1.92 -16.29 -5.56
C TRP B 514 -1.26 -17.66 -5.69
N LYS B 515 -1.35 -18.43 -4.60
CA LYS B 515 -0.77 -19.78 -4.50
C LYS B 515 -1.70 -20.63 -3.65
N ALA B 516 -1.66 -21.94 -3.84
CA ALA B 516 -2.51 -22.84 -3.09
C ALA B 516 -2.33 -22.73 -1.57
N SER B 517 -1.07 -22.63 -1.11
CA SER B 517 -0.80 -22.54 0.32
C SER B 517 -1.49 -21.36 1.01
N THR B 518 -1.74 -20.29 0.26
CA THR B 518 -2.39 -19.11 0.84
C THR B 518 -3.80 -19.47 1.29
N PHE B 519 -4.45 -20.38 0.56
CA PHE B 519 -5.81 -20.79 0.89
C PHE B 519 -5.92 -22.13 1.59
N GLY B 520 -4.85 -22.57 2.24
CA GLY B 520 -4.87 -23.84 2.95
C GLY B 520 -4.68 -25.07 2.07
N GLY B 521 -4.27 -24.88 0.83
CA GLY B 521 -4.07 -26.01 -0.04
C GLY B 521 -5.00 -26.02 -1.24
N GLU B 522 -4.96 -27.13 -1.97
CA GLU B 522 -5.76 -27.29 -3.17
C GLU B 522 -7.26 -27.19 -2.92
N VAL B 523 -7.73 -27.72 -1.78
CA VAL B 523 -9.15 -27.66 -1.47
C VAL B 523 -9.64 -26.21 -1.44
N GLY B 524 -8.95 -25.38 -0.66
CA GLY B 524 -9.32 -23.97 -0.56
C GLY B 524 -9.08 -23.20 -1.85
N PHE B 525 -8.01 -23.50 -2.56
CA PHE B 525 -7.71 -22.79 -3.80
C PHE B 525 -8.80 -23.09 -4.82
N ASN B 526 -9.25 -24.34 -4.86
CA ASN B 526 -10.30 -24.75 -5.79
C ASN B 526 -11.63 -24.09 -5.45
N LEU B 527 -11.88 -23.87 -4.17
CA LEU B 527 -13.12 -23.21 -3.75
C LEU B 527 -13.14 -21.82 -4.41
N VAL B 528 -11.98 -21.17 -4.44
CA VAL B 528 -11.88 -19.85 -5.05
C VAL B 528 -12.03 -19.92 -6.57
N LYS B 529 -11.25 -20.81 -7.20
CA LYS B 529 -11.27 -20.96 -8.65
C LYS B 529 -12.60 -21.40 -9.27
N THR B 530 -13.41 -22.10 -8.50
CA THR B 530 -14.68 -22.61 -9.01
C THR B 530 -15.92 -22.04 -8.33
N ALA B 531 -15.76 -20.94 -7.60
CA ALA B 531 -16.91 -20.35 -6.91
C ALA B 531 -17.98 -19.83 -7.87
N THR B 532 -19.24 -19.92 -7.44
CA THR B 532 -20.38 -19.42 -8.22
C THR B 532 -21.45 -18.98 -7.24
N LEU B 533 -22.35 -18.13 -7.72
CA LEU B 533 -23.45 -17.62 -6.91
C LEU B 533 -24.29 -18.82 -6.47
N LYS B 534 -24.61 -19.69 -7.42
CA LYS B 534 -25.43 -20.86 -7.14
C LYS B 534 -24.84 -21.70 -6.01
N LYS B 535 -23.55 -22.01 -6.11
CA LYS B 535 -22.90 -22.80 -5.08
C LYS B 535 -22.85 -22.06 -3.74
N LEU B 536 -22.70 -20.73 -3.79
CA LEU B 536 -22.64 -19.94 -2.56
C LEU B 536 -23.92 -20.08 -1.73
N VAL B 537 -25.05 -20.15 -2.43
CA VAL B 537 -26.35 -20.28 -1.77
C VAL B 537 -26.72 -21.72 -1.46
N CYS B 538 -26.73 -22.57 -2.48
CA CYS B 538 -27.13 -23.95 -2.33
C CYS B 538 -26.29 -24.87 -1.43
N LEU B 539 -25.01 -24.53 -1.21
CA LEU B 539 -24.20 -25.35 -0.32
C LEU B 539 -24.44 -24.91 1.11
N ASN B 540 -25.15 -23.80 1.29
CA ASN B 540 -25.44 -23.25 2.61
C ASN B 540 -26.93 -23.19 2.97
N THR B 541 -27.75 -23.89 2.21
CA THR B 541 -29.19 -23.92 2.46
C THR B 541 -29.70 -25.36 2.42
N LYS B 542 -30.88 -25.59 3.00
CA LYS B 542 -31.44 -26.93 3.03
C LYS B 542 -31.94 -27.35 1.64
N THR B 543 -32.55 -26.43 0.92
CA THR B 543 -33.04 -26.72 -0.41
C THR B 543 -32.42 -25.69 -1.36
N CYS B 544 -32.44 -25.98 -2.66
CA CYS B 544 -31.84 -25.10 -3.64
C CYS B 544 -32.91 -24.38 -4.48
N PRO B 545 -33.10 -23.08 -4.23
CA PRO B 545 -34.09 -22.28 -4.95
C PRO B 545 -33.53 -21.83 -6.29
N TYR B 546 -34.31 -21.03 -7.01
CA TYR B 546 -33.83 -20.48 -8.27
C TYR B 546 -32.87 -19.39 -7.81
N VAL B 547 -31.64 -19.40 -8.31
CA VAL B 547 -30.65 -18.40 -7.91
C VAL B 547 -29.88 -17.89 -9.11
N SER B 548 -29.86 -16.57 -9.28
CA SER B 548 -29.18 -15.97 -10.42
C SER B 548 -29.21 -14.45 -10.34
N PHE B 549 -28.45 -13.80 -11.23
CA PHE B 549 -28.40 -12.35 -11.30
C PHE B 549 -29.34 -11.85 -12.40
N HIS B 550 -30.00 -12.78 -13.08
CA HIS B 550 -30.97 -12.38 -14.11
C HIS B 550 -32.27 -13.13 -13.88
N VAL B 551 -33.38 -12.47 -14.18
CA VAL B 551 -34.68 -13.10 -14.00
C VAL B 551 -34.81 -14.34 -14.88
N PRO B 552 -35.62 -15.31 -14.46
CA PRO B 552 -35.80 -16.53 -15.26
C PRO B 552 -36.52 -16.20 -16.56
N ASP B 553 -36.76 -17.21 -17.39
CA ASP B 553 -37.44 -17.02 -18.65
C ASP B 553 -38.94 -17.35 -18.58
C1 NAG C . 12.55 -33.82 2.33
C2 NAG C . 13.47 -35.04 2.13
C3 NAG C . 13.47 -35.94 3.39
C4 NAG C . 13.75 -35.10 4.64
C5 NAG C . 12.74 -33.96 4.71
C6 NAG C . 12.94 -33.07 5.93
C7 NAG C . 13.37 -35.47 -0.24
C8 NAG C . 12.51 -36.00 -1.38
N2 NAG C . 13.01 -35.82 0.99
O3 NAG C . 14.46 -36.95 3.24
O4 NAG C . 13.71 -35.90 5.86
O5 NAG C . 12.88 -33.13 3.55
O6 NAG C . 14.26 -32.55 5.96
O7 NAG C . 14.36 -34.76 -0.49
C1 NDG C . 12.77 -36.93 5.99
C2 NDG C . 12.67 -37.36 7.45
C3 NDG C . 14.00 -37.98 7.90
C4 NDG C . 14.39 -39.14 6.97
C5 NDG C . 14.37 -38.68 5.50
C6 NDG C . 14.60 -39.81 4.50
C7 NDG C . 11.04 -35.82 8.33
C8 NDG C . 10.79 -34.37 7.96
O5 NDG C . 13.10 -38.07 5.19
O3 NDG C . 13.88 -38.45 9.23
O4 NDG C . 15.69 -39.61 7.31
O6 NDG C . 15.46 -40.81 5.02
O7 NDG C . 10.09 -36.55 8.63
N2 NDG C . 12.30 -36.25 8.30
C1 NAG D . 28.34 19.44 26.73
C2 NAG D . 29.00 19.18 28.09
C3 NAG D . 29.80 20.42 28.52
C4 NAG D . 30.80 20.81 27.43
C5 NAG D . 30.06 20.99 26.09
C6 NAG D . 31.00 21.28 24.94
C7 NAG D . 28.14 17.81 29.87
C8 NAG D . 26.99 17.48 30.81
N2 NAG D . 27.99 18.88 29.08
O3 NAG D . 30.49 20.12 29.73
O4 NAG D . 31.46 22.03 27.79
O5 NAG D . 29.33 19.79 25.76
O6 NAG D . 30.30 21.84 23.84
O7 NAG D . 29.14 17.11 29.87
C1 NAG D . 32.82 22.11 27.50
C2 NAG D . 33.29 23.56 27.63
C3 NAG D . 34.81 23.65 27.43
C4 NAG D . 35.53 22.68 28.39
C5 NAG D . 34.96 21.26 28.19
C6 NAG D . 35.57 20.23 29.12
C7 NAG D . 31.64 25.22 27.05
C8 NAG D . 31.36 26.42 26.17
N2 NAG D . 32.61 24.38 26.67
O3 NAG D . 35.22 24.98 27.66
O4 NAG D . 36.97 22.67 28.19
O5 NAG D . 33.54 21.27 28.43
O6 NAG D . 34.59 19.61 29.94
O7 NAG D . 30.97 25.03 28.07
C1 BMA D . 37.65 23.91 28.10
C2 BMA D . 37.56 24.72 29.42
C3 BMA D . 38.85 24.62 30.25
C4 BMA D . 39.48 23.25 30.04
C5 BMA D . 39.93 23.11 28.58
C6 BMA D . 40.09 21.67 28.13
O2 BMA D . 36.46 24.28 30.21
O3 BMA D . 38.56 24.82 31.62
O4 BMA D . 40.60 23.10 30.92
O5 BMA D . 39.02 23.77 27.66
O6 BMA D . 40.93 20.94 29.05
C1 BMA D . 42.29 21.03 28.73
C2 BMA D . 43.11 21.41 29.97
C3 BMA D . 44.51 20.83 29.90
C4 BMA D . 44.45 19.29 29.85
C5 BMA D . 43.28 18.80 28.99
C6 BMA D . 42.10 18.29 29.81
O2 BMA D . 42.46 20.94 31.15
O3 BMA D . 45.26 21.24 31.04
O4 BMA D . 45.67 18.79 29.33
O5 BMA D . 42.80 19.85 28.11
O6 BMA D . 42.42 18.17 31.19
C1 NAG E . -2.94 -4.34 14.89
C2 NAG E . -4.14 -3.60 15.51
C3 NAG E . -4.04 -3.49 17.04
C4 NAG E . -3.85 -4.90 17.63
C5 NAG E . -2.58 -5.47 17.00
C6 NAG E . -2.29 -6.86 17.53
C7 NAG E . -5.23 -2.02 14.05
C8 NAG E . -5.30 -0.61 13.48
N2 NAG E . -4.26 -2.27 14.92
O3 NAG E . -5.22 -2.90 17.56
O4 NAG E . -3.69 -4.92 19.06
O5 NAG E . -2.74 -5.59 15.56
O6 NAG E . -3.44 -7.68 17.43
O7 NAG E . -6.06 -2.85 13.70
C1 NDG E . -4.64 -4.40 19.95
C2 NDG E . -4.19 -4.59 21.42
C3 NDG E . -4.66 -5.94 21.99
C4 NDG E . -6.18 -5.92 21.90
C5 NDG E . -6.50 -5.99 20.39
C6 NDG E . -7.99 -6.03 20.17
C7 NDG E . -1.93 -5.48 21.34
C8 NDG E . -0.44 -5.21 21.47
O5 NDG E . -6.00 -4.81 19.71
O3 NDG E . -4.24 -6.07 23.35
O4 NDG E . -6.81 -7.02 22.62
O6 NDG E . -8.56 -4.76 20.47
O7 NDG E . -2.33 -6.61 21.06
N2 NDG E . -2.74 -4.45 21.55
C1 BMA E . -6.55 -7.18 24.00
C2 BMA E . -6.86 -5.93 24.85
C3 BMA E . -8.13 -6.04 25.68
C4 BMA E . -9.06 -7.07 25.08
C5 BMA E . -8.39 -8.42 25.17
C6 BMA E . -9.21 -9.51 24.48
O2 BMA E . -6.96 -4.78 24.03
O3 BMA E . -8.79 -4.78 25.74
O4 BMA E . -10.28 -7.08 25.81
O5 BMA E . -7.05 -8.42 24.56
O6 BMA E . -9.87 -10.34 25.47
C1 MAN E . -11.04 -9.78 26.02
C2 MAN E . -11.92 -10.88 26.64
C3 MAN E . -13.15 -11.16 25.76
C4 MAN E . -14.00 -9.90 25.58
C5 MAN E . -13.13 -8.65 25.48
C6 MAN E . -13.05 -7.88 26.80
O2 MAN E . -12.33 -10.50 27.94
O3 MAN E . -13.94 -12.18 26.37
O4 MAN E . -14.79 -10.03 24.40
O5 MAN E . -11.78 -9.00 25.08
O6 MAN E . -13.89 -6.70 26.77
C1 MAN E . -15.23 -6.95 26.47
C2 MAN E . -16.06 -5.69 26.66
C3 MAN E . -17.46 -5.88 26.06
C4 MAN E . -17.87 -7.36 26.10
C5 MAN E . -17.24 -8.07 27.30
C6 MAN E . -17.64 -9.53 27.39
O2 MAN E . -15.42 -4.59 26.02
O3 MAN E . -17.47 -5.42 24.72
O4 MAN E . -19.29 -7.45 26.18
O5 MAN E . -15.79 -8.04 27.23
O6 MAN E . -17.93 -9.90 28.73
C1 NAG F . -3.40 26.61 -24.39
C2 NAG F . -3.73 27.25 -25.75
C3 NAG F . -4.14 28.72 -25.58
C4 NAG F . -5.27 28.82 -24.56
C5 NAG F . -4.77 28.21 -23.24
C6 NAG F . -5.78 28.30 -22.11
C7 NAG F . -2.49 26.13 -27.48
C8 NAG F . -1.25 26.06 -28.34
N2 NAG F . -2.58 27.15 -26.63
O3 NAG F . -4.56 29.23 -26.83
O4 NAG F . -5.74 30.17 -24.37
O5 NAG F . -4.46 26.82 -23.44
O6 NAG F . -7.11 28.19 -22.60
O7 NAG F . -3.38 25.27 -27.58
C1 NDG F . -4.82 31.22 -24.31
C2 NDG F . -5.49 32.47 -23.70
C3 NDG F . -6.47 33.12 -24.68
C4 NDG F . -5.82 33.34 -26.05
C5 NDG F . -5.24 32.03 -26.55
C6 NDG F . -4.56 32.13 -27.91
C7 NDG F . -5.55 32.08 -21.32
C8 NDG F . -6.31 31.54 -20.12
O5 NDG F . -4.28 31.54 -25.60
O3 NDG F . -6.91 34.37 -24.16
O4 NDG F . -6.78 33.83 -26.97
O6 NDG F . -4.33 33.48 -28.26
O7 NDG F . -4.39 32.46 -21.19
N2 NDG F . -6.19 32.11 -22.49
C1 NAG G . -42.15 -7.76 8.54
C2 NAG G . -43.49 -7.04 8.77
C3 NAG G . -44.63 -8.03 9.05
C4 NAG G . -44.64 -9.14 8.00
C5 NAG G . -43.27 -9.79 7.89
C6 NAG G . -43.22 -10.86 6.82
C7 NAG G . -43.70 -4.87 9.83
C8 NAG G . -43.56 -4.04 11.08
N2 NAG G . -43.35 -6.15 9.91
O3 NAG G . -45.86 -7.35 9.02
O4 NAG G . -45.63 -10.12 8.36
O5 NAG G . -42.28 -8.79 7.55
O6 NAG G . -42.40 -11.95 7.22
O7 NAG G . -44.11 -4.35 8.78
C1 NAG G . -46.47 -10.58 7.36
C2 NAG G . -47.29 -11.75 7.89
C3 NAG G . -48.38 -12.18 6.90
C4 NAG G . -49.22 -10.96 6.50
C5 NAG G . -48.28 -9.89 5.94
C6 NAG G . -49.00 -8.63 5.50
C7 NAG G . -46.11 -13.21 9.41
C8 NAG G . -45.39 -14.54 9.62
N2 NAG G . -46.40 -12.88 8.16
O3 NAG G . -49.20 -13.16 7.54
O4 NAG G . -50.24 -11.28 5.51
O5 NAG G . -47.33 -9.50 6.97
O6 NAG G . -49.45 -7.87 6.62
O7 NAG G . -46.38 -12.50 10.38
C1 BMA G . -50.87 -12.54 5.52
C2 BMA G . -51.79 -12.72 6.75
C3 BMA G . -53.27 -12.51 6.39
C4 BMA G . -53.38 -11.46 5.30
C5 BMA G . -52.76 -12.01 4.02
C6 BMA G . -52.36 -10.92 3.03
O2 BMA G . -51.43 -11.81 7.77
O3 BMA G . -53.98 -12.10 7.54
O4 BMA G . -54.75 -11.16 5.08
O5 BMA G . -51.57 -12.82 4.29
O6 BMA G . -53.54 -10.18 2.63
C1 BMA G . -54.25 -10.82 1.60
C2 BMA G . -55.75 -10.77 1.90
C3 BMA G . -56.55 -10.57 0.60
C4 BMA G . -56.15 -9.24 -0.04
C5 BMA G . -54.62 -9.07 -0.08
C6 BMA G . -54.10 -7.95 0.82
O2 BMA G . -56.05 -9.72 2.80
O3 BMA G . -57.94 -10.57 0.90
O4 BMA G . -56.67 -9.18 -1.37
O5 BMA G . -53.94 -10.30 0.30
O6 BMA G . -55.14 -7.39 1.60
C1 NAG H . -6.02 12.08 8.11
C2 NAG H . -5.67 12.01 9.60
C3 NAG H . -6.76 12.67 10.47
C4 NAG H . -7.00 14.11 9.97
C5 NAG H . -7.37 14.03 8.49
C6 NAG H . -7.62 15.41 7.90
C7 NAG H . -4.27 10.18 10.30
C8 NAG H . -4.13 8.75 10.81
N2 NAG H . -5.48 10.63 10.01
O3 NAG H . -6.32 12.69 11.82
O4 NAG H . -8.06 14.78 10.68
O5 NAG H . -6.28 13.44 7.73
O6 NAG H . -6.50 16.25 8.09
O7 NAG H . -3.26 10.88 10.17
C1 NDG H . -7.96 15.01 12.06
C2 NDG H . -9.14 15.86 12.59
C3 NDG H . -8.90 17.35 12.39
C4 NDG H . -7.62 17.69 13.14
C5 NDG H . -6.48 16.96 12.42
C6 NDG H . -5.15 17.23 13.09
C7 NDG H . -10.71 15.84 10.73
C8 NDG H . -11.91 15.19 10.10
O5 NDG H . -6.68 15.53 12.48
O3 NDG H . -9.99 18.10 12.92
O4 NDG H . -7.37 19.12 13.14
O6 NDG H . -5.11 16.64 14.39
O7 NDG H . -10.08 16.69 10.12
N2 NDG H . -10.40 15.45 11.97
C1 BMA H . -7.92 19.90 14.19
C2 BMA H . -8.02 19.10 15.50
C3 BMA H . -8.62 19.98 16.60
C4 BMA H . -7.75 21.22 16.76
C5 BMA H . -7.70 21.97 15.44
C6 BMA H . -6.85 23.24 15.48
O2 BMA H . -6.73 18.66 15.89
O3 BMA H . -8.68 19.25 17.82
O4 BMA H . -8.29 22.06 17.78
O5 BMA H . -7.17 21.11 14.41
O6 BMA H . -5.63 23.01 16.21
C1 BMA H . -4.61 23.87 15.79
C2 BMA H . -4.76 25.26 16.46
C3 BMA H . -3.44 26.03 16.43
C4 BMA H . -2.31 25.25 17.14
C5 BMA H . -2.57 23.74 17.16
C6 BMA H . -3.32 23.27 18.38
O2 BMA H . -5.21 25.12 17.80
O3 BMA H . -3.60 27.29 17.07
O4 BMA H . -1.07 25.51 16.48
O5 BMA H . -3.29 23.32 15.98
O6 BMA H . -2.41 23.13 19.49
C1 BMA H . -2.31 24.27 20.30
C2 BMA H . -3.55 24.42 21.19
C3 BMA H . -3.61 23.33 22.26
C4 BMA H . -2.39 22.41 22.17
C5 BMA H . -1.10 23.22 22.15
C6 BMA H . 0.13 22.37 21.88
O2 BMA H . -4.74 24.37 20.40
O3 BMA H . -4.80 22.57 22.11
O4 BMA H . -2.39 21.51 23.27
O5 BMA H . -1.13 24.25 21.11
O6 BMA H . 0.06 21.13 22.56
C1 BOG I . 23.35 -10.31 -7.13
O1 BOG I . 23.74 -9.01 -7.48
C2 BOG I . 24.44 -11.04 -6.24
O2 BOG I . 25.71 -11.10 -6.91
C3 BOG I . 23.93 -12.48 -5.90
O3 BOG I . 24.91 -13.14 -5.11
C4 BOG I . 22.54 -12.36 -5.14
O4 BOG I . 22.02 -13.66 -4.81
C5 BOG I . 21.55 -11.64 -5.99
O5 BOG I . 22.04 -10.27 -6.40
C6 BOG I . 20.17 -11.48 -5.26
O6 BOG I . 20.21 -10.55 -4.15
C1' BOG I . 23.36 -8.56 -8.79
C2' BOG I . 23.88 -7.15 -8.99
C3' BOG I . 25.19 -7.16 -9.45
C4' BOG I . 25.27 -7.14 -10.98
C5' BOG I . 26.47 -6.31 -11.46
C6' BOG I . 27.65 -7.19 -11.85
C7' BOG I . 28.70 -6.43 -12.27
C8' BOG I . 29.87 -7.32 -12.66
C1 BOG J . 7.19 -30.02 -19.25
O1 BOG J . 8.43 -29.77 -19.87
C2 BOG J . 6.03 -30.21 -20.32
O2 BOG J . 5.92 -29.06 -21.18
C3 BOG J . 4.69 -30.47 -19.59
O3 BOG J . 3.64 -30.65 -20.56
C4 BOG J . 4.84 -31.76 -18.67
O4 BOG J . 3.61 -32.05 -17.97
C5 BOG J . 5.94 -31.55 -17.67
O5 BOG J . 7.27 -31.23 -18.36
C6 BOG J . 6.15 -32.82 -16.74
O6 BOG J . 6.13 -34.09 -17.43
C1' BOG J . 9.28 -28.74 -19.31
C2' BOG J . 10.54 -28.65 -20.17
C3' BOG J . 11.49 -29.59 -19.84
C4' BOG J . 12.86 -29.17 -20.33
C5' BOG J . 13.57 -30.29 -21.09
C6' BOG J . 15.09 -30.28 -20.87
C7' BOG J . 15.68 -31.30 -21.56
C8' BOG J . 17.18 -31.27 -21.33
C1 BOG K . 18.83 -32.15 -7.90
O1 BOG K . 19.54 -32.20 -9.11
C2 BOG K . 18.19 -33.56 -7.55
O2 BOG K . 17.32 -34.01 -8.60
C3 BOG K . 17.42 -33.45 -6.20
O3 BOG K . 16.84 -34.72 -5.90
C4 BOG K . 18.42 -32.96 -5.08
O4 BOG K . 17.72 -32.85 -3.81
C5 BOG K . 19.00 -31.63 -5.44
O5 BOG K . 19.73 -31.69 -6.78
C6 BOG K . 20.02 -31.11 -4.36
O6 BOG K . 21.21 -31.91 -4.24
C1' BOG K . 19.84 -30.97 -9.79
C2' BOG K . 20.58 -31.31 -11.07
C3' BOG K . 19.70 -31.52 -12.10
C4' BOG K . 20.42 -31.90 -13.39
C5' BOG K . 19.90 -31.09 -14.57
C6' BOG K . 20.66 -31.38 -15.86
C7' BOG K . 20.16 -30.64 -16.89
C8' BOG K . 20.92 -30.93 -18.17
C1 BOG L . 39.75 -6.60 -13.41
O1 BOG L . 38.38 -6.88 -13.50
C2 BOG L . 40.54 -7.72 -12.62
O2 BOG L . 40.00 -7.89 -11.30
C3 BOG L . 42.06 -7.35 -12.56
O3 BOG L . 42.76 -8.36 -11.84
C4 BOG L . 42.60 -7.19 -14.03
O4 BOG L . 44.00 -6.85 -14.03
C5 BOG L . 41.84 -6.13 -14.76
O5 BOG L . 40.35 -6.44 -14.78
C6 BOG L . 42.34 -5.95 -16.24
O6 BOG L . 43.40 -5.00 -16.40
C1' BOG L . 37.45 -5.79 -13.71
C2' BOG L . 36.05 -6.39 -13.77
C3' BOG L . 35.17 -5.59 -14.44
C4' BOG L . 34.35 -6.38 -15.44
C5' BOG L . 32.87 -5.96 -15.42
C6' BOG L . 32.32 -5.75 -16.83
C7' BOG L . 31.00 -5.37 -16.78
C8' BOG L . 30.48 -5.16 -18.20
C1 BFL M . 24.95 -2.75 0.26
C2 BFL M . 22.50 -1.94 4.85
C3 BFL M . 22.24 -0.86 3.97
C4 BFL M . 22.63 -0.95 2.59
C5 BFL M . 24.93 -2.71 -3.56
C6 BFL M . 24.44 -4.08 -3.98
C7 BFL M . 24.50 -1.56 -4.48
C8 BFL M . 25.35 -2.89 -1.07
C9 BFL M . 24.45 -2.52 -2.09
C10 BFL M . 23.15 -2.01 -1.75
C11 BFL M . 22.75 -1.86 -0.39
C12 BFL M . 23.67 -2.25 0.67
C13 BFL M . 23.27 -2.13 2.12
C14 BFL M . 23.54 -3.23 3.03
C15 BFL M . 23.14 -3.10 4.39
O1 BFL M . 23.27 -4.34 -4.21
O2 BFL M . 25.38 -4.96 -4.06
CHA HEM N . 18.49 1.16 19.06
CHA HEM N . 18.64 1.08 19.01
CHB HEM N . 21.45 3.49 21.43
CHB HEM N . 21.40 3.43 21.48
CHC HEM N . 24.02 4.19 17.77
CHC HEM N . 23.96 4.21 17.81
CHD HEM N . 20.95 1.87 15.37
CHD HEM N . 20.94 1.90 15.35
C1A HEM N . 18.90 1.61 20.29
C1A HEM N . 18.94 1.55 20.28
C2A HEM N . 18.43 1.65 21.68
C2A HEM N . 18.41 1.50 21.63
C3A HEM N . 19.26 2.43 22.39
C3A HEM N . 19.24 2.24 22.39
C4A HEM N . 20.29 2.78 21.41
C4A HEM N . 20.25 2.71 21.45
CMA HEM N . 19.36 2.89 23.85
CMA HEM N . 19.26 2.53 23.88
CAA HEM N . 17.11 0.99 22.06
CAA HEM N . 17.08 0.83 21.98
CBA HEM N . 17.30 -0.32 22.81
CBA HEM N . 15.76 1.57 21.74
CGA HEM N . 16.11 -0.96 23.54
CGA HEM N . 14.42 0.83 21.89
O1A HEM N . 14.88 -0.73 23.43
O1A HEM N . 14.23 -0.21 22.55
O2A HEM N . 16.46 -1.93 24.26
O2A HEM N . 13.37 1.42 21.52
C1B HEM N . 22.57 4.08 20.88
C1B HEM N . 22.52 4.05 20.94
C2B HEM N . 23.62 4.91 21.42
C2B HEM N . 23.56 4.89 21.46
C3B HEM N . 24.33 5.12 20.25
C3B HEM N . 24.27 5.15 20.30
C4B HEM N . 23.80 4.38 19.11
C4B HEM N . 23.75 4.40 19.16
CMB HEM N . 23.54 5.40 22.88
CMB HEM N . 23.45 5.34 22.93
CAB HEM N . 25.68 5.84 20.25
CAB HEM N . 25.62 5.89 20.24
CBB HEM N . 26.34 7.17 20.62
CBB HEM N . 26.33 7.15 20.73
C1C HEM N . 23.59 3.71 16.55
C1C HEM N . 23.55 3.75 16.58
C2C HEM N . 24.09 3.67 15.19
C2C HEM N . 24.04 3.74 15.21
C3C HEM N . 23.18 3.00 14.48
C3C HEM N . 23.15 3.07 14.49
C4C HEM N . 22.12 2.60 15.38
C4C HEM N . 22.09 2.65 15.38
CMC HEM N . 25.40 4.31 14.72
CMC HEM N . 25.34 4.42 14.77
CAC HEM N . 23.31 2.55 13.05
CAC HEM N . 23.31 2.63 13.04
CBC HEM N . 22.49 3.03 11.87
CBC HEM N . 22.45 3.01 11.86
C1D HEM N . 19.87 1.27 15.96
C1D HEM N . 19.86 1.27 15.95
C2D HEM N . 18.67 0.63 15.43
C2D HEM N . 18.66 0.65 15.42
C3D HEM N . 17.95 0.49 16.57
C3D HEM N . 17.93 0.47 16.55
C4D HEM N . 18.64 1.08 17.69
C4D HEM N . 18.67 1.06 17.63
CMD HEM N . 18.37 0.22 13.99
CMD HEM N . 18.34 0.25 13.97
CAD HEM N . 16.57 -0.14 16.67
CAD HEM N . 16.55 -0.16 16.68
CBD HEM N . 15.43 0.87 16.68
CBD HEM N . 15.44 0.89 16.71
CGD HEM N . 14.06 0.31 16.97
CGD HEM N . 14.06 0.34 17.01
O1D HEM N . 13.73 -0.87 16.76
O1D HEM N . 13.30 1.21 17.49
O2D HEM N . 13.28 1.19 17.42
O2D HEM N . 13.71 -0.84 16.74
NA HEM N . 20.11 2.25 20.15
NA HEM N . 20.13 2.23 20.17
NB HEM N . 22.65 3.71 19.53
NB HEM N . 22.61 3.72 19.58
NC HEM N . 22.41 3.03 16.66
NC HEM N . 22.36 3.05 16.66
ND HEM N . 19.85 1.57 17.31
ND HEM N . 19.89 1.58 17.30
FE HEM N . 21.40 2.49 18.45
FE HEM N . 21.40 2.49 18.45
C1 GOL O . 13.13 30.70 7.40
O1 GOL O . 13.16 29.83 6.05
C2 GOL O . 14.24 31.03 8.15
O2 GOL O . 14.39 32.37 8.22
C3 GOL O . 14.78 30.02 8.54
O3 GOL O . 15.04 28.50 8.75
C1 GOL P . 18.53 5.87 19.52
O1 GOL P . 19.48 4.86 18.70
C2 GOL P . 17.62 5.50 20.52
O2 GOL P . 18.01 5.95 21.73
C3 GOL P . 16.70 4.87 20.04
O3 GOL P . 15.80 4.15 18.97
C1 BOG Q . -11.27 -0.14 -23.98
O1 BOG Q . -11.61 -1.48 -23.73
C2 BOG Q . -12.51 0.70 -24.47
O2 BOG Q . -13.09 0.13 -25.64
C3 BOG Q . -12.05 2.16 -24.72
O3 BOG Q . -13.18 2.93 -25.18
C4 BOG Q . -11.43 2.75 -23.40
O4 BOG Q . -10.99 4.12 -23.59
C5 BOG Q . -10.29 1.93 -22.95
O5 BOG Q . -10.68 0.49 -22.73
C6 BOG Q . -9.67 2.47 -21.61
O6 BOG Q . -10.54 2.34 -20.47
C1' BOG Q . -10.72 -2.46 -24.30
C2' BOG Q . -11.26 -3.84 -23.95
C3' BOG Q . -12.01 -4.37 -24.97
C4' BOG Q . -11.17 -5.19 -25.94
C5' BOG Q . -12.02 -6.26 -26.64
C6' BOG Q . -12.51 -5.79 -28.00
C7' BOG Q . -13.26 -6.78 -28.60
C8' BOG Q . -13.75 -6.30 -29.95
C1 BOG R . -22.58 0.24 -34.90
O1 BOG R . -22.28 -0.08 -36.23
C2 BOG R . -22.04 1.68 -34.50
O2 BOG R . -20.62 1.77 -34.71
C3 BOG R . -22.41 1.97 -33.02
O3 BOG R . -21.93 3.27 -32.66
C4 BOG R . -23.99 1.87 -32.86
O4 BOG R . -24.36 2.14 -31.48
C5 BOG R . -24.45 0.51 -33.23
O5 BOG R . -24.06 0.17 -34.66
C6 BOG R . -26.02 0.37 -33.10
O6 BOG R . -26.54 -0.92 -33.48
C1' BOG R . -22.09 -1.47 -36.58
C2' BOG R . -21.80 -1.54 -38.08
C3' BOG R . -20.97 -2.59 -38.39
C4' BOG R . -19.95 -2.19 -39.46
C5' BOG R . -19.20 -3.41 -40.00
C6' BOG R . -17.69 -3.16 -40.05
C7' BOG R . -17.02 -4.27 -40.53
C8' BOG R . -15.53 -4.01 -40.56
C1 BOG S . -6.15 -2.22 -29.03
O1 BOG S . -4.95 -2.95 -29.00
C2 BOG S . -7.43 -3.16 -29.13
O2 BOG S . -7.36 -3.99 -30.30
C3 BOG S . -8.72 -2.27 -29.15
O3 BOG S . -9.87 -3.12 -29.25
C4 BOG S . -8.74 -1.38 -27.84
O4 BOG S . -9.92 -0.55 -27.81
C5 BOG S . -7.53 -0.51 -27.78
O5 BOG S . -6.25 -1.34 -27.81
C6 BOG S . -7.49 0.36 -26.48
O6 BOG S . -6.54 1.44 -26.52
C1' BOG S . -3.74 -2.30 -29.46
C2' BOG S . -2.60 -3.31 -29.32
C3' BOG S . -1.42 -2.67 -28.99
C4' BOG S . -0.69 -3.38 -27.84
C5' BOG S . -0.80 -2.58 -26.54
C6' BOG S . -0.96 -3.49 -25.32
C7' BOG S . -1.06 -2.76 -24.17
C8' BOG S . -1.23 -3.70 -22.98
C1 BOG T . -20.80 -9.93 -35.85
O1 BOG T . -19.63 -9.46 -35.22
C2 BOG T . -21.84 -8.75 -36.12
O2 BOG T . -22.19 -8.10 -34.89
C3 BOG T . -23.11 -9.35 -36.82
O3 BOG T . -24.05 -8.30 -37.05
C4 BOG T . -22.66 -10.05 -38.16
O4 BOG T . -23.81 -10.62 -38.84
C5 BOG T . -21.68 -11.14 -37.88
O5 BOG T . -20.45 -10.61 -37.14
C6 BOG T . -21.18 -11.85 -39.19
O6 BOG T . -21.93 -13.02 -39.56
C1' BOG T . -19.09 -10.22 -34.13
C2' BOG T . -17.84 -9.51 -33.65
C3' BOG T . -16.97 -10.37 -33.04
C4' BOG T . -15.51 -10.06 -33.43
C5' BOG T . -14.55 -10.35 -32.26
C6' BOG T . -13.20 -10.88 -32.75
C7' BOG T . -12.36 -11.12 -31.68
C8' BOG T . -11.03 -11.63 -32.20
C1 BFL U . -18.45 -2.69 -16.56
C2 BFL U . -19.53 -0.55 -11.88
C3 BFL U . -19.09 -1.89 -11.71
C4 BFL U . -18.53 -2.60 -12.83
C5 BFL U . -16.14 -4.70 -18.85
C6 BFL U . -15.19 -3.70 -19.48
C7 BFL U . -15.53 -6.08 -18.57
C8 BFL U . -17.91 -3.33 -17.68
C9 BFL U . -16.69 -4.02 -17.56
C10 BFL U . -16.01 -4.06 -16.30
C11 BFL U . -16.56 -3.40 -15.15
C12 BFL U . -17.81 -2.68 -15.27
C13 BFL U . -18.42 -1.96 -14.09
C14 BFL U . -18.87 -0.57 -14.25
C15 BFL U . -19.42 0.10 -13.12
O1 BFL U . -14.08 -3.47 -19.08
O2 BFL U . -15.68 -3.10 -20.52
CHA HEM V . -26.05 5.40 0.30
CHA HEM V . -26.06 5.40 0.31
CHB HEM V . -30.19 3.93 1.23
CHB HEM V . -30.21 3.97 1.30
CHC HEM V . -30.03 0.95 -2.18
CHC HEM V . -30.07 1.00 -2.13
CHD HEM V . -25.78 2.27 -3.05
CHD HEM V . -25.80 2.26 -3.00
C1A HEM V . -27.23 5.48 1.02
C1A HEM V . -27.23 5.49 1.04
C2A HEM V . -27.68 6.25 2.16
C2A HEM V . -27.65 6.26 2.19
C3A HEM V . -28.95 5.86 2.44
C3A HEM V . -28.93 5.94 2.44
C4A HEM V . -29.16 4.80 1.46
C4A HEM V . -29.16 4.84 1.52
CMA HEM V . -29.95 6.25 3.52
CMA HEM V . -29.89 6.40 3.55
CAA HEM V . -26.85 7.37 2.77
CAA HEM V . -26.79 7.37 2.80
CBA HEM V . -27.21 8.76 2.25
CBA HEM V . -25.99 6.98 4.04
CGA HEM V . -26.57 10.00 2.88
CGA HEM V . -25.07 7.91 4.85
O1A HEM V . -25.58 10.00 3.66
O1A HEM V . -24.98 9.15 4.63
O2A HEM V . -27.10 11.05 2.43
O2A HEM V . -24.35 7.43 5.76
C1B HEM V . -30.82 2.94 0.51
C1B HEM V . -30.83 3.00 0.56
C2B HEM V . -32.10 2.28 0.66
C2B HEM V . -32.11 2.34 0.68
C3B HEM V . -32.00 1.42 -0.41
C3B HEM V . -32.05 1.46 -0.38
C4B HEM V . -30.75 1.53 -1.15
C4B HEM V . -30.78 1.58 -1.09
CMB HEM V . -33.04 2.59 1.84
CMB HEM V . -33.12 2.61 1.82
CAB HEM V . -33.07 0.38 -0.73
CAB HEM V . -33.14 0.44 -0.73
CBB HEM V . -34.52 0.64 -1.15
CBB HEM V . -34.44 0.96 -1.31
C1C HEM V . -28.85 0.77 -2.87
C1C HEM V . -28.89 0.80 -2.82
C2C HEM V . -28.45 0.03 -4.05
C2C HEM V . -28.50 0.06 -3.99
C3C HEM V . -27.19 0.41 -4.28
C3C HEM V . -27.23 0.43 -4.24
C4C HEM V . -26.83 1.41 -3.30
C4C HEM V . -26.87 1.42 -3.26
CMC HEM V . -29.30 -1.07 -4.67
CMC HEM V . -29.36 -1.04 -4.62
CAC HEM V . -26.32 -0.03 -5.45
CAC HEM V . -26.38 -0.02 -5.41
CBC HEM V . -24.99 -0.78 -5.41
CBC HEM V . -25.07 -0.79 -5.39
C1D HEM V . -25.16 3.21 -2.27
C1D HEM V . -25.19 3.21 -2.23
C2D HEM V . -23.84 3.81 -2.21
C2D HEM V . -23.86 3.80 -2.17
C3D HEM V . -23.99 4.70 -1.20
C3D HEM V . -23.99 4.70 -1.16
C4D HEM V . -25.32 4.71 -0.65
C4D HEM V . -25.32 4.70 -0.63
CMD HEM V . -22.64 3.51 -3.12
CMD HEM V . -22.65 3.49 -3.07
CAD HEM V . -22.92 5.57 -0.54
CAD HEM V . -22.91 5.56 -0.51
CBD HEM V . -22.19 4.93 0.62
CBD HEM V . -22.21 4.92 0.68
CGD HEM V . -21.25 5.90 1.32
CGD HEM V . -21.24 5.86 1.34
O1D HEM V . -20.70 6.90 0.85
O1D HEM V . -20.61 6.80 0.83
O2D HEM V . -21.16 5.61 2.55
O2D HEM V . -21.15 5.65 2.58
NA HEM V . -28.18 4.61 0.51
NA HEM V . -28.19 4.63 0.57
NB HEM V . -30.02 2.56 -0.58
NB HEM V . -30.05 2.61 -0.53
NC HEM V . -27.90 1.68 -2.47
NC HEM V . -27.93 1.70 -2.43
ND HEM V . -26.02 3.77 -1.34
ND HEM V . -26.04 3.76 -1.30
FE HEM V . -28.10 3.29 -1.01
FE HEM V . -28.10 3.29 -1.01
C1 GOL W . -10.87 -5.91 10.62
O1 GOL W . -11.71 -7.20 10.21
C2 GOL W . -9.76 -5.38 9.94
O2 GOL W . -9.60 -5.93 8.73
C3 GOL W . -9.22 -4.55 10.63
O3 GOL W . -8.92 -3.65 11.85
C1 GOL X . -22.56 -23.25 12.11
O1 GOL X . -22.64 -22.04 11.06
C2 GOL X . -21.49 -24.13 12.28
O2 GOL X . -20.43 -23.76 11.56
C3 GOL X . -21.80 -25.00 13.04
O3 GOL X . -22.65 -25.86 14.02
C1 GOL Y . -27.21 1.71 3.36
O1 GOL Y . -27.40 1.79 1.76
C2 GOL Y . -27.09 2.79 4.24
O2 GOL Y . -28.26 3.02 4.89
C3 GOL Y . -25.98 3.24 4.20
O3 GOL Y . -24.48 3.45 3.81
#